data_6HYC
#
_entry.id   6HYC
#
_cell.length_a   101.940
_cell.length_b   101.368
_cell.length_c   203.543
_cell.angle_alpha   90.00
_cell.angle_beta   90.00
_cell.angle_gamma   90.00
#
_symmetry.space_group_name_H-M   'C 1 2 1'
#
loop_
_entity.id
_entity.type
_entity.pdbx_description
1 polymer Phenylalanine-4-hydroxylase
2 non-polymer 5,6,7,8-TETRAHYDROBIOPTERIN
3 water water
#
_entity_poly.entity_id   1
_entity_poly.type   'polypeptide(L)'
_entity_poly.pdbx_seq_one_letter_code
;MSTAVLENPGLGRKLSDFGQETSYIEDNCNQNGAISLIFSLKEEVGALAKVLRLFEENDVNLTHIESRPSRLKKDEYEFF
THLDKRSLPALTNIIKILRHDIGATVHELSRDKKKDTVPWFPRTIQELDRFANQILSYGAELDADHPGFKDPVYRARRKQ
FADIAYNYRHGQPIPRVEYMEEEKKTWGTVFKTLKSLYKTHACYEYNHIFPLLEKYCGFHEDNIPQLEDVSQFLQTCTGF
RLRPVAGLLSSRDFLGGLAFRVFHCTQYIRHGSKPMYTPEPDICHELLGHVPLFSDRSFAQFSQEIGLASLGAPDEYIEK
LATIYWFTVEFGLCKQGDSIKAYGAGLLSSFGELQYCLSEKPKLLPLELEKTAIQNYTVTEFQPLYYVAESFNDAKEKVR
NFAATIPRPFSVRYDPYTQRIEVLDNTQQLKILADSINSEIGILCSALQKIK
;
_entity_poly.pdbx_strand_id   D,A,C,B
#
# COMPACT_ATOMS: atom_id res chain seq x y z
N THR A 22 20.07 17.21 58.10
CA THR A 22 20.64 16.43 57.01
C THR A 22 19.77 16.58 55.76
N SER A 23 20.21 15.97 54.67
CA SER A 23 19.48 16.00 53.40
C SER A 23 18.69 14.74 53.17
N TYR A 24 18.66 13.84 54.15
CA TYR A 24 17.85 12.65 54.07
C TYR A 24 16.38 12.99 54.25
N ILE A 25 15.54 12.50 53.33
CA ILE A 25 14.10 12.69 53.39
C ILE A 25 13.51 11.29 53.47
N GLU A 26 12.74 11.03 54.52
CA GLU A 26 12.17 9.71 54.69
C GLU A 26 11.16 9.44 53.58
N ASP A 27 11.05 8.16 53.19
CA ASP A 27 10.31 7.79 51.99
C ASP A 27 8.89 7.40 52.31
N ASN A 28 8.03 7.52 51.30
CA ASN A 28 6.60 7.35 51.46
C ASN A 28 6.11 6.19 50.59
N CYS A 29 4.78 6.05 50.52
CA CYS A 29 4.15 4.99 49.76
C CYS A 29 2.82 5.48 49.21
N ASN A 30 2.28 4.73 48.26
CA ASN A 30 0.91 4.96 47.81
C ASN A 30 0.02 3.88 48.40
N GLN A 31 -1.28 4.15 48.46
CA GLN A 31 -2.19 3.20 49.09
C GLN A 31 -2.24 1.87 48.35
N ASN A 32 -2.26 1.90 47.01
CA ASN A 32 -2.16 0.63 46.29
C ASN A 32 -0.84 -0.05 46.60
N GLY A 33 0.26 0.67 46.48
CA GLY A 33 1.55 0.11 46.82
C GLY A 33 2.25 -0.54 45.65
N ALA A 34 3.18 -1.42 46.02
CA ALA A 34 3.96 -2.16 45.02
C ALA A 34 4.50 -3.41 45.71
N ILE A 35 3.96 -4.56 45.34
CA ILE A 35 4.44 -5.84 45.84
C ILE A 35 5.01 -6.54 44.61
N SER A 36 6.33 -6.55 44.49
CA SER A 36 6.97 -7.29 43.43
C SER A 36 7.60 -8.56 44.01
N LEU A 37 7.77 -9.55 43.14
CA LEU A 37 8.34 -10.85 43.52
C LEU A 37 9.54 -11.16 42.64
N ILE A 38 10.73 -11.06 43.22
CA ILE A 38 11.94 -11.44 42.51
C ILE A 38 12.09 -12.95 42.59
N PHE A 39 12.05 -13.62 41.44
CA PHE A 39 12.36 -15.03 41.38
C PHE A 39 12.67 -15.44 39.95
N SER A 40 13.58 -16.38 39.84
CA SER A 40 13.89 -17.11 38.61
C SER A 40 13.38 -18.53 38.75
N LEU A 41 13.20 -19.20 37.62
CA LEU A 41 12.60 -20.53 37.60
C LEU A 41 13.22 -21.38 36.52
N LYS A 42 13.52 -22.62 36.88
CA LYS A 42 14.16 -23.58 35.98
C LYS A 42 13.08 -24.33 35.22
N GLU A 43 13.34 -24.61 33.95
CA GLU A 43 12.30 -25.23 33.14
C GLU A 43 12.07 -26.63 33.66
N GLU A 44 11.21 -26.72 34.65
CA GLU A 44 10.83 -27.97 35.28
C GLU A 44 9.47 -28.41 34.77
N VAL A 45 9.11 -29.65 35.10
CA VAL A 45 7.89 -30.24 34.58
C VAL A 45 6.69 -29.43 35.08
N GLY A 46 5.96 -28.82 34.12
CA GLY A 46 4.80 -28.02 34.45
C GLY A 46 5.06 -26.53 34.58
N ALA A 47 6.31 -26.12 34.76
CA ALA A 47 6.69 -24.81 35.28
C ALA A 47 6.03 -23.58 34.66
N LEU A 48 6.32 -23.27 33.40
CA LEU A 48 5.86 -21.99 32.86
C LEU A 48 4.34 -21.94 32.74
N ALA A 49 3.70 -23.07 32.43
CA ALA A 49 2.25 -23.16 32.55
C ALA A 49 1.82 -22.99 34.02
N LYS A 50 2.52 -23.67 34.92
CA LYS A 50 2.18 -23.66 36.35
C LYS A 50 2.02 -22.25 36.88
N VAL A 51 3.03 -21.40 36.64
CA VAL A 51 3.07 -20.08 37.27
C VAL A 51 1.94 -19.20 36.74
N LEU A 52 1.88 -19.05 35.43
CA LEU A 52 0.92 -18.11 34.83
C LEU A 52 -0.52 -18.54 35.07
N ARG A 53 -0.80 -19.85 35.04
CA ARG A 53 -2.15 -20.29 35.43
C ARG A 53 -2.41 -20.03 36.90
N LEU A 54 -1.41 -20.26 37.76
CA LEU A 54 -1.56 -20.01 39.19
C LEU A 54 -1.98 -18.57 39.42
N PHE A 55 -1.41 -17.64 38.64
CA PHE A 55 -1.74 -16.23 38.79
C PHE A 55 -3.12 -15.90 38.24
N GLU A 56 -3.45 -16.37 37.03
CA GLU A 56 -4.74 -15.98 36.47
C GLU A 56 -5.91 -16.64 37.18
N GLU A 57 -5.67 -17.72 37.93
CA GLU A 57 -6.73 -18.24 38.81
C GLU A 57 -7.05 -17.27 39.94
N ASN A 58 -6.07 -16.50 40.38
CA ASN A 58 -6.20 -15.59 41.51
C ASN A 58 -6.52 -14.15 41.10
N ASP A 59 -7.00 -13.96 39.87
CA ASP A 59 -7.50 -12.70 39.31
C ASP A 59 -6.34 -11.80 38.89
N VAL A 60 -5.09 -12.23 39.11
CA VAL A 60 -3.94 -11.40 38.75
C VAL A 60 -3.89 -11.24 37.24
N ASN A 61 -3.79 -9.99 36.79
CA ASN A 61 -3.72 -9.74 35.36
C ASN A 61 -2.40 -10.27 34.81
N LEU A 62 -2.43 -10.85 33.62
CA LEU A 62 -1.23 -11.45 33.04
C LEU A 62 -0.52 -10.51 32.08
N THR A 63 -0.99 -9.26 31.96
CA THR A 63 -0.18 -8.15 31.48
C THR A 63 0.80 -7.68 32.54
N HIS A 64 0.59 -8.12 33.77
CA HIS A 64 1.38 -7.70 34.92
C HIS A 64 2.30 -8.80 35.40
N ILE A 65 2.12 -10.02 34.91
CA ILE A 65 3.04 -11.12 35.17
C ILE A 65 3.86 -11.25 33.90
N GLU A 66 5.01 -10.59 33.86
CA GLU A 66 5.90 -10.66 32.72
C GLU A 66 6.99 -11.66 33.05
N SER A 67 7.28 -12.54 32.10
CA SER A 67 8.38 -13.47 32.25
C SER A 67 9.29 -13.31 31.05
N ARG A 68 10.58 -13.30 31.29
CA ARG A 68 11.60 -13.29 30.26
C ARG A 68 12.61 -14.35 30.63
N PRO A 69 13.53 -14.69 29.73
CA PRO A 69 14.49 -15.75 30.08
C PRO A 69 15.54 -15.25 31.06
N SER A 70 16.06 -16.19 31.86
CA SER A 70 17.22 -15.93 32.69
C SER A 70 18.47 -15.87 31.82
N ARG A 71 19.11 -14.70 31.78
CA ARG A 71 20.27 -14.47 30.93
C ARG A 71 21.46 -15.35 31.28
N LEU A 72 21.32 -16.19 32.30
CA LEU A 72 22.46 -17.03 32.76
C LEU A 72 22.20 -18.52 32.51
N LYS A 73 21.29 -19.12 33.28
CA LYS A 73 21.04 -20.55 33.15
C LYS A 73 20.05 -20.75 32.01
N LYS A 74 20.53 -21.34 30.91
CA LYS A 74 19.74 -21.44 29.68
C LYS A 74 18.35 -21.98 29.95
N ASP A 75 18.22 -22.83 30.97
CA ASP A 75 16.97 -23.51 31.27
C ASP A 75 16.11 -22.75 32.26
N GLU A 76 16.46 -21.52 32.60
CA GLU A 76 15.66 -20.74 33.53
C GLU A 76 15.14 -19.46 32.89
N TYR A 77 14.06 -18.97 33.48
CA TYR A 77 13.43 -17.69 33.23
C TYR A 77 13.51 -16.83 34.48
N GLU A 78 13.33 -15.52 34.30
CA GLU A 78 13.09 -14.58 35.38
C GLU A 78 11.67 -14.04 35.27
N PHE A 79 11.06 -13.77 36.43
CA PHE A 79 9.66 -13.36 36.51
C PHE A 79 9.53 -12.02 37.22
N PHE A 80 8.85 -11.08 36.56
CA PHE A 80 8.49 -9.78 37.08
C PHE A 80 6.99 -9.74 37.34
N THR A 81 6.58 -9.42 38.56
CA THR A 81 5.17 -9.35 38.93
C THR A 81 4.80 -7.88 39.10
N HIS A 82 3.95 -7.37 38.20
CA HIS A 82 3.60 -5.95 38.21
C HIS A 82 2.33 -5.81 39.04
N LEU A 83 2.51 -5.69 40.36
CA LEU A 83 1.36 -5.76 41.25
C LEU A 83 1.26 -4.57 42.20
N ASP A 84 0.35 -4.69 43.16
CA ASP A 84 0.14 -3.73 44.23
C ASP A 84 -0.53 -4.49 45.37
N LYS A 85 -0.90 -3.79 46.43
CA LYS A 85 -1.53 -4.46 47.56
C LYS A 85 -2.98 -4.84 47.31
N ARG A 86 -3.56 -4.42 46.18
CA ARG A 86 -4.91 -4.87 45.86
C ARG A 86 -4.98 -6.37 45.61
N SER A 87 -3.86 -7.00 45.30
CA SER A 87 -3.78 -8.46 45.15
C SER A 87 -3.60 -9.17 46.49
N LEU A 88 -3.52 -8.43 47.60
CA LEU A 88 -3.35 -9.05 48.91
C LEU A 88 -4.34 -10.15 49.27
N PRO A 89 -5.67 -10.06 48.97
CA PRO A 89 -6.57 -11.15 49.37
C PRO A 89 -6.15 -12.53 48.89
N ALA A 90 -5.18 -12.59 47.98
CA ALA A 90 -4.61 -13.86 47.56
C ALA A 90 -3.09 -13.82 47.45
N LEU A 91 -2.45 -12.67 47.70
CA LEU A 91 -1.01 -12.60 47.53
C LEU A 91 -0.29 -13.45 48.56
N THR A 92 -0.87 -13.60 49.75
CA THR A 92 -0.34 -14.58 50.68
C THR A 92 -0.23 -15.94 50.01
N ASN A 93 -1.38 -16.45 49.53
CA ASN A 93 -1.46 -17.81 49.03
C ASN A 93 -0.43 -18.07 47.93
N ILE A 94 -0.35 -17.16 46.95
CA ILE A 94 0.61 -17.36 45.86
C ILE A 94 2.01 -17.54 46.43
N ILE A 95 2.46 -16.60 47.26
CA ILE A 95 3.77 -16.74 47.92
C ILE A 95 3.84 -18.08 48.62
N LYS A 96 2.76 -18.44 49.33
CA LYS A 96 2.71 -19.73 50.01
C LYS A 96 3.12 -20.85 49.07
N ILE A 97 2.45 -20.95 47.92
CA ILE A 97 2.76 -22.01 46.98
C ILE A 97 4.14 -21.83 46.37
N LEU A 98 4.60 -20.59 46.23
CA LEU A 98 5.82 -20.35 45.45
C LEU A 98 7.08 -20.77 46.19
N ARG A 99 7.20 -20.39 47.45
CA ARG A 99 8.46 -20.64 48.16
C ARG A 99 8.55 -22.05 48.69
N HIS A 100 7.40 -22.66 49.02
CA HIS A 100 7.40 -23.86 49.83
C HIS A 100 6.74 -25.05 49.15
N ASP A 101 5.78 -24.82 48.27
CA ASP A 101 5.15 -25.91 47.53
C ASP A 101 5.87 -26.21 46.23
N ILE A 102 6.52 -25.21 45.63
CA ILE A 102 7.29 -25.39 44.41
C ILE A 102 8.79 -25.39 44.69
N GLY A 103 9.26 -24.48 45.54
CA GLY A 103 10.67 -24.36 45.84
C GLY A 103 11.40 -23.31 45.03
N ALA A 104 10.76 -22.16 44.81
CA ALA A 104 11.35 -21.04 44.09
C ALA A 104 11.73 -19.96 45.10
N THR A 105 12.96 -19.46 45.00
CA THR A 105 13.44 -18.40 45.90
C THR A 105 12.79 -17.07 45.52
N VAL A 106 11.85 -16.61 46.34
CA VAL A 106 11.13 -15.36 46.10
C VAL A 106 11.60 -14.32 47.10
N HIS A 107 11.93 -13.13 46.61
CA HIS A 107 12.15 -11.97 47.46
C HIS A 107 11.07 -10.94 47.17
N GLU A 108 10.32 -10.56 48.19
CA GLU A 108 9.24 -9.61 48.00
C GLU A 108 9.74 -8.18 48.20
N LEU A 109 9.46 -7.33 47.23
CA LEU A 109 9.70 -5.90 47.34
C LEU A 109 8.41 -5.23 47.77
N SER A 110 8.49 -4.50 48.88
CA SER A 110 7.38 -3.76 49.49
C SER A 110 7.85 -2.34 49.77
N ARG A 111 7.00 -1.37 49.42
CA ARG A 111 7.28 0.03 49.67
C ARG A 111 6.82 0.51 51.04
N ASP A 112 5.85 -0.20 51.64
CA ASP A 112 5.43 0.09 53.00
C ASP A 112 6.45 -0.34 54.04
N LYS A 113 7.45 -1.13 53.64
CA LYS A 113 8.48 -1.64 54.56
C LYS A 113 7.82 -2.30 55.76
N LYS A 114 7.06 -3.36 55.46
CA LYS A 114 6.31 -4.12 56.42
C LYS A 114 7.16 -5.29 56.90
N LYS A 115 6.55 -6.37 57.36
CA LYS A 115 7.25 -7.35 58.19
C LYS A 115 8.47 -7.92 57.49
N ASP A 116 9.62 -7.29 57.74
CA ASP A 116 10.92 -7.79 57.31
C ASP A 116 10.96 -7.96 55.80
N THR A 117 10.30 -7.03 55.10
CA THR A 117 10.14 -7.08 53.66
C THR A 117 11.13 -6.11 53.05
N VAL A 118 11.93 -6.60 52.09
CA VAL A 118 12.93 -5.79 51.40
C VAL A 118 12.26 -4.53 50.87
N PRO A 119 12.88 -3.36 51.00
CA PRO A 119 12.21 -2.13 50.60
C PRO A 119 12.08 -2.05 49.10
N TRP A 120 10.91 -1.60 48.64
CA TRP A 120 10.60 -1.64 47.23
C TRP A 120 11.50 -0.68 46.46
N PHE A 121 11.71 -1.01 45.19
CA PHE A 121 12.43 -0.14 44.26
C PHE A 121 11.97 -0.49 42.85
N PRO A 122 12.12 0.43 41.90
CA PRO A 122 11.77 0.12 40.52
C PRO A 122 12.78 -0.86 39.95
N ARG A 123 12.30 -1.76 39.10
CA ARG A 123 13.16 -2.81 38.59
C ARG A 123 13.62 -2.58 37.16
N THR A 124 12.85 -1.87 36.36
CA THR A 124 13.23 -1.48 35.02
C THR A 124 13.27 0.04 34.95
N ILE A 125 13.99 0.54 33.95
CA ILE A 125 14.06 1.97 33.72
C ILE A 125 12.68 2.54 33.38
N GLN A 126 11.70 1.68 33.05
CA GLN A 126 10.35 2.14 32.79
C GLN A 126 9.48 2.20 34.04
N GLU A 127 9.83 1.46 35.10
CA GLU A 127 9.09 1.47 36.36
C GLU A 127 9.29 2.73 37.18
N LEU A 128 10.09 3.69 36.70
CA LEU A 128 10.32 4.92 37.45
C LEU A 128 9.11 5.84 37.51
N ASP A 129 8.12 5.63 36.65
CA ASP A 129 6.96 6.52 36.60
C ASP A 129 5.99 6.31 37.75
N ARG A 130 6.08 5.19 38.48
CA ARG A 130 5.13 4.94 39.56
C ARG A 130 5.28 5.94 40.70
N PHE A 131 6.51 6.26 41.09
CA PHE A 131 6.78 7.10 42.24
C PHE A 131 7.78 8.18 41.90
N ALA A 132 7.54 8.91 40.81
CA ALA A 132 8.42 10.02 40.44
C ALA A 132 7.88 11.39 40.83
N ASN A 133 6.59 11.48 41.15
CA ASN A 133 5.96 12.74 41.51
C ASN A 133 5.77 12.91 43.01
N GLN A 134 6.52 12.18 43.82
CA GLN A 134 6.27 12.11 45.27
C GLN A 134 7.21 13.04 46.03
N ILE A 135 7.17 14.33 45.66
CA ILE A 135 8.15 15.29 46.22
C ILE A 135 7.48 16.32 47.14
N LEU A 136 8.29 17.32 47.54
CA LEU A 136 7.92 18.41 48.43
C LEU A 136 6.89 18.09 49.52
N ASP A 143 6.81 25.24 53.06
CA ASP A 143 7.04 26.41 53.91
C ASP A 143 6.84 27.72 53.15
N ALA A 144 6.32 28.71 53.87
CA ALA A 144 5.98 30.00 53.25
C ALA A 144 7.23 30.80 52.87
N ASP A 145 8.34 30.66 53.59
CA ASP A 145 9.48 31.55 53.41
C ASP A 145 10.17 31.43 52.05
N HIS A 146 9.63 30.59 51.16
CA HIS A 146 10.21 30.43 49.83
C HIS A 146 10.30 31.79 49.13
N PRO A 147 11.45 32.10 48.48
CA PRO A 147 11.67 33.45 47.91
C PRO A 147 10.74 33.78 46.77
N GLY A 148 9.77 34.64 47.04
CA GLY A 148 8.79 35.05 46.07
C GLY A 148 7.46 34.47 46.43
N PHE A 149 7.28 34.12 47.69
CA PHE A 149 6.10 33.38 48.13
C PHE A 149 4.82 34.17 47.93
N LYS A 150 4.76 35.39 48.44
CA LYS A 150 3.53 36.16 48.28
C LYS A 150 3.37 36.71 46.88
N ASP A 151 4.28 36.37 45.97
CA ASP A 151 4.09 36.65 44.57
C ASP A 151 3.23 35.55 43.95
N PRO A 152 1.97 35.84 43.61
CA PRO A 152 1.13 34.81 42.99
C PRO A 152 1.69 34.37 41.65
N VAL A 153 2.51 35.20 41.01
CA VAL A 153 3.05 34.89 39.71
C VAL A 153 4.05 33.74 39.81
N TYR A 154 4.96 33.79 40.79
CA TYR A 154 5.95 32.73 40.93
C TYR A 154 5.28 31.41 41.32
N ARG A 155 4.24 31.45 42.16
CA ARG A 155 3.56 30.21 42.52
C ARG A 155 2.74 29.67 41.34
N ALA A 156 2.03 30.56 40.64
CA ALA A 156 1.30 30.14 39.45
C ALA A 156 2.24 29.49 38.44
N ARG A 157 3.49 29.95 38.40
CA ARG A 157 4.49 29.32 37.55
C ARG A 157 5.00 28.00 38.14
N ARG A 158 5.08 27.92 39.47
CA ARG A 158 5.65 26.75 40.12
C ARG A 158 4.72 25.54 40.06
N LYS A 159 3.41 25.75 40.17
CA LYS A 159 2.50 24.62 39.98
C LYS A 159 2.46 24.18 38.53
N GLN A 160 2.63 25.11 37.60
CA GLN A 160 2.72 24.76 36.18
C GLN A 160 3.94 23.88 35.90
N PHE A 161 5.10 24.23 36.46
CA PHE A 161 6.28 23.41 36.24
C PHE A 161 6.17 22.05 36.94
N ALA A 162 5.55 22.03 38.11
CA ALA A 162 5.28 20.76 38.77
C ALA A 162 4.35 19.92 37.92
N ASP A 163 3.35 20.55 37.29
CA ASP A 163 2.45 19.87 36.36
C ASP A 163 3.23 19.18 35.26
N ILE A 164 4.17 19.90 34.66
CA ILE A 164 4.97 19.31 33.59
C ILE A 164 5.63 18.03 34.09
N ALA A 165 6.18 18.06 35.30
CA ALA A 165 6.73 16.82 35.82
C ALA A 165 5.64 15.79 36.13
N TYR A 166 4.43 16.24 36.44
CA TYR A 166 3.34 15.34 36.78
C TYR A 166 2.88 14.51 35.59
N ASN A 167 2.96 15.08 34.39
CA ASN A 167 2.41 14.43 33.21
C ASN A 167 3.43 13.71 32.34
N TYR A 168 4.71 13.72 32.71
CA TYR A 168 5.72 13.07 31.88
C TYR A 168 5.76 11.57 32.15
N ARG A 169 5.81 10.79 31.08
CA ARG A 169 6.00 9.35 31.14
C ARG A 169 7.24 8.96 30.33
N HIS A 170 7.94 7.95 30.84
CA HIS A 170 9.20 7.49 30.27
C HIS A 170 9.08 7.30 28.76
N GLY A 171 10.19 7.55 28.07
CA GLY A 171 10.25 7.42 26.62
C GLY A 171 9.97 8.71 25.89
N GLN A 172 9.04 9.52 26.41
CA GLN A 172 8.70 10.78 25.79
C GLN A 172 9.87 11.73 25.76
N PRO A 173 9.87 12.66 24.81
CA PRO A 173 10.73 13.84 24.91
C PRO A 173 10.16 14.80 25.96
N ILE A 174 11.06 15.49 26.65
CA ILE A 174 10.67 16.46 27.67
C ILE A 174 9.94 17.64 27.03
N PRO A 175 8.66 17.86 27.35
CA PRO A 175 7.94 19.01 26.77
C PRO A 175 8.63 20.33 27.11
N ARG A 176 8.82 21.15 26.09
CA ARG A 176 9.60 22.38 26.19
C ARG A 176 8.73 23.61 26.43
N VAL A 177 9.24 24.50 27.28
CA VAL A 177 8.51 25.67 27.74
C VAL A 177 9.29 26.93 27.35
N GLU A 178 8.56 27.95 26.93
CA GLU A 178 9.15 29.25 26.70
C GLU A 178 9.27 29.92 28.07
N TYR A 179 10.50 30.20 28.49
CA TYR A 179 10.72 30.77 29.82
C TYR A 179 10.50 32.28 29.79
N MET A 180 9.95 32.81 30.87
CA MET A 180 9.78 34.24 30.95
C MET A 180 11.14 34.93 31.03
N GLU A 181 11.13 36.26 30.93
CA GLU A 181 12.38 37.00 30.79
C GLU A 181 12.99 37.42 32.12
N GLU A 182 12.18 37.80 33.11
CA GLU A 182 12.71 38.09 34.43
C GLU A 182 13.53 36.90 34.95
N GLU A 183 12.99 35.70 34.74
CA GLU A 183 13.73 34.48 35.06
C GLU A 183 15.00 34.38 34.20
N LYS A 184 14.91 34.83 32.95
CA LYS A 184 16.07 34.80 32.07
C LYS A 184 17.21 35.63 32.63
N LYS A 185 16.91 36.80 33.18
CA LYS A 185 18.01 37.59 33.73
C LYS A 185 18.38 37.17 35.15
N THR A 186 17.52 36.45 35.88
CA THR A 186 18.00 35.78 37.08
C THR A 186 19.13 34.81 36.73
N TRP A 187 18.87 33.96 35.73
CA TRP A 187 19.93 33.09 35.21
C TRP A 187 21.10 33.91 34.68
N GLY A 188 20.82 34.98 33.96
CA GLY A 188 21.87 35.85 33.47
C GLY A 188 22.84 36.28 34.56
N THR A 189 22.31 36.84 35.66
CA THR A 189 23.15 37.29 36.77
C THR A 189 23.94 36.13 37.39
N VAL A 190 23.23 35.05 37.76
CA VAL A 190 23.93 33.92 38.39
C VAL A 190 25.05 33.44 37.48
N PHE A 191 24.79 33.37 36.17
CA PHE A 191 25.78 32.92 35.21
C PHE A 191 26.92 33.91 35.09
N LYS A 192 26.62 35.21 35.02
CA LYS A 192 27.64 36.24 34.99
C LYS A 192 28.66 36.01 36.09
N THR A 193 28.18 35.77 37.31
CA THR A 193 29.08 35.54 38.43
C THR A 193 29.84 34.22 38.25
N LEU A 194 29.08 33.13 38.12
CA LEU A 194 29.67 31.80 38.22
C LEU A 194 30.59 31.48 37.05
N LYS A 195 30.25 31.90 35.84
CA LYS A 195 31.12 31.64 34.68
C LYS A 195 32.48 32.28 34.88
N SER A 196 32.49 33.60 35.12
CA SER A 196 33.74 34.31 35.35
C SER A 196 34.54 33.64 36.44
N LEU A 197 33.85 32.98 37.38
CA LEU A 197 34.54 32.39 38.56
C LEU A 197 34.85 30.90 38.41
N TYR A 198 34.32 30.22 37.39
CA TYR A 198 34.57 28.78 37.22
C TYR A 198 35.98 28.46 36.75
N LYS A 199 36.53 29.29 35.85
CA LYS A 199 37.79 28.93 35.20
C LYS A 199 38.91 28.62 36.18
N THR A 200 38.78 29.07 37.43
CA THR A 200 39.81 28.86 38.45
C THR A 200 39.31 28.09 39.66
N HIS A 201 38.03 27.77 39.71
CA HIS A 201 37.34 27.09 40.81
C HIS A 201 36.84 25.70 40.46
N ALA A 202 36.35 25.51 39.24
CA ALA A 202 35.78 24.23 38.85
C ALA A 202 36.86 23.21 38.51
N CYS A 203 36.50 21.94 38.70
CA CYS A 203 37.38 20.84 38.32
C CYS A 203 37.61 20.85 36.81
N TYR A 204 38.73 20.25 36.40
CA TYR A 204 39.09 20.17 34.99
C TYR A 204 37.92 19.69 34.12
N GLU A 205 37.35 18.55 34.49
CA GLU A 205 36.27 17.91 33.73
C GLU A 205 35.07 18.81 33.54
N TYR A 206 35.02 19.93 34.26
CA TYR A 206 33.96 20.92 34.09
C TYR A 206 34.33 21.94 33.02
N ASN A 207 35.55 22.48 33.09
CA ASN A 207 36.03 23.42 32.07
C ASN A 207 36.19 22.73 30.73
N HIS A 208 36.26 21.40 30.74
CA HIS A 208 36.31 20.60 29.53
C HIS A 208 34.95 20.51 28.86
N ILE A 209 33.92 20.15 29.64
CA ILE A 209 32.59 19.95 29.08
C ILE A 209 31.92 21.28 28.76
N PHE A 210 32.12 22.29 29.61
CA PHE A 210 31.27 23.48 29.54
C PHE A 210 31.34 24.23 28.22
N PRO A 211 32.52 24.55 27.65
CA PRO A 211 32.54 25.13 26.29
C PRO A 211 31.71 24.34 25.28
N LEU A 212 31.69 23.01 25.40
CA LEU A 212 30.89 22.21 24.48
C LEU A 212 29.41 22.47 24.71
N LEU A 213 28.96 22.42 25.96
CA LEU A 213 27.56 22.73 26.26
C LEU A 213 27.19 24.12 25.73
N GLU A 214 28.08 25.10 25.93
CA GLU A 214 27.87 26.44 25.39
C GLU A 214 27.58 26.39 23.90
N LYS A 215 28.50 25.81 23.14
CA LYS A 215 28.38 25.86 21.69
C LYS A 215 27.29 24.94 21.15
N TYR A 216 26.88 23.91 21.91
CA TYR A 216 25.98 22.89 21.41
C TYR A 216 24.54 23.00 21.93
N CYS A 217 24.34 23.09 23.24
CA CYS A 217 23.00 22.99 23.81
C CYS A 217 22.30 24.32 23.97
N GLY A 218 23.03 25.42 24.07
CA GLY A 218 22.40 26.70 24.28
C GLY A 218 22.67 27.21 25.68
N PHE A 219 23.87 26.92 26.16
CA PHE A 219 24.31 27.25 27.52
C PHE A 219 24.91 28.65 27.56
N HIS A 220 24.20 29.61 27.00
CA HIS A 220 24.69 30.97 27.06
C HIS A 220 24.28 31.58 28.38
N GLU A 221 24.92 32.70 28.72
CA GLU A 221 24.44 33.44 29.89
C GLU A 221 23.16 34.18 29.55
N ASP A 222 22.84 34.28 28.26
CA ASP A 222 21.69 34.99 27.72
C ASP A 222 20.60 34.05 27.21
N ASN A 223 20.57 32.80 27.66
CA ASN A 223 19.61 31.85 27.09
C ASN A 223 19.39 30.72 28.07
N ILE A 224 18.16 30.23 28.11
CA ILE A 224 17.77 29.13 29.00
C ILE A 224 17.66 27.86 28.16
N PRO A 225 18.40 26.81 28.48
CA PRO A 225 18.26 25.53 27.76
C PRO A 225 17.00 24.78 28.18
N GLN A 226 16.46 24.03 27.22
CA GLN A 226 15.35 23.14 27.48
C GLN A 226 15.86 21.77 27.93
N LEU A 227 15.19 21.22 28.95
CA LEU A 227 15.63 19.98 29.59
C LEU A 227 15.96 18.89 28.58
N GLU A 228 15.14 18.77 27.53
CA GLU A 228 15.27 17.66 26.58
C GLU A 228 16.62 17.66 25.89
N ASP A 229 17.02 18.81 25.35
CA ASP A 229 18.28 18.89 24.63
C ASP A 229 19.45 18.48 25.51
N VAL A 230 19.46 18.96 26.76
CA VAL A 230 20.51 18.57 27.70
C VAL A 230 20.47 17.07 27.95
N SER A 231 19.28 16.52 28.19
CA SER A 231 19.13 15.07 28.32
C SER A 231 19.81 14.35 27.17
N GLN A 232 19.45 14.71 25.94
CA GLN A 232 19.99 14.06 24.76
C GLN A 232 21.51 14.24 24.65
N PHE A 233 22.03 15.43 24.94
CA PHE A 233 23.48 15.63 24.97
C PHE A 233 24.13 14.68 25.98
N LEU A 234 23.55 14.57 27.17
CA LEU A 234 24.16 13.72 28.19
C LEU A 234 24.11 12.26 27.77
N GLN A 235 23.08 11.89 27.01
CA GLN A 235 23.05 10.57 26.39
C GLN A 235 24.07 10.48 25.25
N THR A 236 24.39 11.60 24.59
CA THR A 236 25.40 11.59 23.55
C THR A 236 26.79 11.42 24.13
N CYS A 237 26.98 11.77 25.40
CA CYS A 237 28.26 11.57 26.07
C CYS A 237 28.34 10.27 26.88
N THR A 238 27.31 9.96 27.68
CA THR A 238 27.42 8.88 28.65
C THR A 238 26.15 8.06 28.80
N GLY A 239 25.14 8.27 27.97
CA GLY A 239 23.89 7.60 28.24
C GLY A 239 23.17 8.11 29.47
N PHE A 240 23.52 9.30 29.96
CA PHE A 240 22.84 9.87 31.11
C PHE A 240 21.64 10.69 30.66
N ARG A 241 20.55 10.60 31.42
CA ARG A 241 19.26 11.15 30.99
C ARG A 241 18.71 12.08 32.04
N LEU A 242 17.98 13.09 31.57
CA LEU A 242 17.33 14.07 32.44
C LEU A 242 15.84 13.77 32.50
N ARG A 243 15.33 13.57 33.72
CA ARG A 243 13.92 13.26 33.87
C ARG A 243 13.25 14.38 34.66
N PRO A 244 12.23 15.04 34.11
CA PRO A 244 11.57 16.14 34.81
C PRO A 244 10.87 15.68 36.08
N VAL A 245 11.31 16.22 37.21
CA VAL A 245 10.74 15.89 38.50
C VAL A 245 10.22 17.19 39.13
N ALA A 246 9.05 17.12 39.76
CA ALA A 246 8.43 18.33 40.29
C ALA A 246 9.29 18.94 41.37
N GLY A 247 9.89 18.13 42.25
N GLY A 247 9.95 18.10 42.12
CA GLY A 247 10.64 18.64 43.39
CA GLY A 247 10.91 18.56 43.06
C GLY A 247 11.73 17.69 43.88
C GLY A 247 11.70 17.39 43.53
N LEU A 248 11.95 17.66 45.19
N LEU A 248 12.48 17.71 44.50
CA LEU A 248 12.98 16.76 45.79
CA LEU A 248 13.27 16.77 45.26
C LEU A 248 12.32 15.45 46.20
C LEU A 248 12.47 15.67 45.96
N LEU A 249 12.79 14.33 45.64
N LEU A 249 12.83 14.39 45.64
CA LEU A 249 12.24 13.02 45.95
CA LEU A 249 12.18 13.14 46.05
C LEU A 249 12.94 12.45 47.18
C LEU A 249 12.95 12.45 47.18
N SER A 250 12.33 11.41 47.74
CA SER A 250 12.92 10.67 48.84
C SER A 250 14.24 10.07 48.36
N SER A 251 15.17 9.93 49.31
CA SER A 251 16.52 9.50 48.98
C SER A 251 16.53 8.21 48.17
N ARG A 252 15.77 7.20 48.60
CA ARG A 252 15.75 5.95 47.85
C ARG A 252 15.40 6.17 46.38
N ASP A 253 14.38 6.99 46.10
CA ASP A 253 13.97 7.15 44.71
C ASP A 253 14.99 7.96 43.92
N PHE A 254 15.57 8.98 44.57
N PHE A 254 15.53 9.02 44.53
CA PHE A 254 16.58 9.87 43.93
CA PHE A 254 16.56 9.82 43.90
C PHE A 254 17.81 9.04 43.55
C PHE A 254 17.77 8.98 43.53
N LEU A 255 18.39 8.34 44.52
CA LEU A 255 19.57 7.53 44.27
C LEU A 255 19.27 6.31 43.42
N GLY A 256 18.06 5.77 43.48
CA GLY A 256 17.70 4.66 42.62
C GLY A 256 17.61 5.08 41.17
N GLY A 257 16.95 6.21 40.91
CA GLY A 257 16.94 6.74 39.56
C GLY A 257 18.34 7.03 39.05
N LEU A 258 19.22 7.53 39.93
CA LEU A 258 20.61 7.72 39.51
C LEU A 258 21.29 6.41 39.16
N ALA A 259 20.83 5.29 39.70
CA ALA A 259 21.35 4.00 39.27
C ALA A 259 21.17 3.78 37.77
N PHE A 260 20.02 4.15 37.24
CA PHE A 260 19.68 3.95 35.83
C PHE A 260 20.37 4.93 34.90
N ARG A 261 21.36 5.67 35.38
CA ARG A 261 21.93 6.80 34.65
C ARG A 261 20.84 7.80 34.31
N VAL A 262 19.90 7.99 35.23
CA VAL A 262 18.83 8.96 35.09
C VAL A 262 18.90 9.92 36.26
N PHE A 263 19.12 11.20 35.95
CA PHE A 263 19.16 12.25 36.95
C PHE A 263 17.83 12.98 36.87
N HIS A 264 17.11 13.00 37.98
CA HIS A 264 15.88 13.78 38.09
C HIS A 264 16.25 15.24 38.30
N CYS A 265 15.63 16.13 37.54
CA CYS A 265 16.02 17.54 37.59
C CYS A 265 14.78 18.41 37.58
N THR A 266 14.97 19.64 38.06
CA THR A 266 13.90 20.60 38.23
C THR A 266 13.87 21.56 37.04
N GLN A 267 12.69 22.10 36.78
CA GLN A 267 12.47 23.02 35.68
C GLN A 267 12.28 24.45 36.12
N TYR A 268 12.20 24.73 37.41
CA TYR A 268 11.91 26.06 37.90
C TYR A 268 13.16 26.86 38.24
N ILE A 269 12.97 28.17 38.28
CA ILE A 269 14.00 29.16 38.59
C ILE A 269 13.74 29.77 39.96
N ARG A 270 14.74 30.49 40.46
CA ARG A 270 14.62 31.27 41.67
C ARG A 270 13.84 32.55 41.38
N HIS A 271 13.50 33.28 42.43
CA HIS A 271 12.79 34.54 42.25
C HIS A 271 13.75 35.65 41.84
N GLY A 272 13.20 36.62 41.09
CA GLY A 272 14.02 37.72 40.64
C GLY A 272 14.50 38.61 41.76
N SER A 273 13.88 38.52 42.94
CA SER A 273 14.30 39.34 44.06
C SER A 273 15.66 38.89 44.59
N LYS A 274 15.81 37.59 44.82
CA LYS A 274 17.02 37.01 45.41
C LYS A 274 17.53 35.88 44.53
N PRO A 275 18.34 36.19 43.51
CA PRO A 275 18.78 35.17 42.55
C PRO A 275 19.84 34.19 43.03
N MET A 276 20.40 34.36 44.23
CA MET A 276 21.50 33.48 44.67
C MET A 276 21.17 32.67 45.92
N TYR A 277 19.90 32.50 46.26
CA TYR A 277 19.54 31.59 47.33
C TYR A 277 18.28 30.84 46.96
N THR A 278 18.32 29.50 47.06
CA THR A 278 17.12 28.71 46.94
C THR A 278 17.18 27.63 48.00
N PRO A 279 16.11 27.47 48.79
CA PRO A 279 16.11 26.36 49.76
C PRO A 279 15.98 25.02 49.08
N GLU A 280 15.31 24.98 47.94
CA GLU A 280 15.11 23.77 47.18
C GLU A 280 15.67 23.94 45.76
N PRO A 281 16.42 22.96 45.26
CA PRO A 281 17.17 23.13 44.00
C PRO A 281 16.29 23.51 42.82
N ASP A 282 16.84 24.34 41.95
CA ASP A 282 16.19 24.92 40.78
C ASP A 282 16.98 24.57 39.53
N ILE A 283 16.49 25.05 38.38
CA ILE A 283 17.09 24.78 37.07
C ILE A 283 18.61 24.99 37.10
N CYS A 284 19.05 26.13 37.65
CA CYS A 284 20.47 26.48 37.60
C CYS A 284 21.33 25.51 38.40
N HIS A 285 20.83 25.01 39.53
CA HIS A 285 21.63 24.09 40.31
C HIS A 285 22.03 22.87 39.49
N GLU A 286 21.09 22.33 38.70
CA GLU A 286 21.43 21.17 37.86
C GLU A 286 22.31 21.58 36.68
N LEU A 287 21.94 22.65 35.97
CA LEU A 287 22.71 22.98 34.77
C LEU A 287 24.12 23.46 35.07
N LEU A 288 24.37 23.99 36.26
CA LEU A 288 25.69 24.46 36.61
C LEU A 288 26.36 23.65 37.72
N GLY A 289 25.61 22.90 38.51
CA GLY A 289 26.22 22.04 39.49
C GLY A 289 26.42 20.62 39.00
N HIS A 290 25.34 19.98 38.54
CA HIS A 290 25.37 18.55 38.23
C HIS A 290 25.80 18.25 36.79
N VAL A 291 25.01 18.72 35.82
CA VAL A 291 24.99 18.22 34.44
C VAL A 291 26.39 18.12 33.81
N PRO A 292 27.19 19.19 33.75
CA PRO A 292 28.44 19.12 32.97
C PRO A 292 29.33 17.99 33.43
N LEU A 293 29.29 17.65 34.71
CA LEU A 293 30.02 16.49 35.19
C LEU A 293 29.32 15.19 34.83
N PHE A 294 27.98 15.19 34.78
CA PHE A 294 27.27 14.05 34.24
C PHE A 294 27.63 13.77 32.80
N SER A 295 28.33 14.68 32.13
CA SER A 295 28.80 14.40 30.78
C SER A 295 30.14 13.66 30.76
N ASP A 296 30.74 13.40 31.92
CA ASP A 296 31.95 12.61 32.01
C ASP A 296 31.62 11.19 32.44
N ARG A 297 32.14 10.21 31.69
CA ARG A 297 31.87 8.81 31.99
C ARG A 297 32.40 8.41 33.35
N SER A 298 33.63 8.82 33.68
CA SER A 298 34.21 8.47 34.97
C SER A 298 33.31 8.93 36.12
N PHE A 299 32.91 10.20 36.08
CA PHE A 299 31.99 10.71 37.11
C PHE A 299 30.62 10.06 37.01
N ALA A 300 30.15 9.81 35.79
CA ALA A 300 28.83 9.21 35.63
C ALA A 300 28.77 7.86 36.32
N GLN A 301 29.68 6.95 35.95
CA GLN A 301 29.77 5.64 36.59
C GLN A 301 29.95 5.77 38.09
N PHE A 302 30.75 6.74 38.52
CA PHE A 302 30.90 7.02 39.95
C PHE A 302 29.54 7.17 40.61
N SER A 303 28.76 8.16 40.15
CA SER A 303 27.43 8.40 40.70
C SER A 303 26.52 7.18 40.56
N GLN A 304 26.61 6.52 39.40
CA GLN A 304 25.73 5.40 39.07
C GLN A 304 25.90 4.24 40.03
N GLU A 305 27.14 3.87 40.35
CA GLU A 305 27.36 2.77 41.28
C GLU A 305 26.69 3.02 42.62
N ILE A 306 26.78 4.25 43.14
CA ILE A 306 26.02 4.60 44.34
C ILE A 306 24.54 4.35 44.11
N GLY A 307 24.02 4.88 42.99
CA GLY A 307 22.65 4.62 42.62
C GLY A 307 22.27 3.15 42.73
N LEU A 308 23.03 2.32 42.03
CA LEU A 308 22.80 0.87 42.03
C LEU A 308 22.78 0.32 43.45
N ALA A 309 23.72 0.77 44.27
CA ALA A 309 23.81 0.31 45.66
C ALA A 309 22.62 0.76 46.50
N SER A 310 21.97 1.87 46.15
CA SER A 310 20.90 2.40 47.00
C SER A 310 19.69 1.49 47.11
N LEU A 311 19.41 0.70 46.06
CA LEU A 311 18.16 -0.04 46.00
C LEU A 311 18.13 -1.24 46.93
N GLY A 312 16.99 -1.44 47.57
CA GLY A 312 16.79 -2.55 48.48
C GLY A 312 17.59 -2.49 49.75
N ALA A 313 18.14 -1.35 50.08
CA ALA A 313 19.02 -1.00 51.18
C ALA A 313 18.20 -0.56 52.38
N PRO A 314 18.70 -0.71 53.60
CA PRO A 314 17.92 -0.29 54.77
C PRO A 314 17.82 1.22 54.83
N ASP A 315 16.74 1.69 55.47
CA ASP A 315 16.52 3.12 55.61
C ASP A 315 17.72 3.76 56.30
N GLU A 316 18.26 3.10 57.33
CA GLU A 316 19.49 3.55 57.98
C GLU A 316 20.59 3.77 56.96
N TYR A 317 20.85 2.78 56.11
CA TYR A 317 21.90 2.97 55.13
C TYR A 317 21.48 3.93 54.04
N ILE A 318 20.20 4.30 53.96
CA ILE A 318 19.83 5.37 53.05
C ILE A 318 20.17 6.73 53.66
N GLU A 319 20.01 6.88 54.98
CA GLU A 319 20.56 8.06 55.66
C GLU A 319 22.05 8.17 55.40
N LYS A 320 22.76 7.03 55.48
CA LYS A 320 24.21 7.05 55.27
C LYS A 320 24.55 7.40 53.82
N LEU A 321 23.78 6.87 52.87
CA LEU A 321 23.98 7.21 51.46
C LEU A 321 23.73 8.70 51.22
N ALA A 322 22.62 9.23 51.74
CA ALA A 322 22.36 10.67 51.65
C ALA A 322 23.55 11.48 52.15
N THR A 323 24.10 11.10 53.31
CA THR A 323 25.28 11.78 53.82
C THR A 323 26.42 11.77 52.81
N ILE A 324 26.70 10.58 52.26
CA ILE A 324 27.79 10.45 51.28
C ILE A 324 27.55 11.35 50.08
N TYR A 325 26.40 11.16 49.41
CA TYR A 325 25.99 11.99 48.29
C TYR A 325 26.23 13.47 48.57
N TRP A 326 25.82 13.92 49.76
CA TRP A 326 26.01 15.32 50.12
C TRP A 326 27.47 15.70 50.14
N PHE A 327 28.28 14.99 50.93
CA PHE A 327 29.68 15.38 51.05
C PHE A 327 30.48 15.06 49.80
N THR A 328 29.91 14.34 48.83
CA THR A 328 30.68 14.03 47.63
C THR A 328 30.07 14.66 46.39
N VAL A 329 28.91 14.18 45.95
CA VAL A 329 28.32 14.69 44.71
C VAL A 329 27.97 16.16 44.87
N GLU A 330 27.27 16.49 45.96
CA GLU A 330 26.80 17.85 46.15
C GLU A 330 27.93 18.77 46.59
N PHE A 331 28.86 18.27 47.42
CA PHE A 331 29.93 19.08 48.00
C PHE A 331 31.26 18.35 48.05
N GLY A 332 31.73 17.82 46.93
CA GLY A 332 32.99 17.11 46.92
C GLY A 332 34.12 17.91 46.33
N LEU A 333 35.33 17.47 46.65
CA LEU A 333 36.57 18.00 46.10
C LEU A 333 37.39 16.85 45.55
N CYS A 334 38.35 17.18 44.70
CA CYS A 334 39.13 16.19 43.96
C CYS A 334 40.58 16.64 43.94
N LYS A 335 41.46 15.71 44.31
CA LYS A 335 42.89 15.91 44.18
C LYS A 335 43.25 15.92 42.70
N GLN A 336 44.12 16.85 42.29
CA GLN A 336 44.34 17.05 40.88
C GLN A 336 45.81 17.37 40.60
N GLY A 337 46.70 16.45 40.97
CA GLY A 337 48.06 16.59 40.55
C GLY A 337 48.78 17.71 41.29
N ASP A 338 48.42 18.93 40.93
CA ASP A 338 48.93 20.14 41.56
C ASP A 338 47.93 20.77 42.50
N SER A 339 46.64 20.74 42.15
CA SER A 339 45.64 21.49 42.90
C SER A 339 44.65 20.59 43.62
N ILE A 340 43.76 21.22 44.37
CA ILE A 340 42.52 20.61 44.84
C ILE A 340 41.39 21.42 44.21
N LYS A 341 40.39 20.75 43.64
CA LYS A 341 39.30 21.47 42.98
C LYS A 341 37.95 20.89 43.37
N ALA A 342 36.91 21.68 43.14
CA ALA A 342 35.57 21.35 43.61
C ALA A 342 34.79 20.61 42.53
N TYR A 343 34.23 19.46 42.88
CA TYR A 343 33.27 18.78 42.02
C TYR A 343 31.88 18.74 42.63
N GLY A 344 31.69 19.31 43.81
CA GLY A 344 30.38 19.39 44.40
C GLY A 344 29.40 20.16 43.53
N ALA A 345 28.16 19.66 43.47
CA ALA A 345 27.12 20.32 42.69
C ALA A 345 26.57 21.55 43.39
N GLY A 346 26.64 21.60 44.72
CA GLY A 346 26.28 22.81 45.43
C GLY A 346 27.43 23.79 45.48
N LEU A 347 28.66 23.27 45.43
CA LEU A 347 29.84 24.13 45.36
C LEU A 347 29.84 24.94 44.06
N LEU A 348 29.65 24.26 42.94
CA LEU A 348 29.72 24.88 41.62
C LEU A 348 28.46 25.65 41.24
N SER A 349 27.46 25.69 42.12
CA SER A 349 26.23 26.43 41.85
C SER A 349 26.00 27.59 42.81
N SER A 350 26.72 27.66 43.92
CA SER A 350 26.55 28.73 44.91
C SER A 350 27.82 29.58 44.91
N PHE A 351 27.66 30.83 44.48
CA PHE A 351 28.79 31.72 44.27
C PHE A 351 29.57 31.92 45.58
N GLY A 352 28.84 32.19 46.67
CA GLY A 352 29.49 32.44 47.95
C GLY A 352 30.28 31.23 48.46
N GLU A 353 29.65 30.05 48.43
CA GLU A 353 30.38 28.89 48.91
C GLU A 353 31.45 28.46 47.93
N LEU A 354 31.31 28.77 46.65
CA LEU A 354 32.43 28.52 45.75
C LEU A 354 33.60 29.44 46.09
N GLN A 355 33.34 30.56 46.77
CA GLN A 355 34.46 31.36 47.27
C GLN A 355 35.05 30.71 48.51
N TYR A 356 34.16 30.41 49.46
CA TYR A 356 34.52 29.73 50.71
C TYR A 356 35.34 28.45 50.49
N CYS A 357 35.01 27.68 49.46
CA CYS A 357 35.49 26.30 49.35
C CYS A 357 37.01 26.20 49.26
N LEU A 358 37.63 26.99 48.39
CA LEU A 358 39.08 26.91 48.26
C LEU A 358 39.77 27.93 49.15
N SER A 359 39.01 28.80 49.81
CA SER A 359 39.60 29.61 50.86
C SER A 359 40.25 28.71 51.90
N GLU A 360 41.06 29.29 52.76
CA GLU A 360 41.72 28.46 53.76
C GLU A 360 40.84 28.17 54.97
N LYS A 361 39.66 28.78 55.09
CA LYS A 361 38.74 28.51 56.20
C LYS A 361 38.38 27.04 56.39
N PRO A 362 37.82 26.34 55.40
CA PRO A 362 37.21 25.04 55.67
C PRO A 362 38.24 23.93 55.79
N LYS A 363 37.78 22.79 56.30
CA LYS A 363 38.63 21.64 56.56
C LYS A 363 38.68 20.68 55.38
N LEU A 364 39.88 20.16 55.11
CA LEU A 364 40.12 19.28 53.97
C LEU A 364 40.94 18.08 54.44
N LEU A 365 40.44 16.87 54.22
CA LEU A 365 41.11 15.64 54.57
C LEU A 365 40.86 14.60 53.49
N PRO A 366 41.79 13.68 53.27
CA PRO A 366 41.56 12.63 52.25
C PRO A 366 40.33 11.82 52.61
N LEU A 367 39.40 11.75 51.64
CA LEU A 367 38.07 11.18 51.83
C LEU A 367 38.13 9.75 52.33
N GLU A 368 37.32 9.45 53.36
CA GLU A 368 37.22 8.11 53.90
C GLU A 368 35.81 7.81 54.37
N LEU A 369 35.18 6.78 53.78
CA LEU A 369 33.75 6.55 53.98
C LEU A 369 33.45 6.00 55.37
N GLU A 370 34.42 5.34 55.99
CA GLU A 370 34.25 4.88 57.37
C GLU A 370 33.80 6.02 58.27
N LYS A 371 34.33 7.21 58.03
CA LYS A 371 33.95 8.44 58.72
C LYS A 371 32.95 9.26 57.92
N THR A 372 33.10 9.28 56.58
CA THR A 372 32.28 10.14 55.73
C THR A 372 30.79 9.89 55.93
N ALA A 373 30.42 8.65 56.19
CA ALA A 373 29.01 8.35 56.48
C ALA A 373 28.63 8.86 57.86
N ILE A 374 29.53 8.70 58.84
CA ILE A 374 29.32 9.07 60.23
C ILE A 374 29.68 10.54 60.38
N GLN A 375 29.48 11.31 59.31
CA GLN A 375 29.82 12.72 59.27
C GLN A 375 28.53 13.53 59.24
N ASN A 376 28.26 14.25 60.32
CA ASN A 376 27.04 15.05 60.38
C ASN A 376 27.30 16.39 59.71
N TYR A 377 26.23 17.04 59.29
CA TYR A 377 26.37 18.27 58.52
C TYR A 377 25.15 19.15 58.71
N THR A 378 25.18 20.31 58.07
CA THR A 378 24.11 21.29 58.13
C THR A 378 23.54 21.50 56.75
N VAL A 379 22.29 21.96 56.71
CA VAL A 379 21.56 22.10 55.46
C VAL A 379 21.82 23.45 54.80
N THR A 380 21.70 24.54 55.57
CA THR A 380 21.85 25.88 55.04
C THR A 380 23.31 26.34 55.15
N GLU A 381 23.83 26.31 56.37
CA GLU A 381 25.14 26.87 56.68
C GLU A 381 26.23 26.28 55.80
N PHE A 382 27.19 27.12 55.43
CA PHE A 382 28.37 26.70 54.68
C PHE A 382 29.03 25.53 55.37
N GLN A 383 29.14 24.41 54.65
CA GLN A 383 29.59 23.18 55.27
C GLN A 383 30.99 23.40 55.81
N PRO A 384 31.20 23.25 57.13
CA PRO A 384 32.54 23.53 57.69
C PRO A 384 33.66 22.72 57.09
N LEU A 385 33.50 21.41 56.97
CA LEU A 385 34.58 20.57 56.48
C LEU A 385 34.19 19.90 55.17
N TYR A 386 35.20 19.62 54.35
CA TYR A 386 35.01 19.02 53.04
C TYR A 386 35.90 17.79 52.94
N TYR A 387 35.58 16.94 51.96
CA TYR A 387 36.32 15.70 51.74
C TYR A 387 36.78 15.70 50.29
N VAL A 388 38.04 15.32 50.07
CA VAL A 388 38.66 15.41 48.75
C VAL A 388 38.99 14.00 48.27
N ALA A 389 38.62 13.71 47.02
CA ALA A 389 38.97 12.46 46.36
C ALA A 389 40.24 12.63 45.52
N GLU A 390 40.76 11.51 45.04
CA GLU A 390 41.94 11.52 44.16
C GLU A 390 41.48 11.68 42.72
N SER A 391 40.74 10.69 42.22
CA SER A 391 39.98 10.82 41.00
C SER A 391 38.66 10.10 41.23
N PHE A 392 37.66 10.42 40.41
CA PHE A 392 36.34 9.86 40.59
C PHE A 392 36.37 8.33 40.67
N ASN A 393 37.24 7.70 39.88
CA ASN A 393 37.33 6.24 39.86
C ASN A 393 37.73 5.67 41.21
N ASP A 394 38.68 6.30 41.91
CA ASP A 394 39.02 5.83 43.25
C ASP A 394 37.80 5.91 44.15
N ALA A 395 37.03 6.99 44.04
CA ALA A 395 35.78 7.11 44.78
C ALA A 395 34.80 6.01 44.38
N LYS A 396 34.76 5.65 43.09
CA LYS A 396 33.97 4.53 42.61
C LYS A 396 34.35 3.24 43.35
N GLU A 397 35.65 2.94 43.38
CA GLU A 397 36.16 1.81 44.13
C GLU A 397 35.63 1.83 45.57
N LYS A 398 35.75 3.00 46.21
CA LYS A 398 35.33 3.15 47.59
C LYS A 398 33.83 2.91 47.75
N VAL A 399 33.04 3.46 46.82
CA VAL A 399 31.59 3.24 46.83
C VAL A 399 31.27 1.76 46.74
N ARG A 400 31.86 1.06 45.77
CA ARG A 400 31.64 -0.38 45.65
C ARG A 400 32.01 -1.11 46.93
N ASN A 401 33.11 -0.67 47.54
CA ASN A 401 33.55 -1.24 48.80
C ASN A 401 32.47 -1.11 49.86
N PHE A 402 32.00 0.14 50.08
CA PHE A 402 30.91 0.35 51.03
C PHE A 402 29.64 -0.40 50.63
N ALA A 403 29.41 -0.57 49.33
CA ALA A 403 28.27 -1.35 48.87
C ALA A 403 28.35 -2.77 49.38
N ALA A 404 29.56 -3.32 49.42
CA ALA A 404 29.77 -4.63 50.04
C ALA A 404 29.35 -4.67 51.51
N THR A 405 29.01 -3.53 52.11
CA THR A 405 28.59 -3.47 53.51
C THR A 405 27.08 -3.37 53.67
N ILE A 406 26.37 -2.86 52.67
CA ILE A 406 24.91 -2.72 52.81
C ILE A 406 24.29 -4.12 52.89
N PRO A 407 23.42 -4.38 53.87
CA PRO A 407 22.85 -5.73 54.01
C PRO A 407 21.62 -6.00 53.16
N ARG A 408 21.78 -6.68 52.04
CA ARG A 408 20.62 -7.10 51.27
C ARG A 408 20.82 -8.53 50.77
N PRO A 409 19.78 -9.36 50.81
CA PRO A 409 19.95 -10.80 50.54
C PRO A 409 20.06 -11.10 49.05
N PHE A 410 20.76 -10.25 48.32
CA PHE A 410 21.03 -10.45 46.90
C PHE A 410 21.95 -9.32 46.44
N SER A 411 22.55 -9.51 45.29
CA SER A 411 23.38 -8.50 44.67
C SER A 411 22.61 -7.82 43.53
N VAL A 412 23.23 -6.77 42.99
CA VAL A 412 22.63 -5.94 41.96
C VAL A 412 23.69 -5.66 40.90
N ARG A 413 23.25 -5.51 39.66
CA ARG A 413 24.13 -5.02 38.60
C ARG A 413 23.28 -4.63 37.41
N TYR A 414 23.60 -3.51 36.79
CA TYR A 414 22.72 -2.86 35.82
C TYR A 414 22.99 -3.32 34.39
N ASP A 415 21.91 -3.59 33.62
CA ASP A 415 22.05 -4.02 32.22
C ASP A 415 21.91 -2.84 31.29
N PRO A 416 22.98 -2.41 30.61
CA PRO A 416 22.88 -1.21 29.76
C PRO A 416 21.90 -1.34 28.61
N TYR A 417 21.82 -2.50 27.96
CA TYR A 417 20.91 -2.66 26.83
C TYR A 417 19.46 -2.78 27.30
N THR A 418 19.17 -3.82 28.10
CA THR A 418 17.80 -4.04 28.55
C THR A 418 17.33 -2.93 29.49
N GLN A 419 18.25 -2.14 30.05
CA GLN A 419 17.91 -1.09 30.99
C GLN A 419 17.03 -1.62 32.13
N ARG A 420 17.40 -2.80 32.62
CA ARG A 420 16.84 -3.37 33.84
C ARG A 420 17.97 -3.84 34.73
N ILE A 421 17.71 -3.82 36.03
CA ILE A 421 18.72 -4.20 37.01
C ILE A 421 18.70 -5.71 37.17
N GLU A 422 19.80 -6.37 36.80
CA GLU A 422 20.03 -7.78 37.07
C GLU A 422 20.12 -7.97 38.58
N VAL A 423 19.15 -8.67 39.14
CA VAL A 423 19.21 -9.09 40.54
C VAL A 423 19.95 -10.41 40.56
N LEU A 424 21.11 -10.44 41.20
CA LEU A 424 21.98 -11.61 41.12
C LEU A 424 22.02 -12.35 42.46
N ASP A 425 22.00 -13.67 42.39
CA ASP A 425 22.14 -14.53 43.55
C ASP A 425 23.56 -15.04 43.64
N ASN A 426 23.78 -16.03 44.51
CA ASN A 426 25.07 -16.69 44.60
C ASN A 426 25.53 -17.15 43.22
N THR A 427 24.74 -18.03 42.60
CA THR A 427 25.17 -18.73 41.39
C THR A 427 25.17 -17.82 40.17
N GLN A 428 24.30 -16.80 40.13
CA GLN A 428 24.22 -15.99 38.92
C GLN A 428 25.36 -14.99 38.81
N GLN A 429 25.83 -14.43 39.93
CA GLN A 429 26.97 -13.51 39.85
C GLN A 429 28.13 -14.17 39.12
N LEU A 430 28.27 -15.50 39.30
CA LEU A 430 29.48 -16.21 38.96
C LEU A 430 29.68 -16.32 37.45
N LYS A 431 28.73 -16.97 36.77
CA LYS A 431 28.90 -17.22 35.34
C LYS A 431 28.89 -15.93 34.54
N ILE A 432 28.15 -14.92 35.01
CA ILE A 432 28.02 -13.71 34.23
C ILE A 432 29.30 -12.90 34.31
N LEU A 433 29.87 -12.77 35.52
CA LEU A 433 31.12 -12.04 35.60
C LEU A 433 32.22 -12.84 34.93
N ALA A 434 32.21 -14.16 35.13
CA ALA A 434 33.20 -15.03 34.52
C ALA A 434 33.31 -14.78 33.02
N ASP A 435 32.20 -14.94 32.31
CA ASP A 435 32.24 -14.85 30.85
C ASP A 435 32.43 -13.41 30.38
N SER A 436 31.80 -12.43 31.05
CA SER A 436 32.06 -11.04 30.68
C SER A 436 33.56 -10.72 30.71
N ILE A 437 34.22 -11.12 31.79
CA ILE A 437 35.65 -10.86 31.88
C ILE A 437 36.39 -11.70 30.85
N ASN A 438 35.87 -12.87 30.50
CA ASN A 438 36.47 -13.67 29.43
C ASN A 438 36.46 -12.93 28.10
N SER A 439 35.34 -12.27 27.77
CA SER A 439 35.28 -11.49 26.53
C SER A 439 36.26 -10.33 26.55
N GLU A 440 36.27 -9.58 27.66
CA GLU A 440 37.24 -8.49 27.82
C GLU A 440 38.65 -9.03 27.70
N ILE A 441 38.84 -10.24 28.24
CA ILE A 441 40.16 -10.94 28.21
C ILE A 441 40.53 -11.22 26.76
N GLY A 442 39.57 -11.72 25.96
CA GLY A 442 39.85 -12.00 24.56
C GLY A 442 40.25 -10.77 23.79
N ILE A 443 39.43 -9.71 23.89
CA ILE A 443 39.74 -8.48 23.17
C ILE A 443 41.08 -7.91 23.61
N LEU A 444 41.41 -8.03 24.89
CA LEU A 444 42.69 -7.50 25.37
C LEU A 444 43.84 -8.38 24.88
N CYS A 445 43.68 -9.70 24.94
CA CYS A 445 44.69 -10.62 24.44
C CYS A 445 44.96 -10.40 22.96
N SER A 446 43.95 -9.96 22.22
CA SER A 446 44.18 -9.59 20.82
C SER A 446 44.84 -8.22 20.72
N ALA A 447 44.56 -7.32 21.67
CA ALA A 447 45.28 -6.06 21.72
C ALA A 447 46.76 -6.28 22.00
N LEU A 448 47.11 -7.45 22.53
CA LEU A 448 48.52 -7.78 22.85
C LEU A 448 49.31 -8.02 21.55
N GLN A 449 48.64 -8.55 20.52
CA GLN A 449 49.25 -8.83 19.23
C GLN A 449 49.39 -7.57 18.39
N LYS A 450 49.32 -6.40 19.02
CA LYS A 450 49.45 -5.11 18.34
C LYS A 450 48.25 -4.90 17.41
N THR B 22 -33.54 -27.97 -46.84
CA THR B 22 -33.78 -26.61 -46.39
C THR B 22 -32.78 -26.22 -45.30
N SER B 23 -32.83 -24.95 -44.87
CA SER B 23 -31.99 -24.46 -43.80
C SER B 23 -32.78 -24.31 -42.50
N TYR B 24 -34.03 -24.75 -42.48
CA TYR B 24 -34.78 -24.71 -41.24
C TYR B 24 -34.21 -25.76 -40.30
N ILE B 25 -33.85 -25.32 -39.09
CA ILE B 25 -33.30 -26.19 -38.07
C ILE B 25 -34.19 -26.03 -36.86
N GLU B 26 -34.77 -27.13 -36.38
CA GLU B 26 -35.60 -27.01 -35.20
C GLU B 26 -34.74 -26.68 -34.00
N ASP B 27 -35.30 -25.88 -33.10
CA ASP B 27 -34.58 -25.41 -31.93
C ASP B 27 -34.98 -26.26 -30.74
N ASN B 28 -34.07 -26.37 -29.78
CA ASN B 28 -34.21 -27.38 -28.74
C ASN B 28 -34.22 -26.82 -27.33
N CYS B 29 -34.07 -27.68 -26.33
CA CYS B 29 -34.14 -27.27 -24.94
C CYS B 29 -33.08 -28.00 -24.12
N ASN B 30 -32.86 -27.51 -22.90
CA ASN B 30 -31.91 -28.06 -21.95
C ASN B 30 -32.60 -28.87 -20.86
N GLN B 31 -31.78 -29.66 -20.14
CA GLN B 31 -32.29 -30.42 -19.00
C GLN B 31 -32.94 -29.51 -17.99
N ASN B 32 -32.30 -28.37 -17.71
CA ASN B 32 -32.94 -27.34 -16.91
C ASN B 32 -34.17 -26.81 -17.63
N GLY B 33 -34.02 -26.49 -18.90
CA GLY B 33 -35.06 -25.83 -19.65
C GLY B 33 -34.80 -24.34 -19.67
N ALA B 34 -35.86 -23.58 -19.90
CA ALA B 34 -35.71 -22.13 -19.93
C ALA B 34 -37.07 -21.52 -19.62
N ILE B 35 -37.21 -20.97 -18.42
CA ILE B 35 -38.41 -20.24 -18.02
C ILE B 35 -38.00 -18.84 -17.62
N SER B 36 -38.32 -17.87 -18.46
CA SER B 36 -38.22 -16.47 -18.07
C SER B 36 -39.62 -15.92 -17.87
N LEU B 37 -39.73 -14.93 -16.97
CA LEU B 37 -40.97 -14.22 -16.73
C LEU B 37 -40.61 -12.74 -16.82
N ILE B 38 -40.92 -12.12 -17.95
CA ILE B 38 -40.63 -10.71 -18.15
C ILE B 38 -41.77 -9.88 -17.54
N PHE B 39 -41.42 -8.98 -16.64
CA PHE B 39 -42.42 -8.07 -16.10
C PHE B 39 -41.76 -6.82 -15.56
N SER B 40 -42.42 -5.69 -15.76
CA SER B 40 -42.10 -4.42 -15.13
C SER B 40 -43.17 -4.10 -14.10
N LEU B 41 -42.82 -3.27 -13.11
CA LEU B 41 -43.73 -3.08 -11.99
C LEU B 41 -43.63 -1.68 -11.42
N LYS B 42 -44.79 -1.18 -10.96
CA LYS B 42 -44.96 0.18 -10.47
C LYS B 42 -44.57 0.28 -8.99
N GLU B 43 -43.78 1.31 -8.68
CA GLU B 43 -43.23 1.53 -7.31
C GLU B 43 -44.30 1.95 -6.31
N GLU B 44 -45.02 0.98 -5.75
CA GLU B 44 -46.00 1.26 -4.69
C GLU B 44 -45.54 0.68 -3.35
N VAL B 45 -46.33 1.02 -2.32
CA VAL B 45 -46.03 0.55 -0.97
C VAL B 45 -46.07 -0.98 -0.97
N GLY B 46 -44.93 -1.59 -0.66
CA GLY B 46 -44.80 -3.02 -0.65
C GLY B 46 -44.27 -3.62 -1.94
N ALA B 47 -44.40 -2.90 -3.06
CA ALA B 47 -44.20 -3.46 -4.40
C ALA B 47 -42.85 -4.15 -4.57
N LEU B 48 -41.78 -3.36 -4.53
CA LEU B 48 -40.44 -3.90 -4.78
C LEU B 48 -40.07 -4.91 -3.71
N ALA B 49 -40.50 -4.65 -2.47
CA ALA B 49 -40.41 -5.67 -1.42
C ALA B 49 -41.27 -6.89 -1.77
N LYS B 50 -42.50 -6.66 -2.24
CA LYS B 50 -43.41 -7.75 -2.56
C LYS B 50 -42.77 -8.77 -3.49
N VAL B 51 -42.10 -8.31 -4.54
CA VAL B 51 -41.62 -9.23 -5.58
C VAL B 51 -40.52 -10.14 -5.03
N LEU B 52 -39.42 -9.55 -4.57
CA LEU B 52 -38.30 -10.36 -4.07
C LEU B 52 -38.71 -11.16 -2.85
N ARG B 53 -39.64 -10.63 -2.06
CA ARG B 53 -40.22 -11.37 -0.96
C ARG B 53 -40.99 -12.58 -1.46
N LEU B 54 -41.73 -12.43 -2.55
CA LEU B 54 -42.44 -13.55 -3.14
C LEU B 54 -41.46 -14.64 -3.56
N PHE B 55 -40.33 -14.24 -4.13
CA PHE B 55 -39.37 -15.24 -4.61
C PHE B 55 -38.67 -15.93 -3.44
N GLU B 56 -38.18 -15.14 -2.48
CA GLU B 56 -37.48 -15.73 -1.34
C GLU B 56 -38.46 -16.42 -0.40
N GLU B 57 -39.76 -16.14 -0.55
CA GLU B 57 -40.81 -16.92 0.07
C GLU B 57 -40.87 -18.31 -0.54
N ASN B 58 -40.58 -18.42 -1.84
CA ASN B 58 -40.53 -19.68 -2.54
C ASN B 58 -39.09 -20.17 -2.74
N ASP B 59 -38.14 -19.60 -2.01
CA ASP B 59 -36.75 -20.01 -1.87
C ASP B 59 -35.86 -19.65 -3.06
N VAL B 60 -36.38 -19.00 -4.10
CA VAL B 60 -35.59 -18.71 -5.29
C VAL B 60 -34.44 -17.77 -4.94
N ASN B 61 -33.24 -18.14 -5.35
CA ASN B 61 -32.05 -17.32 -5.12
C ASN B 61 -32.16 -16.02 -5.90
N LEU B 62 -31.59 -14.96 -5.35
CA LEU B 62 -31.61 -13.65 -5.99
C LEU B 62 -30.35 -13.41 -6.81
N THR B 63 -29.52 -14.43 -6.98
CA THR B 63 -28.57 -14.47 -8.09
C THR B 63 -29.29 -14.75 -9.40
N HIS B 64 -30.55 -15.19 -9.34
CA HIS B 64 -31.33 -15.55 -10.51
C HIS B 64 -32.49 -14.59 -10.77
N ILE B 65 -32.88 -13.78 -9.79
CA ILE B 65 -33.94 -12.78 -9.94
C ILE B 65 -33.27 -11.43 -10.06
N GLU B 66 -33.10 -10.94 -11.28
CA GLU B 66 -32.42 -9.67 -11.48
C GLU B 66 -33.42 -8.55 -11.67
N SER B 67 -33.20 -7.45 -10.94
CA SER B 67 -34.02 -6.25 -11.06
C SER B 67 -33.13 -5.04 -11.33
N ARG B 68 -33.51 -4.24 -12.33
CA ARG B 68 -32.90 -2.97 -12.68
C ARG B 68 -34.01 -1.95 -12.91
N PRO B 69 -33.73 -0.66 -13.03
CA PRO B 69 -34.81 0.32 -13.22
C PRO B 69 -35.41 0.22 -14.62
N SER B 70 -36.64 0.71 -14.74
CA SER B 70 -37.22 0.85 -16.08
C SER B 70 -36.45 1.95 -16.80
N ARG B 71 -35.67 1.55 -17.79
CA ARG B 71 -34.80 2.47 -18.50
C ARG B 71 -35.58 3.53 -19.28
N LEU B 72 -36.90 3.51 -19.25
CA LEU B 72 -37.70 4.48 -20.01
C LEU B 72 -38.54 5.36 -19.10
N LYS B 73 -39.55 4.78 -18.43
CA LYS B 73 -40.40 5.53 -17.52
C LYS B 73 -39.85 5.40 -16.11
N LYS B 74 -39.41 6.53 -15.56
CA LYS B 74 -38.65 6.55 -14.30
C LYS B 74 -39.29 5.73 -13.18
N ASP B 75 -40.61 5.59 -13.19
CA ASP B 75 -41.34 5.10 -12.02
C ASP B 75 -41.47 3.59 -11.95
N GLU B 76 -40.84 2.83 -12.84
CA GLU B 76 -40.93 1.39 -12.78
C GLU B 76 -39.56 0.74 -12.70
N TYR B 77 -39.55 -0.51 -12.26
CA TYR B 77 -38.39 -1.38 -12.38
C TYR B 77 -38.75 -2.46 -13.39
N GLU B 78 -37.75 -3.01 -14.05
CA GLU B 78 -37.96 -4.15 -14.91
C GLU B 78 -37.20 -5.35 -14.35
N PHE B 79 -37.79 -6.53 -14.53
CA PHE B 79 -37.31 -7.75 -13.91
C PHE B 79 -36.96 -8.78 -14.96
N PHE B 80 -35.73 -9.28 -14.90
CA PHE B 80 -35.30 -10.43 -15.68
C PHE B 80 -35.15 -11.58 -14.71
N THR B 81 -35.90 -12.65 -14.92
CA THR B 81 -35.93 -13.80 -14.02
C THR B 81 -35.15 -14.92 -14.71
N HIS B 82 -33.99 -15.25 -14.15
CA HIS B 82 -33.07 -16.22 -14.76
C HIS B 82 -33.37 -17.58 -14.17
N LEU B 83 -34.31 -18.29 -14.77
CA LEU B 83 -34.82 -19.53 -14.22
C LEU B 83 -34.74 -20.71 -15.18
N ASP B 84 -35.42 -21.80 -14.82
CA ASP B 84 -35.51 -23.01 -15.61
C ASP B 84 -36.82 -23.72 -15.24
N LYS B 85 -37.01 -24.92 -15.78
CA LYS B 85 -38.23 -25.69 -15.53
C LYS B 85 -38.27 -26.31 -14.14
N ARG B 86 -37.19 -26.22 -13.38
CA ARG B 86 -37.13 -26.81 -12.04
C ARG B 86 -38.13 -26.18 -11.08
N SER B 87 -38.64 -24.99 -11.37
CA SER B 87 -39.65 -24.32 -10.56
C SER B 87 -41.09 -24.71 -10.88
N LEU B 88 -41.34 -25.63 -11.83
CA LEU B 88 -42.72 -25.92 -12.24
C LEU B 88 -43.69 -26.28 -11.10
N PRO B 89 -43.37 -27.19 -10.17
CA PRO B 89 -44.31 -27.46 -9.06
C PRO B 89 -44.61 -26.25 -8.17
N ALA B 90 -43.89 -25.13 -8.31
CA ALA B 90 -44.14 -23.96 -7.48
C ALA B 90 -44.21 -22.66 -8.27
N LEU B 91 -44.06 -22.70 -9.59
CA LEU B 91 -44.12 -21.47 -10.37
C LEU B 91 -45.52 -20.89 -10.41
N THR B 92 -46.53 -21.76 -10.32
CA THR B 92 -47.93 -21.36 -10.39
C THR B 92 -48.21 -20.14 -9.53
N ASN B 93 -48.00 -20.29 -8.22
CA ASN B 93 -48.33 -19.22 -7.28
C ASN B 93 -47.65 -17.93 -7.69
N ILE B 94 -46.35 -17.98 -8.02
CA ILE B 94 -45.65 -16.76 -8.39
C ILE B 94 -46.38 -16.09 -9.53
N ILE B 95 -46.59 -16.85 -10.62
CA ILE B 95 -47.32 -16.34 -11.77
C ILE B 95 -48.65 -15.77 -11.30
N LYS B 96 -49.36 -16.56 -10.49
CA LYS B 96 -50.65 -16.15 -9.97
C LYS B 96 -50.57 -14.78 -9.31
N ILE B 97 -49.71 -14.64 -8.29
CA ILE B 97 -49.70 -13.39 -7.56
C ILE B 97 -49.29 -12.26 -8.48
N LEU B 98 -48.43 -12.54 -9.46
CA LEU B 98 -48.00 -11.49 -10.36
C LEU B 98 -49.09 -11.19 -11.39
N ARG B 99 -49.74 -12.23 -11.92
CA ARG B 99 -50.70 -12.00 -13.00
C ARG B 99 -52.07 -11.57 -12.48
N HIS B 100 -52.46 -12.01 -11.29
CA HIS B 100 -53.84 -11.90 -10.86
C HIS B 100 -54.05 -11.14 -9.57
N ASP B 101 -53.09 -11.18 -8.65
CA ASP B 101 -53.23 -10.45 -7.39
C ASP B 101 -52.69 -9.04 -7.47
N ILE B 102 -51.71 -8.80 -8.33
CA ILE B 102 -51.13 -7.48 -8.51
C ILE B 102 -51.63 -6.83 -9.80
N GLY B 103 -51.67 -7.58 -10.88
CA GLY B 103 -52.08 -7.01 -12.15
C GLY B 103 -50.87 -6.54 -12.92
N ALA B 104 -49.80 -7.35 -12.90
CA ALA B 104 -48.59 -7.03 -13.63
C ALA B 104 -48.55 -7.89 -14.88
N THR B 105 -48.31 -7.24 -16.02
CA THR B 105 -48.26 -7.94 -17.29
C THR B 105 -46.95 -8.71 -17.38
N VAL B 106 -47.01 -10.02 -17.14
CA VAL B 106 -45.85 -10.90 -17.24
C VAL B 106 -46.08 -11.84 -18.42
N HIS B 107 -45.04 -11.98 -19.24
CA HIS B 107 -45.02 -12.97 -20.31
C HIS B 107 -44.01 -14.03 -19.95
N GLU B 108 -44.45 -15.28 -19.92
CA GLU B 108 -43.55 -16.36 -19.56
C GLU B 108 -42.79 -16.77 -20.81
N LEU B 109 -41.47 -16.76 -20.72
CA LEU B 109 -40.64 -17.25 -21.80
C LEU B 109 -40.32 -18.70 -21.51
N SER B 110 -40.71 -19.59 -22.40
CA SER B 110 -40.45 -21.01 -22.22
C SER B 110 -39.86 -21.54 -23.51
N ARG B 111 -38.80 -22.34 -23.36
CA ARG B 111 -38.17 -22.99 -24.49
C ARG B 111 -38.83 -24.31 -24.85
N ASP B 112 -39.58 -24.91 -23.91
CA ASP B 112 -40.38 -26.08 -24.24
C ASP B 112 -41.59 -25.74 -25.11
N LYS B 113 -41.95 -24.47 -25.21
CA LYS B 113 -43.08 -24.01 -26.01
C LYS B 113 -44.35 -24.79 -25.65
N LYS B 114 -44.65 -24.75 -24.35
CA LYS B 114 -45.80 -25.36 -23.71
C LYS B 114 -46.93 -24.36 -23.53
N LYS B 115 -47.78 -24.57 -22.53
CA LYS B 115 -49.07 -23.91 -22.41
C LYS B 115 -48.96 -22.40 -22.53
N ASP B 116 -49.45 -21.86 -23.66
CA ASP B 116 -49.58 -20.41 -23.84
C ASP B 116 -48.26 -19.69 -23.60
N THR B 117 -47.15 -20.32 -23.99
CA THR B 117 -45.83 -19.81 -23.64
C THR B 117 -45.19 -19.13 -24.84
N VAL B 118 -44.87 -17.84 -24.67
CA VAL B 118 -44.08 -17.14 -25.70
C VAL B 118 -42.74 -17.86 -25.83
N PRO B 119 -42.23 -18.09 -27.04
CA PRO B 119 -41.00 -18.89 -27.16
C PRO B 119 -39.80 -18.12 -26.63
N TRP B 120 -38.94 -18.84 -25.90
CA TRP B 120 -37.85 -18.22 -25.17
C TRP B 120 -36.79 -17.65 -26.11
N PHE B 121 -36.09 -16.63 -25.63
CA PHE B 121 -34.95 -16.03 -26.30
C PHE B 121 -34.07 -15.40 -25.24
N PRO B 122 -32.78 -15.26 -25.50
CA PRO B 122 -31.90 -14.57 -24.54
C PRO B 122 -32.11 -13.07 -24.61
N ARG B 123 -31.98 -12.43 -23.44
CA ARG B 123 -32.13 -10.98 -23.35
C ARG B 123 -30.82 -10.24 -23.19
N THR B 124 -29.80 -10.89 -22.66
CA THR B 124 -28.50 -10.26 -22.46
C THR B 124 -27.48 -10.91 -23.39
N ILE B 125 -26.44 -10.14 -23.70
CA ILE B 125 -25.37 -10.67 -24.54
C ILE B 125 -24.66 -11.82 -23.83
N GLN B 126 -24.85 -11.94 -22.51
CA GLN B 126 -24.26 -13.03 -21.75
C GLN B 126 -25.15 -14.26 -21.66
N GLU B 127 -26.47 -14.13 -21.89
CA GLU B 127 -27.32 -15.31 -21.86
C GLU B 127 -27.10 -16.23 -23.06
N LEU B 128 -26.21 -15.88 -24.00
CA LEU B 128 -25.98 -16.72 -25.15
C LEU B 128 -25.32 -18.04 -24.79
N ASP B 129 -24.70 -18.13 -23.61
CA ASP B 129 -24.04 -19.36 -23.22
C ASP B 129 -25.02 -20.46 -22.86
N ARG B 130 -26.28 -20.11 -22.60
CA ARG B 130 -27.26 -21.11 -22.19
C ARG B 130 -27.54 -22.11 -23.32
N PHE B 131 -27.63 -21.64 -24.56
CA PHE B 131 -27.90 -22.50 -25.71
C PHE B 131 -26.91 -22.21 -26.84
N ALA B 132 -25.62 -22.13 -26.52
CA ALA B 132 -24.60 -21.95 -27.54
C ALA B 132 -23.91 -23.25 -27.94
N ASN B 133 -24.06 -24.30 -27.14
CA ASN B 133 -23.42 -25.58 -27.39
C ASN B 133 -24.38 -26.58 -28.05
N GLN B 134 -25.42 -26.09 -28.71
CA GLN B 134 -26.50 -26.94 -29.22
C GLN B 134 -26.27 -27.24 -30.70
N ILE B 135 -25.29 -28.10 -30.94
CA ILE B 135 -24.80 -28.40 -32.28
C ILE B 135 -24.69 -29.91 -32.48
N LEU B 136 -24.12 -30.32 -33.61
CA LEU B 136 -23.81 -31.73 -33.94
C LEU B 136 -24.63 -32.80 -33.22
N ASP B 143 -22.86 -38.11 -40.30
CA ASP B 143 -22.87 -38.73 -41.61
C ASP B 143 -21.48 -39.11 -42.10
N ALA B 144 -21.40 -40.25 -42.77
CA ALA B 144 -20.12 -40.77 -43.24
C ALA B 144 -19.58 -39.99 -44.43
N ASP B 145 -20.47 -39.44 -45.29
CA ASP B 145 -20.03 -38.89 -46.57
C ASP B 145 -19.12 -37.69 -46.43
N HIS B 146 -18.88 -37.20 -45.22
CA HIS B 146 -18.00 -36.05 -45.07
C HIS B 146 -16.67 -36.43 -45.69
N PRO B 147 -16.13 -35.63 -46.60
CA PRO B 147 -14.88 -36.03 -47.27
C PRO B 147 -13.73 -36.04 -46.30
N GLY B 148 -13.30 -37.23 -45.87
CA GLY B 148 -12.19 -37.35 -44.94
C GLY B 148 -12.62 -37.96 -43.62
N PHE B 149 -13.72 -38.72 -43.65
CA PHE B 149 -14.30 -39.28 -42.43
C PHE B 149 -13.34 -40.24 -41.73
N LYS B 150 -12.81 -41.22 -42.47
CA LYS B 150 -11.96 -42.22 -41.82
C LYS B 150 -10.56 -41.70 -41.50
N ASP B 151 -10.29 -40.42 -41.65
CA ASP B 151 -9.03 -39.91 -41.14
C ASP B 151 -9.18 -39.70 -39.64
N PRO B 152 -8.55 -40.53 -38.80
CA PRO B 152 -8.73 -40.38 -37.35
C PRO B 152 -8.24 -39.04 -36.84
N VAL B 153 -7.26 -38.45 -37.53
CA VAL B 153 -6.75 -37.15 -37.11
C VAL B 153 -7.78 -36.06 -37.41
N TYR B 154 -8.47 -36.16 -38.55
CA TYR B 154 -9.53 -35.17 -38.82
C TYR B 154 -10.65 -35.27 -37.79
N ARG B 155 -10.92 -36.47 -37.29
CA ARG B 155 -11.93 -36.64 -36.26
C ARG B 155 -11.46 -36.02 -34.95
N ALA B 156 -10.23 -36.36 -34.54
CA ALA B 156 -9.65 -35.74 -33.34
C ALA B 156 -9.56 -34.23 -33.48
N ARG B 157 -9.34 -33.71 -34.69
CA ARG B 157 -9.22 -32.27 -34.91
C ARG B 157 -10.57 -31.57 -34.86
N ARG B 158 -11.62 -32.22 -35.37
CA ARG B 158 -12.93 -31.57 -35.29
C ARG B 158 -13.44 -31.58 -33.86
N LYS B 159 -13.12 -32.64 -33.12
CA LYS B 159 -13.47 -32.66 -31.69
C LYS B 159 -12.60 -31.68 -30.91
N GLN B 160 -11.34 -31.54 -31.33
CA GLN B 160 -10.40 -30.60 -30.75
C GLN B 160 -10.92 -29.17 -30.84
N PHE B 161 -11.34 -28.76 -32.04
CA PHE B 161 -11.83 -27.41 -32.24
C PHE B 161 -13.22 -27.21 -31.66
N ALA B 162 -14.06 -28.26 -31.65
CA ALA B 162 -15.37 -28.17 -31.02
C ALA B 162 -15.28 -27.98 -29.51
N ASP B 163 -14.32 -28.64 -28.86
CA ASP B 163 -14.15 -28.51 -27.41
C ASP B 163 -14.00 -27.05 -26.99
N ILE B 164 -13.16 -26.30 -27.70
CA ILE B 164 -12.95 -24.89 -27.37
C ILE B 164 -14.27 -24.14 -27.39
N ALA B 165 -15.11 -24.40 -28.40
CA ALA B 165 -16.42 -23.77 -28.46
C ALA B 165 -17.32 -24.27 -27.34
N TYR B 166 -17.07 -25.50 -26.86
CA TYR B 166 -17.85 -26.01 -25.74
C TYR B 166 -17.54 -25.22 -24.48
N ASN B 167 -16.30 -24.79 -24.34
CA ASN B 167 -15.82 -24.13 -23.14
C ASN B 167 -15.71 -22.62 -23.27
N TYR B 168 -16.00 -22.07 -24.45
CA TYR B 168 -15.89 -20.63 -24.62
C TYR B 168 -17.15 -19.96 -24.12
N ARG B 169 -16.98 -18.92 -23.31
CA ARG B 169 -18.07 -18.12 -22.78
C ARG B 169 -17.85 -16.69 -23.24
N HIS B 170 -18.95 -16.00 -23.55
CA HIS B 170 -18.85 -14.64 -24.07
C HIS B 170 -17.96 -13.79 -23.18
N GLY B 171 -17.22 -12.88 -23.80
CA GLY B 171 -16.30 -12.02 -23.08
C GLY B 171 -14.88 -12.57 -23.04
N GLN B 172 -14.75 -13.90 -22.94
CA GLN B 172 -13.43 -14.50 -22.89
C GLN B 172 -12.65 -14.21 -24.16
N PRO B 173 -11.33 -14.27 -24.09
CA PRO B 173 -10.54 -14.27 -25.32
C PRO B 173 -10.69 -15.62 -26.01
N ILE B 174 -10.78 -15.58 -27.34
CA ILE B 174 -10.89 -16.79 -28.14
C ILE B 174 -9.57 -17.54 -28.04
N PRO B 175 -9.54 -18.73 -27.47
CA PRO B 175 -8.26 -19.45 -27.38
C PRO B 175 -7.68 -19.60 -28.78
N ARG B 176 -6.44 -19.18 -28.93
CA ARG B 176 -5.82 -19.13 -30.24
C ARG B 176 -5.06 -20.41 -30.50
N VAL B 177 -5.21 -20.94 -31.69
CA VAL B 177 -4.65 -22.25 -32.05
C VAL B 177 -3.73 -22.06 -33.23
N GLU B 178 -2.57 -22.71 -33.18
CA GLU B 178 -1.70 -22.75 -34.33
C GLU B 178 -2.20 -23.84 -35.26
N TYR B 179 -2.57 -23.46 -36.48
CA TYR B 179 -3.14 -24.38 -37.44
C TYR B 179 -2.03 -25.15 -38.14
N MET B 180 -2.32 -26.40 -38.48
CA MET B 180 -1.38 -27.19 -39.23
C MET B 180 -1.22 -26.61 -40.64
N GLU B 181 -0.30 -27.18 -41.42
CA GLU B 181 0.03 -26.61 -42.71
C GLU B 181 -0.86 -27.12 -43.83
N GLU B 182 -1.23 -28.40 -43.79
CA GLU B 182 -2.19 -28.91 -44.76
C GLU B 182 -3.45 -28.05 -44.77
N GLU B 183 -3.89 -27.64 -43.58
CA GLU B 183 -5.01 -26.72 -43.47
C GLU B 183 -4.69 -25.38 -44.14
N LYS B 184 -3.44 -24.95 -44.04
CA LYS B 184 -3.05 -23.64 -44.59
C LYS B 184 -3.23 -23.59 -46.11
N LYS B 185 -2.82 -24.63 -46.83
CA LYS B 185 -3.02 -24.58 -48.27
C LYS B 185 -4.39 -25.07 -48.70
N THR B 186 -5.09 -25.82 -47.85
CA THR B 186 -6.53 -26.00 -48.06
C THR B 186 -7.21 -24.64 -48.15
N TRP B 187 -6.89 -23.76 -47.21
CA TRP B 187 -7.29 -22.35 -47.29
C TRP B 187 -6.73 -21.68 -48.54
N GLY B 188 -5.45 -21.94 -48.83
CA GLY B 188 -4.80 -21.35 -49.99
C GLY B 188 -5.58 -21.49 -51.28
N THR B 189 -6.04 -22.70 -51.57
CA THR B 189 -6.76 -22.96 -52.82
C THR B 189 -7.97 -22.06 -52.95
N VAL B 190 -8.84 -22.07 -51.93
CA VAL B 190 -10.05 -21.25 -51.92
C VAL B 190 -9.68 -19.78 -52.12
N PHE B 191 -8.59 -19.33 -51.48
CA PHE B 191 -8.23 -17.92 -51.61
C PHE B 191 -7.81 -17.59 -53.03
N LYS B 192 -6.91 -18.39 -53.62
CA LYS B 192 -6.48 -18.10 -55.00
C LYS B 192 -7.68 -17.94 -55.92
N THR B 193 -8.57 -18.94 -55.92
CA THR B 193 -9.69 -18.91 -56.87
C THR B 193 -10.62 -17.73 -56.58
N LEU B 194 -11.12 -17.64 -55.34
CA LEU B 194 -12.14 -16.65 -55.06
C LEU B 194 -11.57 -15.24 -55.22
N LYS B 195 -10.30 -15.04 -54.88
CA LYS B 195 -9.64 -13.76 -55.11
C LYS B 195 -9.68 -13.41 -56.59
N SER B 196 -9.20 -14.34 -57.44
CA SER B 196 -9.22 -14.11 -58.88
C SER B 196 -10.61 -13.69 -59.34
N LEU B 197 -11.66 -14.13 -58.63
CA LEU B 197 -13.03 -13.75 -59.00
C LEU B 197 -13.49 -12.41 -58.42
N TYR B 198 -13.04 -12.05 -57.21
CA TYR B 198 -13.66 -10.96 -56.46
C TYR B 198 -13.63 -9.63 -57.21
N LYS B 199 -12.55 -9.34 -57.93
CA LYS B 199 -12.40 -8.00 -58.49
C LYS B 199 -13.57 -7.61 -59.39
N THR B 200 -14.26 -8.58 -59.97
CA THR B 200 -15.40 -8.31 -60.82
C THR B 200 -16.67 -9.01 -60.38
N HIS B 201 -16.63 -9.85 -59.33
CA HIS B 201 -17.82 -10.59 -58.92
C HIS B 201 -18.46 -10.11 -57.64
N ALA B 202 -17.67 -9.68 -56.65
CA ALA B 202 -18.20 -9.27 -55.37
C ALA B 202 -18.74 -7.84 -55.42
N CYS B 203 -19.69 -7.55 -54.53
CA CYS B 203 -20.19 -6.19 -54.39
C CYS B 203 -19.07 -5.28 -53.92
N TYR B 204 -19.23 -3.98 -54.22
CA TYR B 204 -18.22 -3.00 -53.84
C TYR B 204 -17.80 -3.15 -52.38
N GLU B 205 -18.79 -3.23 -51.48
CA GLU B 205 -18.56 -3.29 -50.05
C GLU B 205 -17.66 -4.45 -49.65
N TYR B 206 -17.41 -5.39 -50.57
CA TYR B 206 -16.46 -6.48 -50.32
C TYR B 206 -15.06 -6.09 -50.75
N ASN B 207 -14.90 -5.56 -51.97
CA ASN B 207 -13.61 -5.14 -52.48
C ASN B 207 -13.06 -3.91 -51.76
N HIS B 208 -13.92 -3.19 -51.03
CA HIS B 208 -13.46 -2.10 -50.18
C HIS B 208 -12.87 -2.68 -48.90
N ILE B 209 -13.57 -3.64 -48.30
CA ILE B 209 -13.18 -4.21 -47.01
C ILE B 209 -11.94 -5.09 -47.15
N PHE B 210 -11.86 -5.89 -48.21
CA PHE B 210 -10.85 -6.95 -48.28
C PHE B 210 -9.42 -6.44 -48.31
N PRO B 211 -9.05 -5.42 -49.11
CA PRO B 211 -7.70 -4.86 -49.03
C PRO B 211 -7.27 -4.57 -47.61
N LEU B 212 -8.21 -4.11 -46.78
CA LEU B 212 -7.90 -3.86 -45.38
C LEU B 212 -7.65 -5.16 -44.65
N LEU B 213 -8.59 -6.12 -44.77
CA LEU B 213 -8.49 -7.39 -44.07
C LEU B 213 -7.11 -8.02 -44.25
N GLU B 214 -6.61 -8.01 -45.49
CA GLU B 214 -5.27 -8.55 -45.75
C GLU B 214 -4.22 -7.88 -44.86
N LYS B 215 -4.10 -6.56 -44.94
CA LYS B 215 -3.01 -5.88 -44.26
C LYS B 215 -3.19 -5.79 -42.75
N TYR B 216 -4.42 -5.90 -42.25
CA TYR B 216 -4.68 -5.68 -40.84
C TYR B 216 -4.89 -6.97 -40.06
N CYS B 217 -5.77 -7.85 -40.52
CA CYS B 217 -6.10 -9.02 -39.74
C CYS B 217 -5.26 -10.24 -40.10
N GLY B 218 -4.68 -10.29 -41.30
CA GLY B 218 -3.89 -11.44 -41.69
C GLY B 218 -4.58 -12.30 -42.72
N PHE B 219 -5.28 -11.67 -43.67
CA PHE B 219 -6.07 -12.37 -44.68
C PHE B 219 -5.27 -12.70 -45.92
N HIS B 220 -3.99 -13.01 -45.77
CA HIS B 220 -3.21 -13.46 -46.92
C HIS B 220 -3.34 -14.97 -47.06
N GLU B 221 -2.90 -15.47 -48.20
CA GLU B 221 -2.92 -16.91 -48.43
C GLU B 221 -1.82 -17.64 -47.69
N ASP B 222 -0.87 -16.91 -47.10
CA ASP B 222 0.21 -17.54 -46.36
C ASP B 222 -0.05 -17.51 -44.86
N ASN B 223 -1.31 -17.30 -44.46
CA ASN B 223 -1.61 -17.15 -43.05
C ASN B 223 -3.10 -17.36 -42.80
N ILE B 224 -3.41 -17.99 -41.68
CA ILE B 224 -4.79 -18.17 -41.23
C ILE B 224 -5.02 -17.18 -40.09
N PRO B 225 -6.05 -16.32 -40.17
CA PRO B 225 -6.30 -15.42 -39.05
C PRO B 225 -6.86 -16.18 -37.86
N GLN B 226 -6.49 -15.72 -36.67
CA GLN B 226 -7.07 -16.24 -35.45
C GLN B 226 -8.32 -15.45 -35.12
N LEU B 227 -9.38 -16.19 -34.74
CA LEU B 227 -10.70 -15.61 -34.55
C LEU B 227 -10.70 -14.36 -33.68
N GLU B 228 -9.84 -14.30 -32.67
CA GLU B 228 -9.91 -13.22 -31.69
C GLU B 228 -9.69 -11.85 -32.36
N ASP B 229 -8.60 -11.72 -33.11
CA ASP B 229 -8.30 -10.44 -33.77
C ASP B 229 -9.39 -10.06 -34.75
N VAL B 230 -9.89 -11.02 -35.53
CA VAL B 230 -10.94 -10.76 -36.51
C VAL B 230 -12.20 -10.26 -35.80
N SER B 231 -12.59 -10.94 -34.72
CA SER B 231 -13.68 -10.45 -33.88
C SER B 231 -13.48 -8.99 -33.53
N GLN B 232 -12.27 -8.66 -33.05
CA GLN B 232 -11.97 -7.28 -32.68
C GLN B 232 -12.15 -6.31 -33.85
N PHE B 233 -11.65 -6.70 -35.02
CA PHE B 233 -11.82 -5.90 -36.23
C PHE B 233 -13.30 -5.63 -36.49
N LEU B 234 -14.12 -6.67 -36.38
CA LEU B 234 -15.54 -6.52 -36.64
C LEU B 234 -16.20 -5.65 -35.58
N GLN B 235 -15.67 -5.65 -34.35
CA GLN B 235 -16.19 -4.72 -33.35
C GLN B 235 -15.80 -3.29 -33.65
N THR B 236 -14.61 -3.08 -34.24
CA THR B 236 -14.23 -1.73 -34.65
C THR B 236 -15.05 -1.24 -35.84
N CYS B 237 -15.58 -2.17 -36.64
CA CYS B 237 -16.40 -1.74 -37.77
C CYS B 237 -17.88 -1.63 -37.42
N THR B 238 -18.41 -2.62 -36.71
CA THR B 238 -19.85 -2.78 -36.50
C THR B 238 -20.22 -3.25 -35.11
N GLY B 239 -19.27 -3.37 -34.18
CA GLY B 239 -19.60 -4.03 -32.93
C GLY B 239 -19.89 -5.50 -33.07
N PHE B 240 -19.56 -6.09 -34.22
CA PHE B 240 -19.81 -7.50 -34.46
C PHE B 240 -18.66 -8.32 -33.89
N ARG B 241 -18.99 -9.47 -33.31
CA ARG B 241 -18.03 -10.29 -32.60
C ARG B 241 -18.07 -11.70 -33.16
N LEU B 242 -16.92 -12.36 -33.12
CA LEU B 242 -16.85 -13.74 -33.58
C LEU B 242 -16.93 -14.63 -32.35
N ARG B 243 -17.95 -15.47 -32.30
CA ARG B 243 -18.11 -16.38 -31.19
C ARG B 243 -17.99 -17.80 -31.69
N PRO B 244 -16.99 -18.56 -31.23
CA PRO B 244 -16.80 -19.93 -31.73
C PRO B 244 -17.95 -20.84 -31.34
N VAL B 245 -18.63 -21.35 -32.35
CA VAL B 245 -19.65 -22.38 -32.16
C VAL B 245 -19.26 -23.59 -33.00
N ALA B 246 -19.44 -24.78 -32.44
CA ALA B 246 -18.96 -25.99 -33.09
C ALA B 246 -19.67 -26.26 -34.41
N GLY B 247 -20.97 -25.94 -34.50
CA GLY B 247 -21.70 -26.15 -35.73
C GLY B 247 -22.80 -25.10 -35.85
N LEU B 248 -23.59 -25.25 -36.91
CA LEU B 248 -24.78 -24.41 -37.04
C LEU B 248 -25.76 -24.80 -35.94
N LEU B 249 -26.02 -23.86 -35.02
CA LEU B 249 -26.84 -24.11 -33.84
C LEU B 249 -28.30 -24.16 -34.25
N SER B 250 -29.16 -23.90 -33.28
CA SER B 250 -30.58 -23.80 -33.55
C SER B 250 -30.91 -22.48 -34.25
N SER B 251 -31.93 -22.53 -35.11
CA SER B 251 -32.29 -21.38 -35.94
C SER B 251 -32.60 -20.15 -35.10
N ARG B 252 -33.53 -20.26 -34.14
CA ARG B 252 -33.90 -19.12 -33.32
C ARG B 252 -32.68 -18.56 -32.59
N ASP B 253 -31.84 -19.42 -32.03
CA ASP B 253 -30.69 -18.96 -31.26
C ASP B 253 -29.61 -18.38 -32.16
N PHE B 254 -29.36 -19.01 -33.30
CA PHE B 254 -28.44 -18.44 -34.28
C PHE B 254 -28.84 -17.02 -34.65
N LEU B 255 -30.10 -16.84 -35.05
CA LEU B 255 -30.56 -15.53 -35.44
C LEU B 255 -30.68 -14.57 -34.26
N GLY B 256 -30.87 -15.10 -33.04
CA GLY B 256 -30.85 -14.24 -31.87
C GLY B 256 -29.47 -13.69 -31.61
N GLY B 257 -28.45 -14.55 -31.72
CA GLY B 257 -27.09 -14.06 -31.63
C GLY B 257 -26.81 -13.01 -32.69
N LEU B 258 -27.36 -13.20 -33.91
CA LEU B 258 -27.22 -12.16 -34.92
C LEU B 258 -27.94 -10.87 -34.50
N ALA B 259 -29.00 -10.99 -33.70
CA ALA B 259 -29.64 -9.79 -33.15
C ALA B 259 -28.68 -9.03 -32.25
N PHE B 260 -27.89 -9.73 -31.44
CA PHE B 260 -26.94 -9.11 -30.53
C PHE B 260 -25.67 -8.62 -31.22
N ARG B 261 -25.65 -8.56 -32.56
CA ARG B 261 -24.44 -8.25 -33.32
C ARG B 261 -23.33 -9.24 -32.99
N VAL B 262 -23.68 -10.52 -32.88
CA VAL B 262 -22.74 -11.60 -32.63
C VAL B 262 -22.87 -12.64 -33.75
N PHE B 263 -21.75 -12.94 -34.40
CA PHE B 263 -21.70 -13.93 -35.48
C PHE B 263 -21.16 -15.25 -34.93
N HIS B 264 -21.99 -16.30 -35.00
CA HIS B 264 -21.56 -17.65 -34.66
C HIS B 264 -20.82 -18.28 -35.84
N CYS B 265 -19.63 -18.80 -35.58
CA CYS B 265 -18.77 -19.29 -36.64
C CYS B 265 -17.99 -20.52 -36.19
N THR B 266 -17.50 -21.28 -37.17
CA THR B 266 -16.71 -22.48 -36.95
C THR B 266 -15.24 -22.15 -37.15
N GLN B 267 -14.38 -22.86 -36.42
CA GLN B 267 -12.93 -22.67 -36.56
C GLN B 267 -12.22 -23.85 -37.18
N TYR B 268 -12.92 -24.92 -37.52
CA TYR B 268 -12.22 -26.05 -38.10
C TYR B 268 -12.22 -25.86 -39.61
N ILE B 269 -11.29 -26.54 -40.28
CA ILE B 269 -11.16 -26.43 -41.72
C ILE B 269 -11.68 -27.71 -42.35
N ARG B 270 -11.90 -27.67 -43.65
CA ARG B 270 -12.35 -28.86 -44.34
C ARG B 270 -11.16 -29.80 -44.52
N HIS B 271 -11.46 -31.03 -44.93
CA HIS B 271 -10.40 -32.00 -45.15
C HIS B 271 -9.72 -31.72 -46.48
N GLY B 272 -8.43 -32.08 -46.54
CA GLY B 272 -7.60 -31.80 -47.71
C GLY B 272 -8.01 -32.53 -48.97
N SER B 273 -8.91 -33.51 -48.87
CA SER B 273 -9.25 -34.31 -50.03
C SER B 273 -9.96 -33.48 -51.10
N LYS B 274 -10.98 -32.71 -50.70
CA LYS B 274 -11.81 -31.95 -51.64
C LYS B 274 -11.82 -30.50 -51.20
N PRO B 275 -10.84 -29.70 -51.65
CA PRO B 275 -10.67 -28.34 -51.11
C PRO B 275 -11.72 -27.33 -51.57
N MET B 276 -12.64 -27.69 -52.47
CA MET B 276 -13.72 -26.79 -52.87
C MET B 276 -15.07 -27.39 -52.51
N TYR B 277 -15.07 -28.36 -51.61
CA TYR B 277 -16.29 -28.94 -51.08
C TYR B 277 -16.12 -29.18 -49.59
N THR B 278 -17.01 -28.59 -48.79
CA THR B 278 -17.09 -28.85 -47.36
C THR B 278 -18.59 -28.92 -47.10
N PRO B 279 -19.08 -29.97 -46.44
CA PRO B 279 -20.53 -30.05 -46.18
C PRO B 279 -21.00 -29.06 -45.14
N GLU B 280 -20.16 -28.71 -44.17
CA GLU B 280 -20.53 -27.83 -43.09
C GLU B 280 -19.61 -26.63 -43.06
N PRO B 281 -20.15 -25.42 -42.85
CA PRO B 281 -19.33 -24.22 -43.01
C PRO B 281 -18.09 -24.31 -42.15
N ASP B 282 -16.98 -23.86 -42.69
CA ASP B 282 -15.68 -24.02 -42.05
C ASP B 282 -15.08 -22.66 -41.78
N ILE B 283 -13.88 -22.68 -41.20
CA ILE B 283 -13.13 -21.45 -40.97
C ILE B 283 -13.11 -20.62 -42.25
N CYS B 284 -12.80 -21.28 -43.37
CA CYS B 284 -12.68 -20.57 -44.64
C CYS B 284 -14.02 -20.01 -45.10
N HIS B 285 -15.10 -20.78 -44.91
CA HIS B 285 -16.42 -20.29 -45.33
C HIS B 285 -16.78 -19.01 -44.59
N GLU B 286 -16.46 -18.92 -43.29
CA GLU B 286 -16.81 -17.72 -42.55
C GLU B 286 -15.91 -16.56 -42.93
N LEU B 287 -14.59 -16.79 -42.95
CA LEU B 287 -13.68 -15.66 -43.20
C LEU B 287 -13.75 -15.13 -44.63
N LEU B 288 -14.22 -15.94 -45.59
CA LEU B 288 -14.30 -15.45 -46.96
C LEU B 288 -15.72 -15.26 -47.46
N GLY B 289 -16.71 -15.89 -46.82
CA GLY B 289 -18.10 -15.68 -47.15
C GLY B 289 -18.81 -14.66 -46.27
N HIS B 290 -18.79 -14.86 -44.95
CA HIS B 290 -19.60 -14.04 -44.04
C HIS B 290 -18.95 -12.72 -43.63
N VAL B 291 -17.84 -12.81 -42.88
CA VAL B 291 -17.33 -11.65 -42.12
C VAL B 291 -17.18 -10.37 -42.95
N PRO B 292 -16.50 -10.37 -44.11
CA PRO B 292 -16.11 -9.08 -44.71
C PRO B 292 -17.28 -8.13 -44.89
N LEU B 293 -18.48 -8.65 -45.17
CA LEU B 293 -19.65 -7.80 -45.19
C LEU B 293 -20.15 -7.49 -43.78
N PHE B 294 -19.94 -8.40 -42.82
CA PHE B 294 -20.22 -8.09 -41.43
C PHE B 294 -19.38 -6.91 -40.94
N SER B 295 -18.41 -6.48 -41.74
CA SER B 295 -17.65 -5.27 -41.45
C SER B 295 -18.29 -4.00 -42.00
N ASP B 296 -19.41 -4.09 -42.72
CA ASP B 296 -20.14 -2.91 -43.15
C ASP B 296 -21.37 -2.69 -42.27
N ARG B 297 -21.53 -1.47 -41.76
CA ARG B 297 -22.66 -1.16 -40.88
C ARG B 297 -23.99 -1.30 -41.62
N SER B 298 -24.08 -0.76 -42.84
CA SER B 298 -25.34 -0.83 -43.58
C SER B 298 -25.84 -2.26 -43.70
N PHE B 299 -24.94 -3.19 -43.99
CA PHE B 299 -25.28 -4.60 -43.97
C PHE B 299 -25.54 -5.10 -42.55
N ALA B 300 -24.77 -4.60 -41.58
CA ALA B 300 -24.87 -5.07 -40.21
C ALA B 300 -26.25 -4.86 -39.62
N GLN B 301 -26.75 -3.63 -39.67
CA GLN B 301 -28.09 -3.32 -39.17
C GLN B 301 -29.15 -4.18 -39.86
N PHE B 302 -29.02 -4.39 -41.16
CA PHE B 302 -29.89 -5.29 -41.91
C PHE B 302 -29.93 -6.68 -41.28
N SER B 303 -28.76 -7.33 -41.19
CA SER B 303 -28.67 -8.67 -40.62
C SER B 303 -29.25 -8.70 -39.21
N GLN B 304 -28.91 -7.68 -38.41
CA GLN B 304 -29.37 -7.62 -37.04
C GLN B 304 -30.89 -7.50 -36.99
N GLU B 305 -31.47 -6.69 -37.87
CA GLU B 305 -32.93 -6.58 -37.94
C GLU B 305 -33.57 -7.94 -38.17
N ILE B 306 -33.00 -8.75 -39.07
CA ILE B 306 -33.48 -10.13 -39.19
C ILE B 306 -33.39 -10.86 -37.85
N GLY B 307 -32.22 -10.77 -37.22
CA GLY B 307 -32.04 -11.31 -35.89
C GLY B 307 -33.18 -10.97 -34.96
N LEU B 308 -33.46 -9.68 -34.85
CA LEU B 308 -34.56 -9.17 -34.03
C LEU B 308 -35.88 -9.84 -34.43
N ALA B 309 -36.10 -10.02 -35.74
CA ALA B 309 -37.32 -10.65 -36.18
C ALA B 309 -37.42 -12.09 -35.68
N SER B 310 -36.27 -12.71 -35.41
CA SER B 310 -36.28 -14.07 -34.85
C SER B 310 -36.84 -14.12 -33.44
N LEU B 311 -36.77 -13.02 -32.69
CA LEU B 311 -37.04 -13.05 -31.25
C LEU B 311 -38.51 -13.34 -30.94
N GLY B 312 -38.72 -14.31 -30.06
CA GLY B 312 -40.07 -14.63 -29.60
C GLY B 312 -41.00 -15.13 -30.68
N ALA B 313 -40.45 -15.49 -31.85
CA ALA B 313 -41.30 -15.79 -32.99
C ALA B 313 -41.68 -17.27 -33.06
N PRO B 314 -42.85 -17.56 -33.62
CA PRO B 314 -43.30 -18.94 -33.76
C PRO B 314 -42.51 -19.69 -34.82
N ASP B 315 -42.49 -21.02 -34.67
CA ASP B 315 -41.69 -21.91 -35.53
C ASP B 315 -41.98 -21.70 -37.01
N GLU B 316 -43.25 -21.57 -37.38
CA GLU B 316 -43.58 -21.32 -38.79
C GLU B 316 -42.80 -20.14 -39.34
N TYR B 317 -42.86 -19.01 -38.64
CA TYR B 317 -42.17 -17.83 -39.15
C TYR B 317 -40.66 -17.91 -38.97
N ILE B 318 -40.14 -18.84 -38.15
CA ILE B 318 -38.69 -18.97 -38.13
C ILE B 318 -38.21 -19.80 -39.31
N GLU B 319 -38.98 -20.81 -39.73
CA GLU B 319 -38.69 -21.46 -41.00
C GLU B 319 -38.70 -20.46 -42.15
N LYS B 320 -39.68 -19.55 -42.15
CA LYS B 320 -39.74 -18.54 -43.22
C LYS B 320 -38.57 -17.57 -43.12
N LEU B 321 -38.17 -17.20 -41.90
CA LEU B 321 -36.99 -16.36 -41.75
C LEU B 321 -35.75 -17.06 -42.28
N ALA B 322 -35.53 -18.31 -41.85
CA ALA B 322 -34.42 -19.10 -42.40
C ALA B 322 -34.41 -19.05 -43.92
N THR B 323 -35.59 -19.17 -44.54
CA THR B 323 -35.67 -19.01 -45.99
C THR B 323 -35.08 -17.67 -46.42
N ILE B 324 -35.50 -16.58 -45.76
CA ILE B 324 -35.02 -15.25 -46.10
C ILE B 324 -33.50 -15.15 -45.95
N TYR B 325 -33.01 -15.48 -44.74
CA TYR B 325 -31.57 -15.55 -44.47
C TYR B 325 -30.82 -16.24 -45.59
N TRP B 326 -31.34 -17.40 -46.02
CA TRP B 326 -30.70 -18.13 -47.12
C TRP B 326 -30.65 -17.27 -48.37
N PHE B 327 -31.82 -16.78 -48.78
CA PHE B 327 -31.92 -16.05 -50.04
C PHE B 327 -31.30 -14.67 -49.95
N THR B 328 -30.90 -14.21 -48.76
CA THR B 328 -30.36 -12.86 -48.67
C THR B 328 -28.89 -12.85 -48.24
N VAL B 329 -28.62 -13.14 -46.97
CA VAL B 329 -27.24 -13.09 -46.49
C VAL B 329 -26.40 -14.16 -47.16
N GLU B 330 -26.90 -15.40 -47.14
CA GLU B 330 -26.10 -16.51 -47.64
C GLU B 330 -26.10 -16.57 -49.17
N PHE B 331 -27.22 -16.25 -49.81
CA PHE B 331 -27.33 -16.37 -51.27
C PHE B 331 -28.11 -15.19 -51.86
N GLY B 332 -27.69 -13.98 -51.51
CA GLY B 332 -28.37 -12.82 -52.07
C GLY B 332 -27.57 -12.14 -53.15
N LEU B 333 -28.25 -11.31 -53.94
CA LEU B 333 -27.61 -10.46 -54.94
C LEU B 333 -28.09 -9.04 -54.73
N CYS B 334 -27.35 -8.09 -55.30
CA CYS B 334 -27.62 -6.68 -55.04
C CYS B 334 -27.48 -5.91 -56.34
N LYS B 335 -28.47 -5.06 -56.62
CA LYS B 335 -28.33 -4.12 -57.72
C LYS B 335 -27.23 -3.13 -57.39
N GLN B 336 -26.43 -2.79 -58.39
CA GLN B 336 -25.27 -1.94 -58.18
C GLN B 336 -25.19 -0.99 -59.36
N GLY B 337 -26.26 -0.22 -59.52
CA GLY B 337 -26.37 0.82 -60.54
C GLY B 337 -26.70 0.24 -61.90
N ASP B 338 -25.69 -0.34 -62.55
CA ASP B 338 -25.87 -1.00 -63.84
C ASP B 338 -25.84 -2.50 -63.72
N SER B 339 -25.06 -3.03 -62.79
CA SER B 339 -24.80 -4.46 -62.70
C SER B 339 -25.54 -5.04 -61.51
N ILE B 340 -25.50 -6.37 -61.44
CA ILE B 340 -25.90 -7.11 -60.25
C ILE B 340 -24.67 -7.86 -59.76
N LYS B 341 -24.43 -7.80 -58.46
CA LYS B 341 -23.28 -8.46 -57.86
C LYS B 341 -23.74 -9.24 -56.63
N ALA B 342 -22.91 -10.20 -56.24
CA ALA B 342 -23.27 -11.15 -55.22
C ALA B 342 -22.82 -10.67 -53.84
N TYR B 343 -23.74 -10.62 -52.90
CA TYR B 343 -23.42 -10.40 -51.50
C TYR B 343 -23.76 -11.62 -50.66
N GLY B 344 -24.25 -12.68 -51.29
CA GLY B 344 -24.50 -13.91 -50.55
C GLY B 344 -23.24 -14.42 -49.87
N ALA B 345 -23.39 -14.91 -48.64
CA ALA B 345 -22.25 -15.46 -47.92
C ALA B 345 -21.88 -16.85 -48.41
N GLY B 346 -22.86 -17.60 -48.94
CA GLY B 346 -22.54 -18.87 -49.58
C GLY B 346 -22.13 -18.71 -51.03
N LEU B 347 -22.64 -17.66 -51.69
CA LEU B 347 -22.24 -17.37 -53.07
C LEU B 347 -20.75 -17.07 -53.16
N LEU B 348 -20.25 -16.19 -52.30
CA LEU B 348 -18.87 -15.76 -52.36
C LEU B 348 -17.90 -16.77 -51.77
N SER B 349 -18.40 -17.93 -51.33
CA SER B 349 -17.57 -18.96 -50.74
C SER B 349 -17.48 -20.24 -51.58
N SER B 350 -18.35 -20.40 -52.57
CA SER B 350 -18.35 -21.57 -53.45
C SER B 350 -17.91 -21.09 -54.83
N PHE B 351 -16.73 -21.55 -55.25
CA PHE B 351 -16.07 -21.00 -56.43
C PHE B 351 -16.94 -21.12 -57.68
N GLY B 352 -17.54 -22.28 -57.89
CA GLY B 352 -18.36 -22.49 -59.07
C GLY B 352 -19.58 -21.58 -59.11
N GLU B 353 -20.27 -21.47 -57.96
CA GLU B 353 -21.49 -20.68 -57.92
C GLU B 353 -21.26 -19.19 -58.04
N LEU B 354 -20.07 -18.69 -57.67
CA LEU B 354 -19.81 -17.28 -57.88
C LEU B 354 -19.82 -16.91 -59.36
N GLN B 355 -19.55 -17.88 -60.21
CA GLN B 355 -19.64 -17.74 -61.66
C GLN B 355 -21.04 -18.06 -62.18
N TYR B 356 -21.55 -19.24 -61.80
CA TYR B 356 -22.90 -19.65 -62.20
C TYR B 356 -23.91 -18.53 -61.92
N CYS B 357 -23.75 -17.83 -60.80
CA CYS B 357 -24.70 -16.78 -60.44
C CYS B 357 -24.69 -15.65 -61.46
N LEU B 358 -23.49 -15.33 -61.95
CA LEU B 358 -23.31 -14.20 -62.92
C LEU B 358 -23.58 -14.62 -64.37
N SER B 359 -24.11 -15.83 -64.60
CA SER B 359 -24.39 -16.25 -65.96
C SER B 359 -25.85 -15.91 -66.26
N GLU B 360 -26.23 -16.05 -67.52
CA GLU B 360 -27.63 -15.82 -67.86
C GLU B 360 -28.49 -17.04 -67.53
N LYS B 361 -27.87 -18.15 -67.12
CA LYS B 361 -28.54 -19.38 -66.75
C LYS B 361 -29.62 -19.18 -65.69
N PRO B 362 -29.31 -18.65 -64.50
CA PRO B 362 -30.26 -18.72 -63.40
C PRO B 362 -31.33 -17.64 -63.47
N LYS B 363 -32.34 -17.81 -62.62
CA LYS B 363 -33.47 -16.90 -62.55
C LYS B 363 -33.17 -15.83 -61.51
N LEU B 364 -33.58 -14.59 -61.82
CA LEU B 364 -33.28 -13.43 -60.99
C LEU B 364 -34.58 -12.68 -60.76
N LEU B 365 -34.92 -12.44 -59.49
CA LEU B 365 -36.18 -11.83 -59.14
C LEU B 365 -35.99 -10.72 -58.11
N PRO B 366 -36.83 -9.69 -58.18
CA PRO B 366 -36.76 -8.62 -57.18
C PRO B 366 -37.09 -9.13 -55.79
N LEU B 367 -36.22 -8.83 -54.83
CA LEU B 367 -36.40 -9.32 -53.48
C LEU B 367 -37.71 -8.81 -52.92
N GLU B 368 -38.60 -9.72 -52.54
CA GLU B 368 -39.87 -9.38 -51.92
C GLU B 368 -40.29 -10.53 -51.02
N LEU B 369 -40.52 -10.23 -49.73
CA LEU B 369 -40.58 -11.31 -48.74
C LEU B 369 -41.86 -12.14 -48.81
N GLU B 370 -42.97 -11.58 -49.30
CA GLU B 370 -44.20 -12.38 -49.42
C GLU B 370 -43.97 -13.67 -50.19
N LYS B 371 -43.18 -13.63 -51.24
CA LYS B 371 -42.86 -14.85 -51.98
C LYS B 371 -41.54 -15.47 -51.53
N THR B 372 -40.56 -14.63 -51.22
CA THR B 372 -39.21 -15.10 -50.90
C THR B 372 -39.21 -16.07 -49.73
N ALA B 373 -40.12 -15.88 -48.77
CA ALA B 373 -40.22 -16.80 -47.64
C ALA B 373 -40.82 -18.14 -48.05
N ILE B 374 -41.88 -18.11 -48.86
CA ILE B 374 -42.61 -19.30 -49.28
C ILE B 374 -41.93 -19.82 -50.54
N GLN B 375 -40.61 -19.63 -50.62
CA GLN B 375 -39.81 -20.04 -51.76
C GLN B 375 -38.99 -21.24 -51.30
N ASN B 376 -39.31 -22.41 -51.84
CA ASN B 376 -38.63 -23.63 -51.44
C ASN B 376 -37.35 -23.84 -52.24
N TYR B 377 -36.44 -24.61 -51.66
CA TYR B 377 -35.11 -24.77 -52.22
C TYR B 377 -34.52 -26.11 -51.78
N THR B 378 -33.32 -26.38 -52.27
CA THR B 378 -32.57 -27.58 -51.95
C THR B 378 -31.23 -27.20 -51.35
N VAL B 379 -30.66 -28.14 -50.59
CA VAL B 379 -29.39 -27.90 -49.90
C VAL B 379 -28.21 -28.20 -50.81
N THR B 380 -28.23 -29.35 -51.49
CA THR B 380 -27.06 -29.79 -52.25
C THR B 380 -27.04 -29.29 -53.69
N GLU B 381 -28.14 -28.76 -54.22
CA GLU B 381 -28.16 -28.38 -55.63
C GLU B 381 -28.07 -26.87 -55.76
N PHE B 382 -27.25 -26.44 -56.71
CA PHE B 382 -27.08 -25.03 -57.05
C PHE B 382 -28.41 -24.36 -57.39
N GLN B 383 -28.71 -23.30 -56.66
CA GLN B 383 -30.01 -22.66 -56.64
C GLN B 383 -30.43 -22.16 -58.03
N PRO B 384 -31.55 -22.63 -58.57
CA PRO B 384 -31.99 -22.14 -59.89
C PRO B 384 -32.25 -20.64 -59.92
N LEU B 385 -32.96 -20.10 -58.93
CA LEU B 385 -33.36 -18.70 -58.94
C LEU B 385 -32.70 -17.94 -57.81
N TYR B 386 -32.52 -16.63 -58.04
CA TYR B 386 -31.91 -15.75 -57.07
C TYR B 386 -32.77 -14.51 -56.86
N TYR B 387 -32.49 -13.80 -55.78
CA TYR B 387 -33.20 -12.60 -55.38
C TYR B 387 -32.22 -11.44 -55.27
N VAL B 388 -32.61 -10.29 -55.80
CA VAL B 388 -31.73 -9.13 -55.86
C VAL B 388 -32.33 -8.03 -54.99
N ALA B 389 -31.51 -7.45 -54.13
CA ALA B 389 -31.97 -6.31 -53.34
C ALA B 389 -31.65 -5.02 -54.07
N GLU B 390 -32.25 -3.93 -53.60
CA GLU B 390 -32.03 -2.61 -54.19
C GLU B 390 -30.84 -1.95 -53.50
N SER B 391 -30.98 -1.69 -52.21
CA SER B 391 -29.86 -1.34 -51.34
C SER B 391 -30.09 -2.03 -50.00
N PHE B 392 -28.99 -2.23 -49.26
CA PHE B 392 -29.07 -2.95 -47.98
C PHE B 392 -30.12 -2.34 -47.08
N ASN B 393 -30.17 -1.01 -47.04
CA ASN B 393 -31.14 -0.33 -46.18
C ASN B 393 -32.56 -0.68 -46.60
N ASP B 394 -32.82 -0.69 -47.92
CA ASP B 394 -34.13 -1.09 -48.40
C ASP B 394 -34.49 -2.51 -47.96
N ALA B 395 -33.50 -3.43 -48.00
CA ALA B 395 -33.73 -4.78 -47.51
C ALA B 395 -34.07 -4.78 -46.01
N LYS B 396 -33.35 -3.96 -45.24
CA LYS B 396 -33.69 -3.78 -43.83
C LYS B 396 -35.15 -3.35 -43.67
N GLU B 397 -35.53 -2.31 -44.41
CA GLU B 397 -36.92 -1.84 -44.42
C GLU B 397 -37.89 -2.98 -44.67
N LYS B 398 -37.64 -3.79 -45.69
CA LYS B 398 -38.56 -4.89 -46.01
C LYS B 398 -38.65 -5.90 -44.86
N VAL B 399 -37.51 -6.25 -44.27
CA VAL B 399 -37.51 -7.13 -43.11
C VAL B 399 -38.40 -6.56 -42.02
N ARG B 400 -38.17 -5.28 -41.67
CA ARG B 400 -38.99 -4.60 -40.67
C ARG B 400 -40.47 -4.61 -41.04
N ASN B 401 -40.76 -4.40 -42.33
CA ASN B 401 -42.14 -4.41 -42.80
C ASN B 401 -42.82 -5.72 -42.47
N PHE B 402 -42.29 -6.83 -42.97
CA PHE B 402 -42.92 -8.10 -42.62
C PHE B 402 -42.85 -8.38 -41.11
N ALA B 403 -41.83 -7.85 -40.42
CA ALA B 403 -41.79 -8.00 -38.98
C ALA B 403 -43.06 -7.43 -38.36
N ALA B 404 -43.57 -6.33 -38.91
CA ALA B 404 -44.86 -5.81 -38.48
C ALA B 404 -45.99 -6.82 -38.63
N THR B 405 -45.77 -7.97 -39.29
CA THR B 405 -46.76 -9.03 -39.43
C THR B 405 -46.52 -10.22 -38.51
N ILE B 406 -45.30 -10.40 -38.02
CA ILE B 406 -44.96 -11.56 -37.18
C ILE B 406 -45.83 -11.51 -35.92
N PRO B 407 -46.44 -12.63 -35.48
CA PRO B 407 -47.37 -12.55 -34.35
C PRO B 407 -46.68 -12.58 -32.99
N ARG B 408 -46.50 -11.41 -32.37
CA ARG B 408 -45.98 -11.39 -31.02
C ARG B 408 -46.68 -10.38 -30.12
N PRO B 409 -46.96 -10.73 -28.87
CA PRO B 409 -47.67 -9.82 -27.98
C PRO B 409 -46.73 -8.81 -27.33
N PHE B 410 -45.73 -8.35 -28.08
CA PHE B 410 -44.80 -7.31 -27.66
C PHE B 410 -43.86 -7.03 -28.82
N SER B 411 -43.20 -5.89 -28.75
CA SER B 411 -42.21 -5.51 -29.75
C SER B 411 -40.82 -5.78 -29.19
N VAL B 412 -39.80 -5.55 -30.02
CA VAL B 412 -38.42 -5.79 -29.62
C VAL B 412 -37.56 -4.62 -30.09
N ARG B 413 -36.49 -4.38 -29.35
CA ARG B 413 -35.49 -3.38 -29.69
C ARG B 413 -34.26 -3.60 -28.84
N TYR B 414 -33.09 -3.51 -29.46
CA TYR B 414 -31.84 -3.81 -28.79
C TYR B 414 -31.29 -2.52 -28.18
N ASP B 415 -30.83 -2.62 -26.93
CA ASP B 415 -30.23 -1.47 -26.27
C ASP B 415 -28.73 -1.55 -26.50
N PRO B 416 -28.16 -0.66 -27.31
CA PRO B 416 -26.73 -0.75 -27.61
C PRO B 416 -25.85 -0.60 -26.37
N TYR B 417 -26.26 0.23 -25.42
CA TYR B 417 -25.43 0.47 -24.23
C TYR B 417 -25.45 -0.73 -23.29
N THR B 418 -26.62 -1.08 -22.75
CA THR B 418 -26.71 -2.18 -21.79
C THR B 418 -26.46 -3.54 -22.44
N GLN B 419 -26.53 -3.63 -23.76
CA GLN B 419 -26.48 -4.91 -24.47
C GLN B 419 -27.56 -5.85 -23.94
N ARG B 420 -28.76 -5.28 -23.75
CA ARG B 420 -29.96 -6.03 -23.43
C ARG B 420 -31.08 -5.60 -24.37
N ILE B 421 -32.00 -6.52 -24.65
CA ILE B 421 -33.08 -6.21 -25.57
C ILE B 421 -34.16 -5.48 -24.77
N GLU B 422 -34.35 -4.21 -25.07
CA GLU B 422 -35.52 -3.51 -24.53
C GLU B 422 -36.75 -4.07 -25.23
N VAL B 423 -37.54 -4.83 -24.49
CA VAL B 423 -38.81 -5.38 -24.98
C VAL B 423 -39.93 -4.39 -24.70
N LEU B 424 -40.64 -3.98 -25.75
CA LEU B 424 -41.64 -2.93 -25.65
C LEU B 424 -43.03 -3.51 -25.78
N ASP B 425 -43.95 -3.02 -24.94
CA ASP B 425 -45.37 -3.28 -25.03
C ASP B 425 -46.03 -2.05 -25.63
N ASN B 426 -47.36 -1.98 -25.55
CA ASN B 426 -48.06 -0.76 -25.90
C ASN B 426 -47.42 0.41 -25.17
N THR B 427 -47.40 0.32 -23.84
CA THR B 427 -47.02 1.46 -22.99
C THR B 427 -45.52 1.75 -23.09
N GLN B 428 -44.70 0.73 -23.37
CA GLN B 428 -43.25 0.95 -23.45
C GLN B 428 -42.86 1.57 -24.79
N GLN B 429 -43.60 1.21 -25.86
CA GLN B 429 -43.31 1.68 -27.21
C GLN B 429 -43.27 3.21 -27.31
N LEU B 430 -44.06 3.90 -26.50
CA LEU B 430 -44.22 5.34 -26.71
C LEU B 430 -42.98 6.12 -26.28
N LYS B 431 -42.60 6.02 -25.02
CA LYS B 431 -41.58 6.91 -24.46
C LYS B 431 -40.20 6.70 -25.08
N ILE B 432 -39.91 5.52 -25.62
CA ILE B 432 -38.54 5.18 -25.97
C ILE B 432 -38.05 5.97 -27.18
N LEU B 433 -38.84 5.98 -28.26
CA LEU B 433 -38.33 6.58 -29.54
C LEU B 433 -38.63 8.08 -29.70
N ALA B 434 -39.79 8.56 -29.27
CA ALA B 434 -40.17 9.95 -29.53
C ALA B 434 -39.18 10.94 -28.94
N ASP B 435 -38.83 10.82 -27.67
CA ASP B 435 -38.01 11.85 -27.04
C ASP B 435 -36.58 11.82 -27.58
N SER B 436 -36.02 10.62 -27.76
CA SER B 436 -34.71 10.51 -28.38
C SER B 436 -34.69 11.19 -29.75
N ILE B 437 -35.73 10.94 -30.57
CA ILE B 437 -35.80 11.56 -31.89
C ILE B 437 -36.06 13.04 -31.78
N ASN B 438 -36.76 13.48 -30.73
CA ASN B 438 -36.96 14.91 -30.51
C ASN B 438 -35.63 15.60 -30.28
N SER B 439 -34.77 15.00 -29.47
CA SER B 439 -33.44 15.55 -29.28
C SER B 439 -32.64 15.55 -30.59
N GLU B 440 -32.69 14.43 -31.31
CA GLU B 440 -32.00 14.35 -32.60
C GLU B 440 -32.47 15.42 -33.56
N ILE B 441 -33.78 15.66 -33.63
CA ILE B 441 -34.29 16.65 -34.55
C ILE B 441 -33.91 18.04 -34.06
N GLY B 442 -33.82 18.25 -32.75
CA GLY B 442 -33.33 19.53 -32.24
C GLY B 442 -31.91 19.81 -32.71
N ILE B 443 -31.00 18.86 -32.48
CA ILE B 443 -29.62 19.04 -32.92
C ILE B 443 -29.58 19.21 -34.44
N LEU B 444 -30.50 18.55 -35.15
CA LEU B 444 -30.55 18.72 -36.60
C LEU B 444 -31.02 20.12 -36.98
N CYS B 445 -32.04 20.62 -36.28
CA CYS B 445 -32.54 21.98 -36.52
C CYS B 445 -31.44 23.01 -36.29
N SER B 446 -30.51 22.70 -35.38
CA SER B 446 -29.34 23.56 -35.23
C SER B 446 -28.34 23.31 -36.35
N ALA B 447 -28.29 22.08 -36.88
CA ALA B 447 -27.46 21.78 -38.05
C ALA B 447 -27.93 22.52 -39.31
N LEU B 448 -29.20 22.95 -39.31
CA LEU B 448 -29.76 23.70 -40.46
C LEU B 448 -29.01 25.03 -40.59
N GLN B 449 -28.80 25.71 -39.46
CA GLN B 449 -28.09 26.97 -39.41
C GLN B 449 -26.59 26.77 -39.44
N LYS B 450 -26.17 25.63 -39.96
CA LYS B 450 -24.77 25.26 -40.16
C LYS B 450 -24.05 25.04 -38.84
N THR C 22 26.12 -17.22 -4.94
CA THR C 22 26.07 -16.90 -3.52
C THR C 22 25.10 -15.76 -3.23
N SER C 23 24.94 -15.46 -1.94
CA SER C 23 24.06 -14.40 -1.46
C SER C 23 24.83 -13.14 -1.08
N TYR C 24 26.12 -13.10 -1.39
CA TYR C 24 26.94 -11.93 -1.14
C TYR C 24 26.54 -10.76 -2.03
N ILE C 25 26.35 -9.58 -1.45
CA ILE C 25 25.97 -8.39 -2.20
C ILE C 25 26.99 -7.27 -1.97
N GLU C 26 27.59 -6.80 -3.06
CA GLU C 26 28.50 -5.66 -3.01
C GLU C 26 27.74 -4.36 -2.75
N ASP C 27 28.43 -3.41 -2.13
CA ASP C 27 27.83 -2.17 -1.68
C ASP C 27 27.99 -1.03 -2.69
N ASN C 28 27.08 -0.06 -2.58
CA ASN C 28 26.92 1.04 -3.51
C ASN C 28 27.06 2.36 -2.77
N CYS C 29 26.67 3.47 -3.39
CA CYS C 29 26.80 4.79 -2.77
C CYS C 29 25.59 5.65 -3.11
N ASN C 30 25.46 6.76 -2.38
CA ASN C 30 24.43 7.76 -2.61
C ASN C 30 24.99 9.01 -3.27
N GLN C 31 24.09 9.81 -3.83
CA GLN C 31 24.47 11.06 -4.49
C GLN C 31 25.15 12.03 -3.54
N ASN C 32 24.59 12.18 -2.33
CA ASN C 32 25.24 12.98 -1.31
C ASN C 32 26.57 12.36 -0.89
N GLY C 33 26.54 11.09 -0.55
CA GLY C 33 27.67 10.35 -0.05
C GLY C 33 27.69 10.35 1.47
N ALA C 34 28.86 10.03 2.01
CA ALA C 34 29.05 10.01 3.45
C ALA C 34 30.54 10.15 3.69
N ILE C 35 30.98 11.31 4.16
CA ILE C 35 32.37 11.55 4.47
C ILE C 35 32.46 11.86 5.95
N SER C 36 32.95 10.91 6.73
CA SER C 36 33.27 11.19 8.12
C SER C 36 34.78 11.28 8.27
N LEU C 37 35.19 12.02 9.28
CA LEU C 37 36.59 12.12 9.66
C LEU C 37 36.58 11.75 11.12
N ILE C 38 36.99 10.52 11.43
CA ILE C 38 37.08 10.10 12.81
C ILE C 38 38.42 10.56 13.34
N PHE C 39 38.39 11.39 14.37
CA PHE C 39 39.63 11.83 15.00
C PHE C 39 39.31 12.33 16.40
N SER C 40 40.22 12.09 17.32
CA SER C 40 40.20 12.68 18.65
C SER C 40 41.36 13.66 18.77
N LEU C 41 41.24 14.58 19.73
CA LEU C 41 42.23 15.64 19.88
C LEU C 41 42.41 15.95 21.36
N LYS C 42 43.67 16.11 21.76
CA LYS C 42 44.04 16.28 23.15
C LYS C 42 43.97 17.76 23.51
N GLU C 43 43.39 18.05 24.67
CA GLU C 43 43.04 19.43 25.00
C GLU C 43 44.21 20.35 25.30
N GLU C 44 44.77 20.95 24.26
CA GLU C 44 45.72 22.03 24.36
C GLU C 44 45.02 23.32 23.96
N VAL C 45 45.64 24.45 24.27
CA VAL C 45 45.05 25.73 23.88
C VAL C 45 45.08 25.85 22.36
N GLY C 46 43.91 26.04 21.79
CA GLY C 46 43.73 26.18 20.37
C GLY C 46 43.32 24.91 19.66
N ALA C 47 43.59 23.73 20.22
CA ALA C 47 43.38 22.47 19.49
C ALA C 47 41.93 22.41 19.00
N LEU C 48 41.00 22.28 19.95
CA LEU C 48 39.59 22.24 19.60
C LEU C 48 39.16 23.58 19.02
N ALA C 49 39.76 24.67 19.52
CA ALA C 49 39.57 25.96 18.86
C ALA C 49 40.02 25.89 17.42
N LYS C 50 41.20 25.29 17.15
CA LYS C 50 41.70 25.17 15.78
C LYS C 50 40.68 24.47 14.89
N VAL C 51 40.13 23.33 15.34
CA VAL C 51 39.23 22.57 14.47
C VAL C 51 37.91 23.33 14.24
N LEU C 52 37.26 23.76 15.32
CA LEU C 52 35.99 24.47 15.13
C LEU C 52 36.20 25.77 14.36
N ARG C 53 37.38 26.37 14.48
CA ARG C 53 37.77 27.47 13.61
C ARG C 53 37.87 27.01 12.17
N LEU C 54 38.47 25.84 11.96
CA LEU C 54 38.70 25.31 10.63
C LEU C 54 37.42 25.14 9.85
N PHE C 55 36.36 24.68 10.52
CA PHE C 55 35.14 24.40 9.75
C PHE C 55 34.43 25.69 9.33
N GLU C 56 34.13 26.57 10.28
CA GLU C 56 33.39 27.79 9.96
C GLU C 56 34.25 28.88 9.31
N GLU C 57 35.57 28.76 9.38
CA GLU C 57 36.42 29.59 8.55
C GLU C 57 36.24 29.23 7.09
N ASN C 58 36.01 27.95 6.81
CA ASN C 58 35.77 27.44 5.48
C ASN C 58 34.28 27.17 5.24
N ASP C 59 33.43 27.70 6.12
CA ASP C 59 31.97 27.83 6.01
C ASP C 59 31.19 26.53 6.28
N VAL C 60 31.85 25.42 6.64
CA VAL C 60 31.16 24.15 6.81
C VAL C 60 30.13 24.20 7.94
N ASN C 61 28.95 23.64 7.67
CA ASN C 61 27.83 23.67 8.61
C ASN C 61 28.10 22.91 9.88
N LEU C 62 27.60 23.44 11.00
CA LEU C 62 27.70 22.84 12.33
C LEU C 62 26.42 22.11 12.75
N THR C 63 25.47 21.93 11.83
CA THR C 63 24.41 20.96 12.09
C THR C 63 24.94 19.54 12.07
N HIS C 64 26.13 19.36 11.50
CA HIS C 64 26.73 18.04 11.36
C HIS C 64 28.08 17.85 12.04
N ILE C 65 28.73 18.91 12.51
CA ILE C 65 30.03 18.78 13.16
C ILE C 65 29.80 18.84 14.66
N GLU C 66 29.63 17.66 15.24
CA GLU C 66 29.42 17.52 16.67
C GLU C 66 30.71 16.98 17.27
N SER C 67 31.17 17.60 18.35
CA SER C 67 32.34 17.17 19.08
C SER C 67 31.93 16.88 20.50
N ARG C 68 32.37 15.75 21.03
CA ARG C 68 32.07 15.34 22.39
C ARG C 68 33.35 14.86 23.05
N PRO C 69 33.34 14.67 24.37
CA PRO C 69 34.57 14.29 25.06
C PRO C 69 35.00 12.85 24.78
N SER C 70 36.29 12.63 24.99
CA SER C 70 36.83 11.27 25.00
C SER C 70 36.36 10.55 26.25
N ARG C 71 35.56 9.51 26.07
CA ARG C 71 35.02 8.76 27.20
C ARG C 71 36.14 8.08 27.96
N LEU C 72 37.37 8.19 27.45
CA LEU C 72 38.51 7.47 28.01
C LEU C 72 39.59 8.40 28.53
N LYS C 73 40.23 9.19 27.66
CA LYS C 73 41.26 10.12 28.07
C LYS C 73 40.58 11.43 28.46
N LYS C 74 40.58 11.74 29.76
CA LYS C 74 39.84 12.90 30.26
C LYS C 74 40.21 14.16 29.50
N ASP C 75 41.44 14.24 29.00
CA ASP C 75 42.01 15.44 28.40
C ASP C 75 41.79 15.53 26.91
N GLU C 76 40.99 14.63 26.33
CA GLU C 76 40.77 14.64 24.89
C GLU C 76 39.29 14.78 24.56
N TYR C 77 39.04 15.22 23.33
CA TYR C 77 37.71 15.22 22.74
C TYR C 77 37.71 14.20 21.62
N GLU C 78 36.53 13.68 21.31
CA GLU C 78 36.35 12.84 20.13
C GLU C 78 35.48 13.57 19.14
N PHE C 79 35.74 13.37 17.86
CA PHE C 79 35.08 14.14 16.82
C PHE C 79 34.36 13.19 15.87
N PHE C 80 33.05 13.35 15.77
CA PHE C 80 32.25 12.70 14.74
C PHE C 80 31.77 13.79 13.81
N THR C 81 32.21 13.74 12.56
CA THR C 81 31.89 14.75 11.55
C THR C 81 30.92 14.13 10.56
N HIS C 82 29.69 14.65 10.54
CA HIS C 82 28.63 14.07 9.71
C HIS C 82 28.65 14.82 8.39
N LEU C 83 29.45 14.38 7.44
CA LEU C 83 29.62 15.25 6.29
C LEU C 83 29.17 14.53 5.02
N ASP C 84 29.43 15.19 3.90
CA ASP C 84 29.06 14.69 2.58
C ASP C 84 30.02 15.29 1.57
N LYS C 85 29.74 15.07 0.29
CA LYS C 85 30.60 15.52 -0.79
C LYS C 85 30.46 17.01 -1.10
N ARG C 86 29.54 17.75 -0.46
CA ARG C 86 29.65 19.20 -0.56
C ARG C 86 30.92 19.72 0.10
N SER C 87 31.51 18.94 1.01
CA SER C 87 32.78 19.34 1.58
C SER C 87 33.95 18.99 0.67
N LEU C 88 33.71 18.22 -0.41
CA LEU C 88 34.78 18.00 -1.38
C LEU C 88 35.30 19.32 -1.92
N PRO C 89 34.47 20.31 -2.28
CA PRO C 89 35.01 21.62 -2.65
C PRO C 89 35.87 22.25 -1.55
N ALA C 90 35.90 21.69 -0.32
CA ALA C 90 36.75 22.24 0.74
C ALA C 90 37.47 21.24 1.63
N LEU C 91 37.32 19.91 1.43
CA LEU C 91 37.87 18.97 2.39
C LEU C 91 39.40 18.87 2.36
N THR C 92 40.03 19.14 1.21
CA THR C 92 41.48 19.09 1.10
C THR C 92 42.16 19.83 2.25
N ASN C 93 41.83 21.13 2.37
CA ASN C 93 42.46 21.98 3.38
C ASN C 93 42.27 21.42 4.78
N ILE C 94 41.03 21.06 5.12
CA ILE C 94 40.72 20.56 6.46
C ILE C 94 41.58 19.34 6.77
N ILE C 95 41.58 18.34 5.88
CA ILE C 95 42.42 17.16 6.08
C ILE C 95 43.87 17.56 6.32
N LYS C 96 44.42 18.39 5.43
CA LYS C 96 45.83 18.78 5.58
C LYS C 96 46.10 19.38 6.96
N ILE C 97 45.32 20.39 7.34
CA ILE C 97 45.55 21.07 8.62
C ILE C 97 45.41 20.11 9.78
N LEU C 98 44.54 19.11 9.65
CA LEU C 98 44.36 18.16 10.74
C LEU C 98 45.54 17.22 10.85
N ARG C 99 46.10 16.80 9.71
CA ARG C 99 47.16 15.80 9.69
C ARG C 99 48.53 16.41 10.03
N HIS C 100 48.77 17.67 9.65
CA HIS C 100 50.13 18.20 9.71
C HIS C 100 50.29 19.51 10.49
N ASP C 101 49.27 20.35 10.50
CA ASP C 101 49.39 21.61 11.24
C ASP C 101 49.03 21.45 12.71
N ILE C 102 48.13 20.51 12.99
CA ILE C 102 47.77 20.18 14.36
C ILE C 102 48.43 18.87 14.79
N GLY C 103 48.45 17.88 13.91
CA GLY C 103 49.06 16.60 14.24
C GLY C 103 48.05 15.61 14.78
N ALA C 104 46.88 15.55 14.15
CA ALA C 104 45.81 14.65 14.56
C ALA C 104 45.77 13.44 13.65
N THR C 105 45.71 12.25 14.26
CA THR C 105 45.58 11.02 13.49
C THR C 105 44.18 10.99 12.91
N VAL C 106 44.08 11.23 11.61
CA VAL C 106 42.79 11.29 10.93
C VAL C 106 42.61 10.01 10.13
N HIS C 107 41.46 9.39 10.31
CA HIS C 107 40.98 8.33 9.42
C HIS C 107 39.71 8.85 8.78
N GLU C 108 39.73 8.94 7.46
CA GLU C 108 38.58 9.43 6.71
C GLU C 108 37.71 8.25 6.33
N LEU C 109 36.43 8.32 6.67
CA LEU C 109 35.46 7.33 6.24
C LEU C 109 34.79 7.81 4.97
N SER C 110 34.86 7.01 3.92
CA SER C 110 34.26 7.36 2.65
C SER C 110 33.44 6.19 2.13
N ARG C 111 32.24 6.52 1.65
CA ARG C 111 31.40 5.55 0.96
C ARG C 111 31.74 5.48 -0.52
N ASP C 112 32.40 6.51 -1.05
CA ASP C 112 32.94 6.40 -2.40
C ASP C 112 34.14 5.46 -2.44
N LYS C 113 34.74 5.19 -1.28
CA LYS C 113 35.85 4.25 -1.12
C LYS C 113 36.92 4.45 -2.19
N LYS C 114 37.49 5.65 -2.21
CA LYS C 114 38.52 6.02 -3.16
C LYS C 114 39.90 5.86 -2.52
N LYS C 115 40.91 6.52 -3.11
CA LYS C 115 42.29 6.37 -2.67
C LYS C 115 42.42 6.72 -1.19
N ASP C 116 42.97 5.79 -0.41
CA ASP C 116 43.27 5.99 1.01
C ASP C 116 42.00 6.20 1.83
N THR C 117 40.90 5.55 1.45
CA THR C 117 39.63 5.71 2.12
C THR C 117 39.21 4.42 2.81
N VAL C 118 39.02 4.48 4.13
CA VAL C 118 38.43 3.36 4.86
C VAL C 118 37.01 3.14 4.36
N PRO C 119 36.55 1.90 4.17
CA PRO C 119 35.18 1.72 3.64
C PRO C 119 34.17 2.15 4.69
N TRP C 120 33.16 2.88 4.23
CA TRP C 120 32.29 3.59 5.16
C TRP C 120 31.44 2.64 5.99
N PHE C 121 31.17 3.06 7.23
CA PHE C 121 30.27 2.36 8.13
C PHE C 121 29.80 3.34 9.19
N PRO C 122 28.63 3.10 9.78
CA PRO C 122 28.11 4.02 10.80
C PRO C 122 28.79 3.93 12.16
N ARG C 123 28.85 5.09 12.81
CA ARG C 123 29.41 5.26 14.14
C ARG C 123 28.34 5.41 15.21
N THR C 124 27.16 5.86 14.83
CA THR C 124 26.04 6.06 15.75
C THR C 124 24.92 5.07 15.44
N ILE C 125 24.11 4.80 16.46
CA ILE C 125 22.94 3.97 16.29
C ILE C 125 21.95 4.64 15.35
N GLN C 126 22.08 5.96 15.18
CA GLN C 126 21.22 6.73 14.29
C GLN C 126 21.74 6.83 12.86
N GLU C 127 23.03 6.58 12.63
CA GLU C 127 23.51 6.62 11.25
C GLU C 127 23.04 5.44 10.42
N LEU C 128 22.28 4.50 11.01
CA LEU C 128 21.75 3.38 10.22
C LEU C 128 20.60 3.79 9.32
N ASP C 129 19.93 4.92 9.59
CA ASP C 129 18.87 5.37 8.69
C ASP C 129 19.42 5.98 7.43
N ARG C 130 20.71 6.33 7.43
CA ARG C 130 21.32 7.00 6.30
C ARG C 130 21.29 6.11 5.06
N PHE C 131 21.56 4.82 5.24
CA PHE C 131 21.62 3.83 4.16
C PHE C 131 20.73 2.66 4.49
N ALA C 132 19.48 2.96 4.83
CA ALA C 132 18.45 1.96 5.07
C ALA C 132 17.59 1.71 3.84
N ASN C 133 17.65 2.58 2.84
CA ASN C 133 16.90 2.42 1.61
C ASN C 133 17.74 1.84 0.47
N GLN C 134 18.89 1.25 0.80
CA GLN C 134 19.84 0.77 -0.20
C GLN C 134 19.66 -0.75 -0.39
N ILE C 135 18.52 -1.11 -0.99
CA ILE C 135 18.14 -2.51 -1.08
C ILE C 135 17.76 -2.83 -2.52
N LEU C 136 17.26 -4.05 -2.74
CA LEU C 136 16.70 -4.54 -4.01
C LEU C 136 17.12 -3.79 -5.28
N ASP C 143 11.28 -9.78 -9.46
CA ASP C 143 11.62 -10.68 -10.56
C ASP C 143 10.35 -11.39 -11.03
N ALA C 144 10.24 -11.64 -12.34
CA ALA C 144 8.99 -12.15 -12.89
C ALA C 144 8.68 -13.56 -12.43
N ASP C 145 9.69 -14.40 -12.23
CA ASP C 145 9.39 -15.79 -11.90
C ASP C 145 8.79 -15.94 -10.49
N HIS C 146 8.67 -14.85 -9.73
CA HIS C 146 8.03 -14.89 -8.42
C HIS C 146 6.59 -15.35 -8.55
N PRO C 147 6.13 -16.29 -7.71
CA PRO C 147 4.74 -16.73 -7.81
C PRO C 147 3.79 -15.63 -7.38
N GLY C 148 3.16 -14.95 -8.34
CA GLY C 148 2.24 -13.88 -8.01
C GLY C 148 2.78 -12.55 -8.50
N PHE C 149 3.66 -12.61 -9.49
CA PHE C 149 4.31 -11.41 -10.01
C PHE C 149 3.29 -10.43 -10.58
N LYS C 150 2.49 -10.87 -11.55
CA LYS C 150 1.45 -10.03 -12.12
C LYS C 150 0.16 -10.02 -11.30
N ASP C 151 0.17 -10.57 -10.09
CA ASP C 151 -0.96 -10.46 -9.17
C ASP C 151 -0.93 -9.06 -8.57
N PRO C 152 -1.88 -8.20 -8.94
CA PRO C 152 -1.83 -6.81 -8.46
C PRO C 152 -1.95 -6.66 -6.95
N VAL C 153 -2.61 -7.59 -6.26
CA VAL C 153 -2.81 -7.44 -4.83
C VAL C 153 -1.49 -7.65 -4.08
N TYR C 154 -0.77 -8.72 -4.40
CA TYR C 154 0.52 -8.94 -3.76
C TYR C 154 1.51 -7.84 -4.12
N ARG C 155 1.39 -7.31 -5.34
CA ARG C 155 2.29 -6.24 -5.75
C ARG C 155 2.03 -4.97 -4.95
N ALA C 156 0.77 -4.52 -4.92
CA ALA C 156 0.42 -3.32 -4.17
C ALA C 156 0.77 -3.47 -2.69
N ARG C 157 0.65 -4.68 -2.16
CA ARG C 157 0.97 -4.86 -0.74
C ARG C 157 2.48 -4.78 -0.53
N ARG C 158 3.26 -5.25 -1.50
CA ARG C 158 4.71 -5.17 -1.36
C ARG C 158 5.18 -3.73 -1.51
N LYS C 159 4.49 -2.92 -2.33
CA LYS C 159 4.82 -1.50 -2.38
C LYS C 159 4.43 -0.79 -1.09
N GLN C 160 3.32 -1.21 -0.48
CA GLN C 160 2.94 -0.65 0.82
C GLN C 160 4.02 -0.91 1.86
N PHE C 161 4.50 -2.14 1.94
CA PHE C 161 5.49 -2.48 2.95
C PHE C 161 6.85 -1.84 2.64
N ALA C 162 7.17 -1.69 1.36
CA ALA C 162 8.38 -0.94 1.01
C ALA C 162 8.27 0.50 1.46
N ASP C 163 7.10 1.12 1.29
CA ASP C 163 6.89 2.48 1.79
C ASP C 163 7.13 2.55 3.30
N ILE C 164 6.52 1.62 4.05
CA ILE C 164 6.67 1.63 5.51
C ILE C 164 8.14 1.58 5.89
N ALA C 165 8.89 0.70 5.26
CA ALA C 165 10.32 0.63 5.55
C ALA C 165 11.06 1.86 5.03
N TYR C 166 10.54 2.52 4.00
CA TYR C 166 11.20 3.68 3.41
C TYR C 166 11.17 4.88 4.34
N ASN C 167 10.08 5.06 5.09
CA ASN C 167 9.95 6.25 5.92
C ASN C 167 10.25 6.01 7.40
N TYR C 168 10.64 4.79 7.79
CA TYR C 168 10.90 4.51 9.19
C TYR C 168 12.30 4.99 9.58
N ARG C 169 12.40 5.68 10.72
CA ARG C 169 13.66 6.12 11.29
C ARG C 169 13.80 5.56 12.70
N HIS C 170 15.03 5.21 13.06
CA HIS C 170 15.33 4.61 14.36
C HIS C 170 14.71 5.42 15.51
N GLY C 171 14.32 4.72 16.56
CA GLY C 171 13.70 5.32 17.73
C GLY C 171 12.20 5.31 17.65
N GLN C 172 11.67 5.49 16.45
CA GLN C 172 10.24 5.47 16.25
C GLN C 172 9.68 4.08 16.59
N PRO C 173 8.40 4.00 16.95
CA PRO C 173 7.76 2.69 17.07
C PRO C 173 7.53 2.08 15.69
N ILE C 174 7.72 0.77 15.61
CA ILE C 174 7.47 0.03 14.37
C ILE C 174 5.97 0.01 14.13
N PRO C 175 5.48 0.65 13.07
CA PRO C 175 4.03 0.66 12.82
C PRO C 175 3.44 -0.73 12.71
N ARG C 176 2.29 -0.93 13.34
CA ARG C 176 1.65 -2.23 13.38
C ARG C 176 0.71 -2.32 12.17
N VAL C 177 0.72 -3.47 11.50
CA VAL C 177 0.05 -3.63 10.22
C VAL C 177 -1.03 -4.70 10.33
N GLU C 178 -2.18 -4.42 9.73
CA GLU C 178 -3.29 -5.35 9.63
C GLU C 178 -3.09 -6.28 8.43
N TYR C 179 -2.97 -7.58 8.69
CA TYR C 179 -2.79 -8.58 7.65
C TYR C 179 -4.10 -9.13 7.10
N MET C 180 -4.10 -9.43 5.80
CA MET C 180 -5.22 -10.09 5.15
C MET C 180 -5.34 -11.53 5.67
N GLU C 181 -6.35 -12.26 5.20
CA GLU C 181 -6.57 -13.61 5.71
C GLU C 181 -5.71 -14.64 5.00
N GLU C 182 -5.57 -14.51 3.68
CA GLU C 182 -4.67 -15.40 2.94
C GLU C 182 -3.27 -15.36 3.53
N GLU C 183 -2.78 -14.16 3.86
CA GLU C 183 -1.48 -14.05 4.52
C GLU C 183 -1.51 -14.70 5.91
N LYS C 184 -2.62 -14.52 6.64
CA LYS C 184 -2.72 -15.12 7.97
C LYS C 184 -2.59 -16.62 7.93
N LYS C 185 -3.27 -17.28 6.99
CA LYS C 185 -3.23 -18.73 6.92
C LYS C 185 -2.05 -19.27 6.12
N THR C 186 -1.41 -18.47 5.26
CA THR C 186 -0.10 -18.85 4.75
C THR C 186 0.88 -19.00 5.91
N TRP C 187 0.90 -17.99 6.78
CA TRP C 187 1.67 -18.10 8.02
C TRP C 187 1.22 -19.31 8.83
N GLY C 188 -0.10 -19.48 8.96
CA GLY C 188 -0.64 -20.63 9.67
C GLY C 188 -0.04 -21.95 9.21
N THR C 189 -0.06 -22.18 7.90
CA THR C 189 0.47 -23.41 7.31
C THR C 189 1.95 -23.58 7.62
N VAL C 190 2.75 -22.54 7.32
CA VAL C 190 4.20 -22.63 7.58
C VAL C 190 4.44 -23.02 9.03
N PHE C 191 3.69 -22.40 9.93
CA PHE C 191 3.84 -22.64 11.35
C PHE C 191 3.39 -24.06 11.72
N LYS C 192 2.23 -24.48 11.20
CA LYS C 192 1.72 -25.83 11.45
C LYS C 192 2.81 -26.85 11.19
N THR C 193 3.46 -26.73 10.02
CA THR C 193 4.50 -27.70 9.68
C THR C 193 5.70 -27.59 10.61
N LEU C 194 6.32 -26.40 10.68
CA LEU C 194 7.63 -26.28 11.32
C LEU C 194 7.57 -26.45 12.84
N LYS C 195 6.52 -25.92 13.48
CA LYS C 195 6.41 -25.97 14.93
C LYS C 195 6.44 -27.41 15.46
N SER C 196 5.54 -28.25 14.96
CA SER C 196 5.48 -29.64 15.39
C SER C 196 6.83 -30.34 15.28
N LEU C 197 7.67 -29.88 14.36
CA LEU C 197 8.97 -30.49 14.12
C LEU C 197 10.06 -29.97 15.05
N TYR C 198 10.02 -28.69 15.43
CA TYR C 198 11.15 -28.06 16.11
C TYR C 198 11.60 -28.83 17.36
N LYS C 199 10.69 -29.54 18.02
CA LYS C 199 10.96 -30.16 19.31
C LYS C 199 12.24 -31.00 19.33
N THR C 200 12.71 -31.48 18.18
CA THR C 200 13.93 -32.27 18.12
C THR C 200 15.00 -31.76 17.17
N HIS C 201 14.74 -30.69 16.43
CA HIS C 201 15.69 -30.22 15.43
C HIS C 201 16.39 -28.94 15.85
N ALA C 202 15.67 -28.05 16.52
CA ALA C 202 16.22 -26.78 16.96
C ALA C 202 17.03 -26.96 18.23
N CYS C 203 18.02 -26.07 18.41
CA CYS C 203 18.79 -26.06 19.64
C CYS C 203 17.88 -25.74 20.82
N TYR C 204 18.31 -26.16 22.01
CA TYR C 204 17.53 -25.85 23.20
C TYR C 204 17.19 -24.36 23.25
N GLU C 205 18.18 -23.51 22.97
CA GLU C 205 17.97 -22.06 23.05
C GLU C 205 16.80 -21.61 22.21
N TYR C 206 16.33 -22.46 21.29
CA TYR C 206 15.12 -22.25 20.53
C TYR C 206 13.91 -22.96 21.17
N ASN C 207 14.09 -24.22 21.58
CA ASN C 207 12.99 -24.98 22.15
C ASN C 207 12.49 -24.38 23.46
N HIS C 208 13.34 -23.61 24.14
CA HIS C 208 12.97 -22.88 25.35
C HIS C 208 12.29 -21.55 25.02
N ILE C 209 12.89 -20.78 24.11
CA ILE C 209 12.42 -19.43 23.86
C ILE C 209 11.06 -19.45 23.18
N PHE C 210 10.83 -20.40 22.28
CA PHE C 210 9.61 -20.35 21.49
C PHE C 210 8.35 -20.43 22.35
N PRO C 211 8.25 -21.31 23.36
CA PRO C 211 7.10 -21.25 24.27
C PRO C 211 6.79 -19.84 24.76
N LEU C 212 7.84 -19.04 24.99
CA LEU C 212 7.65 -17.67 25.44
C LEU C 212 7.06 -16.80 24.35
N LEU C 213 7.70 -16.80 23.17
CA LEU C 213 7.25 -15.97 22.06
C LEU C 213 5.80 -16.26 21.69
N GLU C 214 5.42 -17.53 21.65
CA GLU C 214 4.05 -17.90 21.31
C GLU C 214 3.05 -17.13 22.17
N LYS C 215 3.13 -17.33 23.49
CA LYS C 215 2.14 -16.77 24.39
C LYS C 215 2.34 -15.28 24.64
N TYR C 216 3.52 -14.73 24.34
CA TYR C 216 3.80 -13.33 24.66
C TYR C 216 3.60 -12.39 23.49
N CYS C 217 4.24 -12.66 22.35
CA CYS C 217 4.20 -11.72 21.23
C CYS C 217 3.09 -12.04 20.26
N GLY C 218 2.60 -13.28 20.25
CA GLY C 218 1.56 -13.67 19.34
C GLY C 218 2.08 -14.61 18.27
N PHE C 219 3.02 -15.48 18.65
CA PHE C 219 3.66 -16.39 17.71
C PHE C 219 2.85 -17.66 17.55
N HIS C 220 1.54 -17.51 17.39
CA HIS C 220 0.61 -18.59 17.19
C HIS C 220 0.33 -18.83 15.71
N GLU C 221 -0.36 -19.93 15.43
CA GLU C 221 -0.76 -20.28 14.08
C GLU C 221 -1.92 -19.44 13.54
N ASP C 222 -2.66 -18.73 14.38
CA ASP C 222 -3.75 -17.88 13.91
C ASP C 222 -3.51 -16.39 14.14
N ASN C 223 -2.26 -15.97 14.34
CA ASN C 223 -2.02 -14.55 14.62
C ASN C 223 -0.57 -14.20 14.32
N ILE C 224 -0.36 -13.01 13.79
CA ILE C 224 0.97 -12.48 13.47
C ILE C 224 1.36 -11.43 14.49
N PRO C 225 2.53 -11.54 15.12
CA PRO C 225 3.00 -10.45 15.96
C PRO C 225 3.48 -9.30 15.09
N GLN C 226 3.29 -8.09 15.60
CA GLN C 226 3.83 -6.92 14.92
C GLN C 226 5.26 -6.68 15.38
N LEU C 227 6.13 -6.32 14.42
CA LEU C 227 7.56 -6.20 14.67
C LEU C 227 7.85 -5.44 15.96
N GLU C 228 7.03 -4.43 16.25
CA GLU C 228 7.27 -3.59 17.43
C GLU C 228 7.27 -4.43 18.70
N ASP C 229 6.26 -5.26 18.88
CA ASP C 229 6.14 -6.09 20.07
C ASP C 229 7.32 -7.04 20.22
N VAL C 230 7.68 -7.73 19.13
CA VAL C 230 8.82 -8.64 19.15
C VAL C 230 10.10 -7.88 19.47
N SER C 231 10.31 -6.74 18.81
CA SER C 231 11.44 -5.86 19.12
C SER C 231 11.53 -5.56 20.61
N GLN C 232 10.40 -5.18 21.22
CA GLN C 232 10.42 -4.88 22.65
C GLN C 232 10.86 -6.10 23.44
N PHE C 233 10.30 -7.26 23.11
CA PHE C 233 10.71 -8.52 23.73
C PHE C 233 12.22 -8.73 23.61
N LEU C 234 12.74 -8.55 22.38
CA LEU C 234 14.14 -8.83 22.10
C LEU C 234 15.08 -7.84 22.77
N GLN C 235 14.68 -6.58 22.94
CA GLN C 235 15.52 -5.68 23.72
C GLN C 235 15.46 -5.98 25.20
N THR C 236 14.31 -6.46 25.69
CA THR C 236 14.26 -6.88 27.09
C THR C 236 15.13 -8.10 27.34
N CYS C 237 15.40 -8.87 26.29
CA CYS C 237 16.27 -10.03 26.47
C CYS C 237 17.75 -9.71 26.19
N THR C 238 18.02 -8.98 25.11
CA THR C 238 19.36 -8.87 24.56
C THR C 238 19.74 -7.50 24.04
N GLY C 239 18.88 -6.49 24.18
CA GLY C 239 19.17 -5.23 23.52
C GLY C 239 19.14 -5.31 22.01
N PHE C 240 18.64 -6.41 21.45
CA PHE C 240 18.54 -6.55 20.01
C PHE C 240 17.22 -5.98 19.51
N ARG C 241 17.26 -5.34 18.35
CA ARG C 241 16.17 -4.51 17.87
C ARG C 241 15.74 -4.93 16.47
N LEU C 242 14.47 -4.75 16.17
CA LEU C 242 13.90 -5.07 14.86
C LEU C 242 13.72 -3.80 14.05
N ARG C 243 14.31 -3.77 12.86
CA ARG C 243 14.26 -2.63 11.95
C ARG C 243 13.55 -3.01 10.66
N PRO C 244 12.40 -2.40 10.34
CA PRO C 244 11.73 -2.70 9.06
C PRO C 244 12.55 -2.21 7.88
N VAL C 245 12.97 -3.14 7.02
CA VAL C 245 13.76 -2.82 5.84
C VAL C 245 13.01 -3.26 4.59
N ALA C 246 13.10 -2.45 3.54
CA ALA C 246 12.42 -2.74 2.25
C ALA C 246 12.79 -4.15 1.79
N GLY C 247 13.72 -4.25 0.83
CA GLY C 247 14.15 -5.56 0.30
C GLY C 247 15.38 -6.09 1.02
N LEU C 248 16.49 -6.27 0.29
CA LEU C 248 17.75 -6.78 0.87
C LEU C 248 18.81 -5.67 0.82
N LEU C 249 19.53 -5.46 1.93
CA LEU C 249 20.58 -4.41 2.00
C LEU C 249 21.95 -5.07 1.82
N SER C 250 22.91 -4.32 1.23
CA SER C 250 24.24 -4.84 1.00
C SER C 250 24.72 -5.59 2.24
N SER C 251 25.58 -6.58 2.02
CA SER C 251 26.09 -7.39 3.11
C SER C 251 26.70 -6.49 4.19
N ARG C 252 27.50 -5.52 3.75
CA ARG C 252 28.18 -4.59 4.66
C ARG C 252 27.19 -3.92 5.61
N ASP C 253 26.10 -3.40 5.06
CA ASP C 253 25.14 -2.62 5.83
C ASP C 253 24.35 -3.50 6.77
N PHE C 254 23.85 -4.63 6.26
CA PHE C 254 23.15 -5.61 7.07
C PHE C 254 23.98 -5.99 8.29
N LEU C 255 25.24 -6.37 8.07
CA LEU C 255 26.06 -6.87 9.17
C LEU C 255 26.49 -5.75 10.11
N GLY C 256 26.60 -4.52 9.63
CA GLY C 256 26.87 -3.42 10.55
C GLY C 256 25.69 -3.14 11.47
N GLY C 257 24.48 -3.11 10.90
CA GLY C 257 23.31 -2.97 11.74
C GLY C 257 23.24 -4.08 12.78
N LEU C 258 23.60 -5.31 12.39
CA LEU C 258 23.68 -6.38 13.37
C LEU C 258 24.78 -6.12 14.40
N ALA C 259 25.83 -5.39 14.02
CA ALA C 259 26.83 -4.99 15.00
C ALA C 259 26.21 -4.12 16.09
N PHE C 260 25.28 -3.24 15.73
CA PHE C 260 24.64 -2.41 16.74
C PHE C 260 23.59 -3.15 17.56
N ARG C 261 23.52 -4.48 17.49
CA ARG C 261 22.42 -5.25 18.06
C ARG C 261 21.09 -4.73 17.53
N VAL C 262 21.07 -4.38 16.25
CA VAL C 262 19.87 -3.96 15.54
C VAL C 262 19.70 -4.89 14.35
N PHE C 263 18.56 -5.55 14.27
CA PHE C 263 18.29 -6.46 13.19
C PHE C 263 17.38 -5.78 12.17
N HIS C 264 17.87 -5.64 10.95
CA HIS C 264 17.03 -5.19 9.86
C HIS C 264 16.13 -6.35 9.48
N CYS C 265 14.82 -6.10 9.42
CA CYS C 265 13.91 -7.21 9.25
C CYS C 265 12.79 -6.82 8.29
N THR C 266 12.14 -7.85 7.77
CA THR C 266 11.10 -7.70 6.77
C THR C 266 9.73 -7.74 7.41
N GLN C 267 8.81 -6.98 6.84
CA GLN C 267 7.43 -6.94 7.31
C GLN C 267 6.46 -7.57 6.33
N TYR C 268 6.93 -7.97 5.16
CA TYR C 268 6.08 -8.55 4.12
C TYR C 268 6.06 -10.06 4.18
N ILE C 269 4.99 -10.63 3.66
CA ILE C 269 4.77 -12.06 3.70
C ILE C 269 4.91 -12.63 2.28
N ARG C 270 5.02 -13.94 2.19
CA ARG C 270 5.08 -14.63 0.91
C ARG C 270 3.68 -14.80 0.31
N HIS C 271 3.67 -15.25 -0.94
CA HIS C 271 2.43 -15.47 -1.67
C HIS C 271 1.79 -16.79 -1.26
N GLY C 272 0.46 -16.84 -1.33
CA GLY C 272 -0.28 -18.02 -0.93
C GLY C 272 -0.09 -19.21 -1.84
N SER C 273 0.46 -19.01 -3.03
CA SER C 273 0.60 -20.10 -3.99
C SER C 273 1.61 -21.13 -3.52
N LYS C 274 2.78 -20.68 -3.06
CA LYS C 274 3.90 -21.56 -2.71
C LYS C 274 4.31 -21.25 -1.27
N PRO C 275 3.67 -21.88 -0.28
CA PRO C 275 3.92 -21.51 1.12
C PRO C 275 5.25 -21.98 1.68
N MET C 276 6.01 -22.80 0.94
CA MET C 276 7.32 -23.26 1.41
C MET C 276 8.43 -22.87 0.44
N TYR C 277 8.19 -21.88 -0.41
CA TYR C 277 9.24 -21.35 -1.25
C TYR C 277 9.09 -19.84 -1.27
N THR C 278 10.15 -19.15 -0.83
CA THR C 278 10.21 -17.71 -0.96
C THR C 278 11.64 -17.36 -1.34
N PRO C 279 11.83 -16.63 -2.43
CA PRO C 279 13.19 -16.22 -2.83
C PRO C 279 13.74 -15.10 -1.97
N GLU C 280 12.88 -14.23 -1.45
CA GLU C 280 13.37 -13.12 -0.66
C GLU C 280 12.83 -13.22 0.75
N PRO C 281 13.68 -13.03 1.76
CA PRO C 281 13.27 -13.33 3.14
C PRO C 281 12.03 -12.56 3.54
N ASP C 282 11.13 -13.25 4.24
CA ASP C 282 9.82 -12.72 4.56
C ASP C 282 9.58 -12.76 6.06
N ILE C 283 8.41 -12.25 6.46
CA ILE C 283 8.02 -12.21 7.87
C ILE C 283 8.20 -13.57 8.53
N CYS C 284 7.76 -14.64 7.84
CA CYS C 284 7.87 -15.96 8.45
C CYS C 284 9.32 -16.36 8.63
N HIS C 285 10.16 -16.09 7.62
CA HIS C 285 11.58 -16.40 7.74
C HIS C 285 12.22 -15.64 8.88
N GLU C 286 11.89 -14.37 9.05
CA GLU C 286 12.55 -13.59 10.09
C GLU C 286 12.07 -14.01 11.47
N LEU C 287 10.75 -14.08 11.66
CA LEU C 287 10.18 -14.36 12.97
C LEU C 287 10.35 -15.81 13.40
N LEU C 288 10.55 -16.75 12.46
CA LEU C 288 10.68 -18.16 12.81
C LEU C 288 12.07 -18.73 12.59
N GLY C 289 12.90 -18.08 11.78
CA GLY C 289 14.28 -18.48 11.61
C GLY C 289 15.22 -17.72 12.50
N HIS C 290 15.15 -16.38 12.44
CA HIS C 290 16.13 -15.54 13.10
C HIS C 290 15.79 -15.25 14.57
N VAL C 291 14.65 -14.59 14.81
CA VAL C 291 14.33 -13.95 16.09
C VAL C 291 14.54 -14.87 17.30
N PRO C 292 13.92 -16.06 17.36
CA PRO C 292 13.98 -16.82 18.62
C PRO C 292 15.39 -17.06 19.10
N LEU C 293 16.33 -17.19 18.17
CA LEU C 293 17.73 -17.28 18.56
C LEU C 293 18.29 -15.93 18.96
N PHE C 294 17.83 -14.85 18.33
CA PHE C 294 18.16 -13.51 18.78
C PHE C 294 17.66 -13.23 20.18
N SER C 295 16.86 -14.13 20.75
CA SER C 295 16.40 -13.99 22.11
C SER C 295 17.37 -14.55 23.16
N ASP C 296 18.47 -15.19 22.75
CA ASP C 296 19.50 -15.61 23.70
C ASP C 296 20.70 -14.67 23.62
N ARG C 297 21.18 -14.26 24.80
CA ARG C 297 22.30 -13.32 24.86
C ARG C 297 23.56 -13.87 24.20
N SER C 298 23.89 -15.13 24.47
CA SER C 298 25.10 -15.72 23.90
C SER C 298 25.09 -15.63 22.38
N PHE C 299 23.96 -15.96 21.76
CA PHE C 299 23.83 -15.85 20.31
C PHE C 299 23.96 -14.41 19.86
N ALA C 300 23.39 -13.49 20.64
CA ALA C 300 23.49 -12.07 20.31
C ALA C 300 24.95 -11.64 20.27
N GLN C 301 25.71 -11.98 21.31
CA GLN C 301 27.13 -11.69 21.35
C GLN C 301 27.86 -12.29 20.14
N PHE C 302 27.52 -13.53 19.78
CA PHE C 302 28.11 -14.17 18.60
C PHE C 302 27.89 -13.31 17.35
N SER C 303 26.63 -13.08 17.00
CA SER C 303 26.28 -12.31 15.81
C SER C 303 26.88 -10.91 15.87
N GLN C 304 26.82 -10.28 17.05
CA GLN C 304 27.33 -8.91 17.20
C GLN C 304 28.83 -8.85 16.97
N GLU C 305 29.58 -9.80 17.53
CA GLU C 305 31.01 -9.82 17.30
C GLU C 305 31.31 -9.92 15.81
N ILE C 306 30.54 -10.76 15.09
CA ILE C 306 30.68 -10.78 13.64
C ILE C 306 30.43 -9.39 13.06
N GLY C 307 29.31 -8.78 13.44
CA GLY C 307 28.99 -7.42 13.05
C GLY C 307 30.15 -6.47 13.18
N LEU C 308 30.70 -6.38 14.39
CA LEU C 308 31.86 -5.54 14.64
C LEU C 308 32.98 -5.86 13.68
N ALA C 309 33.21 -7.15 13.40
CA ALA C 309 34.27 -7.51 12.47
C ALA C 309 33.96 -6.97 11.07
N SER C 310 32.68 -6.81 10.73
CA SER C 310 32.33 -6.29 9.41
C SER C 310 32.73 -4.83 9.25
N LEU C 311 32.78 -4.07 10.34
CA LEU C 311 33.00 -2.63 10.24
C LEU C 311 34.41 -2.35 9.80
N GLY C 312 34.55 -1.43 8.85
CA GLY C 312 35.86 -1.15 8.29
C GLY C 312 36.42 -2.31 7.53
N ALA C 313 35.60 -3.28 7.23
CA ALA C 313 36.27 -4.37 6.55
C ALA C 313 36.18 -4.15 5.05
N PRO C 314 37.20 -4.60 4.33
CA PRO C 314 37.15 -4.50 2.86
C PRO C 314 36.16 -5.50 2.31
N ASP C 315 35.65 -5.19 1.11
CA ASP C 315 34.72 -6.08 0.44
C ASP C 315 35.33 -7.46 0.30
N GLU C 316 36.65 -7.51 0.10
CA GLU C 316 37.40 -8.76 -0.03
C GLU C 316 37.02 -9.76 1.07
N TYR C 317 37.24 -9.39 2.33
CA TYR C 317 36.90 -10.28 3.42
C TYR C 317 35.43 -10.22 3.81
N ILE C 318 34.67 -9.28 3.25
CA ILE C 318 33.24 -9.25 3.53
C ILE C 318 32.51 -10.33 2.73
N GLU C 319 33.01 -10.69 1.54
CA GLU C 319 32.50 -11.89 0.88
C GLU C 319 32.59 -13.08 1.83
N LYS C 320 33.72 -13.19 2.53
CA LYS C 320 33.96 -14.29 3.45
C LYS C 320 33.05 -14.19 4.66
N LEU C 321 32.82 -12.96 5.14
CA LEU C 321 31.90 -12.72 6.25
C LEU C 321 30.48 -13.17 5.92
N ALA C 322 29.96 -12.72 4.78
CA ALA C 322 28.66 -13.20 4.30
C ALA C 322 28.62 -14.71 4.28
N THR C 323 29.69 -15.34 3.77
CA THR C 323 29.79 -16.80 3.78
C THR C 323 29.63 -17.34 5.20
N ILE C 324 30.31 -16.72 6.17
CA ILE C 324 30.22 -17.17 7.56
C ILE C 324 28.78 -17.14 8.04
N TYR C 325 28.19 -15.94 7.99
CA TYR C 325 26.78 -15.74 8.34
C TYR C 325 25.90 -16.83 7.72
N TRP C 326 26.12 -17.12 6.44
CA TRP C 326 25.37 -18.17 5.76
C TRP C 326 25.55 -19.50 6.46
N PHE C 327 26.78 -19.96 6.56
CA PHE C 327 27.09 -21.26 7.10
C PHE C 327 26.98 -21.33 8.61
N THR C 328 26.78 -20.19 9.28
CA THR C 328 26.71 -20.19 10.74
C THR C 328 25.33 -19.76 11.22
N VAL C 329 24.96 -18.49 11.07
CA VAL C 329 23.67 -18.02 11.56
C VAL C 329 22.53 -18.68 10.79
N GLU C 330 22.60 -18.63 9.47
CA GLU C 330 21.51 -19.12 8.63
C GLU C 330 21.50 -20.63 8.45
N PHE C 331 22.67 -21.25 8.34
CA PHE C 331 22.75 -22.68 8.00
C PHE C 331 23.80 -23.38 8.87
N GLY C 332 23.73 -23.18 10.17
CA GLY C 332 24.68 -23.84 11.04
C GLY C 332 24.11 -25.00 11.82
N LEU C 333 25.00 -25.82 12.35
CA LEU C 333 24.63 -26.88 13.28
C LEU C 333 25.51 -26.71 14.51
N CYS C 334 25.09 -27.29 15.62
CA CYS C 334 25.78 -27.05 16.88
C CYS C 334 25.83 -28.32 17.69
N LYS C 335 27.01 -28.64 18.22
CA LYS C 335 27.11 -29.74 19.16
C LYS C 335 26.33 -29.37 20.42
N GLN C 336 25.57 -30.33 20.95
CA GLN C 336 24.60 -30.02 21.99
C GLN C 336 24.56 -31.16 23.02
N GLY C 337 25.69 -31.40 23.66
CA GLY C 337 25.75 -32.40 24.71
C GLY C 337 25.84 -33.81 24.15
N ASP C 338 24.75 -34.34 23.62
CA ASP C 338 24.78 -35.66 23.00
C ASP C 338 24.66 -35.65 21.48
N SER C 339 23.87 -34.75 20.92
CA SER C 339 23.49 -34.79 19.50
C SER C 339 24.11 -33.65 18.71
N ILE C 340 23.77 -33.60 17.43
CA ILE C 340 24.02 -32.44 16.56
C ILE C 340 22.66 -31.84 16.25
N LYS C 341 22.54 -30.51 16.42
CA LYS C 341 21.27 -29.84 16.21
C LYS C 341 21.45 -28.56 15.42
N ALA C 342 20.34 -28.11 14.82
CA ALA C 342 20.32 -26.98 13.90
C ALA C 342 19.95 -25.70 14.65
N TYR C 343 20.81 -24.70 14.52
CA TYR C 343 20.49 -23.35 14.97
C TYR C 343 20.45 -22.37 13.79
N GLY C 344 20.69 -22.86 12.58
CA GLY C 344 20.60 -22.00 11.41
C GLY C 344 19.22 -21.39 11.25
N ALA C 345 19.18 -20.12 10.86
CA ALA C 345 17.91 -19.45 10.63
C ALA C 345 17.26 -19.90 9.33
N GLY C 346 18.06 -20.35 8.35
CA GLY C 346 17.49 -20.93 7.15
C GLY C 346 17.12 -22.38 7.31
N LEU C 347 17.84 -23.10 8.18
CA LEU C 347 17.46 -24.47 8.49
C LEU C 347 16.10 -24.51 9.15
N LEU C 348 15.89 -23.66 10.15
CA LEU C 348 14.65 -23.63 10.91
C LEU C 348 13.52 -22.90 10.20
N SER C 349 13.75 -22.40 8.99
CA SER C 349 12.71 -21.70 8.25
C SER C 349 12.30 -22.39 6.96
N SER C 350 13.12 -23.29 6.41
CA SER C 350 12.77 -24.03 5.19
C SER C 350 12.59 -25.47 5.62
N PHE C 351 11.33 -25.93 5.55
CA PHE C 351 10.95 -27.20 6.16
C PHE C 351 11.74 -28.38 5.60
N GLY C 352 11.92 -28.44 4.28
CA GLY C 352 12.61 -29.58 3.69
C GLY C 352 14.06 -29.70 4.14
N GLU C 353 14.79 -28.59 4.12
CA GLU C 353 16.20 -28.65 4.45
C GLU C 353 16.45 -28.91 5.94
N LEU C 354 15.47 -28.62 6.81
CA LEU C 354 15.61 -28.99 8.20
C LEU C 354 15.63 -30.51 8.39
N GLN C 355 14.98 -31.26 7.50
CA GLN C 355 15.07 -32.71 7.54
C GLN C 355 16.27 -33.22 6.75
N TYR C 356 16.44 -32.71 5.53
CA TYR C 356 17.62 -33.03 4.74
C TYR C 356 18.89 -32.90 5.58
N CYS C 357 18.99 -31.81 6.37
CA CYS C 357 20.18 -31.56 7.16
C CYS C 357 20.35 -32.62 8.26
N LEU C 358 19.26 -33.00 8.93
CA LEU C 358 19.32 -34.07 9.93
C LEU C 358 19.03 -35.41 9.25
N SER C 359 20.02 -35.87 8.50
CA SER C 359 20.02 -37.19 7.90
C SER C 359 21.47 -37.53 7.56
N GLU C 360 21.67 -38.75 7.08
CA GLU C 360 23.01 -39.12 6.65
C GLU C 360 23.35 -38.56 5.28
N LYS C 361 22.38 -37.95 4.59
CA LYS C 361 22.66 -37.32 3.30
C LYS C 361 23.78 -36.29 3.40
N PRO C 362 23.66 -35.22 4.19
CA PRO C 362 24.63 -34.13 4.08
C PRO C 362 25.92 -34.40 4.83
N LYS C 363 26.92 -33.61 4.48
CA LYS C 363 28.27 -33.68 5.02
C LYS C 363 28.42 -32.68 6.16
N LEU C 364 29.26 -33.04 7.13
CA LEU C 364 29.39 -32.29 8.37
C LEU C 364 30.85 -31.93 8.60
N LEU C 365 31.12 -30.65 8.84
CA LEU C 365 32.49 -30.26 9.08
C LEU C 365 32.56 -29.43 10.34
N PRO C 366 33.56 -29.67 11.18
CA PRO C 366 33.72 -28.88 12.41
C PRO C 366 34.07 -27.44 12.07
N LEU C 367 33.31 -26.51 12.63
CA LEU C 367 33.50 -25.11 12.28
C LEU C 367 34.93 -24.69 12.57
N GLU C 368 35.63 -24.26 11.52
CA GLU C 368 36.98 -23.72 11.61
C GLU C 368 37.11 -22.72 10.48
N LEU C 369 37.42 -21.46 10.81
CA LEU C 369 37.26 -20.40 9.83
C LEU C 369 38.29 -20.47 8.71
N GLU C 370 39.42 -21.14 8.92
CA GLU C 370 40.37 -21.34 7.84
C GLU C 370 39.67 -21.92 6.62
N LYS C 371 38.74 -22.84 6.84
CA LYS C 371 37.90 -23.40 5.79
C LYS C 371 36.50 -22.76 5.73
N THR C 372 35.90 -22.45 6.88
CA THR C 372 34.50 -22.02 6.88
C THR C 372 34.30 -20.75 6.05
N ALA C 373 35.26 -19.83 6.08
CA ALA C 373 35.14 -18.64 5.24
C ALA C 373 35.43 -19.01 3.79
N ILE C 374 36.50 -19.77 3.57
CA ILE C 374 36.91 -20.19 2.23
C ILE C 374 36.10 -21.39 1.80
N GLN C 375 34.91 -21.15 1.26
CA GLN C 375 34.05 -22.24 0.80
C GLN C 375 32.95 -21.69 -0.09
N ASN C 376 32.89 -22.13 -1.34
CA ASN C 376 31.89 -21.59 -2.23
C ASN C 376 30.54 -22.25 -1.95
N TYR C 377 29.47 -21.53 -2.30
CA TYR C 377 28.15 -22.07 -2.07
C TYR C 377 27.18 -21.43 -3.06
N THR C 378 25.96 -21.95 -3.05
CA THR C 378 24.86 -21.43 -3.84
C THR C 378 23.71 -21.12 -2.90
N VAL C 379 22.78 -20.29 -3.35
CA VAL C 379 21.75 -19.80 -2.44
C VAL C 379 20.56 -20.76 -2.31
N THR C 380 19.90 -21.05 -3.42
CA THR C 380 18.66 -21.85 -3.38
C THR C 380 19.00 -23.31 -3.58
N GLU C 381 19.69 -23.88 -2.60
CA GLU C 381 20.18 -25.24 -2.76
C GLU C 381 20.14 -25.99 -1.44
N PHE C 382 19.69 -27.24 -1.51
CA PHE C 382 19.83 -28.12 -0.37
C PHE C 382 21.32 -28.23 -0.11
N GLN C 383 21.79 -27.64 0.98
CA GLN C 383 23.23 -27.47 1.17
C GLN C 383 23.94 -28.81 1.30
N PRO C 384 24.90 -29.13 0.43
CA PRO C 384 25.62 -30.41 0.57
C PRO C 384 26.31 -30.55 1.92
N LEU C 385 27.04 -29.54 2.36
CA LEU C 385 27.80 -29.61 3.61
C LEU C 385 27.33 -28.57 4.61
N TYR C 386 27.52 -28.88 5.89
CA TYR C 386 27.16 -28.03 7.01
C TYR C 386 28.36 -27.91 7.94
N TYR C 387 28.29 -26.92 8.83
CA TYR C 387 29.34 -26.65 9.80
C TYR C 387 28.75 -26.67 11.20
N VAL C 388 29.47 -27.30 12.14
CA VAL C 388 28.98 -27.52 13.50
C VAL C 388 29.85 -26.73 14.48
N ALA C 389 29.19 -25.98 15.37
CA ALA C 389 29.84 -25.29 16.48
C ALA C 389 29.71 -26.12 17.75
N GLU C 390 30.45 -25.70 18.78
CA GLU C 390 30.35 -26.35 20.10
C GLU C 390 29.29 -25.65 20.93
N SER C 391 29.53 -24.37 21.26
CA SER C 391 28.51 -23.48 21.78
C SER C 391 28.74 -22.12 21.14
N PHE C 392 27.68 -21.30 21.13
CA PHE C 392 27.75 -19.99 20.51
C PHE C 392 28.94 -19.19 21.02
N ASN C 393 29.25 -19.31 22.31
CA ASN C 393 30.33 -18.53 22.89
C ASN C 393 31.68 -18.84 22.23
N ASP C 394 31.99 -20.13 22.06
CA ASP C 394 33.23 -20.50 21.38
C ASP C 394 33.22 -19.99 19.94
N ALA C 395 32.07 -20.03 19.27
CA ALA C 395 31.97 -19.47 17.93
C ALA C 395 32.28 -17.98 17.95
N LYS C 396 31.80 -17.27 18.97
CA LYS C 396 32.17 -15.88 19.17
C LYS C 396 33.68 -15.72 19.21
N GLU C 397 34.33 -16.51 20.06
CA GLU C 397 35.79 -16.51 20.13
C GLU C 397 36.43 -16.71 18.75
N LYS C 398 35.97 -17.71 17.99
CA LYS C 398 36.56 -17.94 16.67
C LYS C 398 36.38 -16.75 15.75
N VAL C 399 35.18 -16.18 15.73
CA VAL C 399 34.91 -14.99 14.92
C VAL C 399 35.87 -13.86 15.31
N ARG C 400 35.95 -13.56 16.61
CA ARG C 400 36.83 -12.51 17.10
C ARG C 400 38.29 -12.77 16.73
N ASN C 401 38.73 -14.03 16.86
CA ASN C 401 40.09 -14.40 16.49
C ASN C 401 40.36 -14.08 15.02
N PHE C 402 39.53 -14.63 14.13
CA PHE C 402 39.67 -14.35 12.71
C PHE C 402 39.55 -12.86 12.40
N ALA C 403 38.72 -12.13 13.15
CA ALA C 403 38.62 -10.68 12.99
C ALA C 403 39.95 -10.00 13.28
N ALA C 404 40.65 -10.48 14.32
CA ALA C 404 41.98 -9.98 14.61
C ALA C 404 42.94 -10.14 13.43
N THR C 405 42.51 -10.80 12.36
CA THR C 405 43.32 -11.01 11.17
C THR C 405 43.01 -10.00 10.07
N ILE C 406 41.81 -9.45 10.02
CA ILE C 406 41.50 -8.49 8.96
C ILE C 406 42.34 -7.23 9.15
N PRO C 407 42.99 -6.72 8.12
CA PRO C 407 43.79 -5.51 8.29
C PRO C 407 42.96 -4.24 8.20
N ARG C 408 42.64 -3.63 9.34
CA ARG C 408 41.97 -2.34 9.39
C ARG C 408 42.72 -1.47 10.38
N PRO C 409 42.87 -0.17 10.10
CA PRO C 409 43.78 0.64 10.92
C PRO C 409 43.22 1.06 12.27
N PHE C 410 42.42 0.21 12.89
CA PHE C 410 41.93 0.36 14.26
C PHE C 410 41.00 -0.81 14.55
N SER C 411 40.76 -1.05 15.84
CA SER C 411 39.78 -2.01 16.29
C SER C 411 38.56 -1.26 16.80
N VAL C 412 37.51 -2.00 17.17
CA VAL C 412 36.26 -1.40 17.64
C VAL C 412 35.68 -2.20 18.79
N ARG C 413 34.86 -1.52 19.59
CA ARG C 413 34.00 -2.16 20.58
C ARG C 413 32.93 -1.16 20.95
N TYR C 414 31.71 -1.67 21.13
CA TYR C 414 30.50 -0.88 21.19
C TYR C 414 30.15 -0.44 22.61
N ASP C 415 29.71 0.83 22.75
CA ASP C 415 29.31 1.37 24.04
C ASP C 415 27.81 1.19 24.21
N PRO C 416 27.36 0.28 25.08
CA PRO C 416 25.91 -0.02 25.17
C PRO C 416 25.05 1.15 25.62
N TYR C 417 25.55 2.00 26.54
CA TYR C 417 24.74 3.11 27.02
C TYR C 417 24.63 4.19 25.94
N THR C 418 25.77 4.71 25.50
CA THR C 418 25.78 5.75 24.47
C THR C 418 25.31 5.24 23.12
N GLN C 419 25.30 3.93 22.90
CA GLN C 419 25.00 3.33 21.60
C GLN C 419 25.87 3.94 20.51
N ARG C 420 27.15 4.11 20.83
CA ARG C 420 28.18 4.44 19.85
C ARG C 420 29.31 3.45 20.03
N ILE C 421 29.93 3.05 18.94
CA ILE C 421 31.00 2.07 19.00
C ILE C 421 32.29 2.80 19.28
N GLU C 422 32.93 2.50 20.41
CA GLU C 422 34.24 3.07 20.66
C GLU C 422 35.23 2.58 19.61
N VAL C 423 35.68 3.49 18.73
CA VAL C 423 36.75 3.17 17.80
C VAL C 423 38.05 3.41 18.53
N LEU C 424 38.82 2.35 18.69
CA LEU C 424 39.98 2.36 19.56
C LEU C 424 41.25 2.34 18.73
N ASP C 425 42.22 3.11 19.16
CA ASP C 425 43.54 3.02 18.60
C ASP C 425 44.38 2.20 19.57
N ASN C 426 45.67 2.16 19.34
CA ASN C 426 46.61 1.44 20.20
C ASN C 426 46.49 1.83 21.67
N THR C 427 46.63 3.13 21.97
CA THR C 427 46.96 3.56 23.33
C THR C 427 45.82 3.37 24.33
N GLN C 428 44.56 3.58 23.91
CA GLN C 428 43.45 3.58 24.86
C GLN C 428 42.89 2.20 25.21
N GLN C 429 42.97 1.24 24.27
CA GLN C 429 42.37 -0.07 24.44
C GLN C 429 42.77 -0.68 25.78
N LEU C 430 44.03 -0.52 26.12
CA LEU C 430 44.59 -1.19 27.28
C LEU C 430 44.12 -0.50 28.55
N LYS C 431 44.20 0.83 28.60
CA LYS C 431 43.79 1.51 29.81
C LYS C 431 42.31 1.27 30.10
N ILE C 432 41.48 1.18 29.05
CA ILE C 432 40.05 1.04 29.30
C ILE C 432 39.73 -0.37 29.77
N LEU C 433 40.24 -1.40 29.09
CA LEU C 433 39.88 -2.74 29.52
C LEU C 433 40.61 -3.10 30.80
N ALA C 434 41.87 -2.73 30.92
CA ALA C 434 42.62 -2.96 32.14
C ALA C 434 41.86 -2.43 33.35
N ASP C 435 41.44 -1.16 33.33
CA ASP C 435 40.79 -0.61 34.51
C ASP C 435 39.40 -1.19 34.74
N SER C 436 38.62 -1.39 33.66
CA SER C 436 37.32 -2.05 33.82
C SER C 436 37.48 -3.41 34.50
N ILE C 437 38.45 -4.20 34.04
CA ILE C 437 38.68 -5.51 34.64
C ILE C 437 39.24 -5.35 36.05
N ASN C 438 39.94 -4.23 36.32
CA ASN C 438 40.38 -3.95 37.68
C ASN C 438 39.18 -3.92 38.62
N SER C 439 38.12 -3.22 38.21
CA SER C 439 36.90 -3.16 38.99
C SER C 439 36.23 -4.52 39.12
N GLU C 440 36.07 -5.22 37.99
CA GLU C 440 35.43 -6.53 38.02
C GLU C 440 36.17 -7.51 38.93
N ILE C 441 37.51 -7.54 38.85
CA ILE C 441 38.25 -8.49 39.67
C ILE C 441 38.24 -8.05 41.12
N GLY C 442 38.18 -6.75 41.39
CA GLY C 442 38.02 -6.32 42.78
C GLY C 442 36.73 -6.84 43.40
N ILE C 443 35.60 -6.61 42.72
CA ILE C 443 34.33 -7.12 43.25
C ILE C 443 34.37 -8.64 43.35
N LEU C 444 35.08 -9.30 42.44
CA LEU C 444 35.17 -10.76 42.48
C LEU C 444 35.99 -11.22 43.70
N CYS C 445 37.13 -10.57 43.92
CA CYS C 445 37.98 -10.90 45.07
C CYS C 445 37.26 -10.69 46.39
N SER C 446 36.37 -9.69 46.45
CA SER C 446 35.61 -9.51 47.67
C SER C 446 34.45 -10.50 47.79
N ALA C 447 33.84 -10.89 46.66
CA ALA C 447 32.81 -11.93 46.66
C ALA C 447 33.36 -13.30 47.04
N LEU C 448 34.67 -13.51 46.90
CA LEU C 448 35.25 -14.82 47.20
C LEU C 448 35.03 -15.25 48.65
N GLN C 449 35.08 -14.30 49.58
CA GLN C 449 34.90 -14.60 51.00
C GLN C 449 33.45 -14.87 51.37
N LYS C 450 32.64 -15.28 50.40
CA LYS C 450 31.21 -15.55 50.60
C LYS C 450 30.47 -14.25 50.83
N GLU D 21 -10.36 30.13 -5.03
CA GLU D 21 -10.01 28.98 -5.90
C GLU D 21 -11.26 28.48 -6.63
N THR D 22 -11.13 27.40 -7.40
CA THR D 22 -12.28 26.83 -8.16
C THR D 22 -12.11 25.31 -8.26
N SER D 23 -12.80 24.68 -9.23
CA SER D 23 -12.71 23.21 -9.42
C SER D 23 -12.05 22.90 -10.78
N TYR D 24 -11.64 23.95 -11.50
CA TYR D 24 -11.00 23.78 -12.80
C TYR D 24 -9.51 23.49 -12.63
N ILE D 25 -9.05 22.43 -13.29
CA ILE D 25 -7.65 22.01 -13.22
C ILE D 25 -7.08 21.96 -14.63
N GLU D 26 -5.98 22.69 -14.83
CA GLU D 26 -5.31 22.67 -16.13
C GLU D 26 -4.76 21.28 -16.40
N ASP D 27 -4.67 20.95 -17.68
CA ASP D 27 -4.20 19.65 -18.09
C ASP D 27 -2.71 19.74 -18.35
N ASN D 28 -2.02 18.62 -18.20
CA ASN D 28 -0.58 18.63 -18.20
C ASN D 28 -0.09 17.79 -19.38
N CYS D 29 1.21 17.52 -19.38
CA CYS D 29 1.77 16.75 -20.46
C CYS D 29 2.88 15.87 -19.92
N ASN D 30 3.26 14.89 -20.73
CA ASN D 30 4.43 14.09 -20.49
C ASN D 30 5.49 14.57 -21.47
N GLN D 31 6.74 14.23 -21.21
CA GLN D 31 7.78 14.64 -22.14
C GLN D 31 7.48 14.15 -23.55
N ASN D 32 6.95 12.93 -23.66
CA ASN D 32 6.50 12.42 -24.95
C ASN D 32 5.35 13.24 -25.52
N GLY D 33 4.27 13.38 -24.77
CA GLY D 33 3.10 14.06 -25.29
C GLY D 33 2.09 13.12 -25.91
N ALA D 34 1.28 13.66 -26.82
CA ALA D 34 0.25 12.89 -27.51
C ALA D 34 -0.09 13.58 -28.82
N ILE D 35 0.32 13.01 -29.94
CA ILE D 35 0.01 13.54 -31.27
C ILE D 35 -0.81 12.53 -32.06
N SER D 36 -2.10 12.81 -32.22
CA SER D 36 -2.97 12.06 -33.12
C SER D 36 -3.28 12.89 -34.37
N LEU D 37 -3.60 12.20 -35.47
CA LEU D 37 -4.00 12.83 -36.73
C LEU D 37 -5.29 12.20 -37.21
N ILE D 38 -6.39 12.93 -37.07
CA ILE D 38 -7.71 12.48 -37.54
C ILE D 38 -7.86 12.84 -39.01
N PHE D 39 -8.15 11.85 -39.86
CA PHE D 39 -8.47 12.14 -41.25
C PHE D 39 -9.21 10.98 -41.88
N SER D 40 -10.15 11.29 -42.77
CA SER D 40 -10.77 10.29 -43.62
C SER D 40 -10.35 10.46 -45.07
N LEU D 41 -10.36 9.34 -45.80
CA LEU D 41 -9.90 9.30 -47.18
C LEU D 41 -10.66 8.22 -47.93
N LYS D 42 -10.96 8.53 -49.18
CA LYS D 42 -11.80 7.73 -50.06
C LYS D 42 -10.99 6.63 -50.74
N GLU D 43 -11.61 5.46 -50.92
CA GLU D 43 -10.86 4.37 -51.52
C GLU D 43 -10.64 4.80 -52.95
N GLU D 44 -9.62 5.62 -53.13
CA GLU D 44 -9.22 6.12 -54.43
C GLU D 44 -7.99 5.34 -54.85
N VAL D 45 -7.71 5.38 -56.14
CA VAL D 45 -6.57 4.65 -56.65
C VAL D 45 -5.29 5.27 -56.09
N GLY D 46 -4.51 4.46 -55.38
CA GLY D 46 -3.30 4.90 -54.74
C GLY D 46 -3.44 5.25 -53.27
N ALA D 47 -4.66 5.51 -52.81
CA ALA D 47 -4.92 6.12 -51.50
C ALA D 47 -4.30 5.38 -50.33
N LEU D 48 -4.79 4.17 -50.03
CA LEU D 48 -4.31 3.45 -48.85
C LEU D 48 -2.85 3.08 -49.00
N ALA D 49 -2.44 2.76 -50.24
CA ALA D 49 -1.02 2.61 -50.54
C ALA D 49 -0.26 3.90 -50.26
N LYS D 50 -0.79 5.04 -50.73
CA LYS D 50 -0.13 6.32 -50.47
C LYS D 50 0.13 6.49 -48.98
N VAL D 51 -0.89 6.23 -48.16
CA VAL D 51 -0.81 6.52 -46.73
C VAL D 51 0.21 5.61 -46.06
N LEU D 52 0.03 4.29 -46.19
CA LEU D 52 0.95 3.38 -45.51
C LEU D 52 2.37 3.50 -46.04
N ARG D 53 2.52 3.79 -47.34
CA ARG D 53 3.83 4.04 -47.90
C ARG D 53 4.45 5.31 -47.31
N LEU D 54 3.64 6.36 -47.14
CA LEU D 54 4.17 7.59 -46.57
C LEU D 54 4.69 7.35 -45.16
N PHE D 55 3.97 6.54 -44.37
CA PHE D 55 4.39 6.33 -42.98
C PHE D 55 5.60 5.42 -42.89
N GLU D 56 5.58 4.26 -43.56
CA GLU D 56 6.76 3.40 -43.49
C GLU D 56 7.90 3.97 -44.32
N GLU D 57 7.59 4.95 -45.18
CA GLU D 57 8.58 5.79 -45.83
C GLU D 57 9.28 6.67 -44.81
N ASN D 58 8.55 7.12 -43.79
CA ASN D 58 9.09 7.93 -42.72
C ASN D 58 9.31 7.12 -41.44
N ASP D 59 9.30 5.80 -41.55
CA ASP D 59 9.70 4.84 -40.55
C ASP D 59 8.65 4.68 -39.45
N VAL D 60 7.53 5.39 -39.51
CA VAL D 60 6.53 5.29 -38.45
C VAL D 60 6.01 3.86 -38.40
N ASN D 61 5.99 3.28 -37.19
CA ASN D 61 5.54 1.91 -37.06
C ASN D 61 4.06 1.86 -37.42
N LEU D 62 3.66 0.81 -38.14
CA LEU D 62 2.29 0.66 -38.58
C LEU D 62 1.50 -0.26 -37.67
N THR D 63 2.09 -0.69 -36.55
CA THR D 63 1.30 -1.16 -35.42
C THR D 63 0.62 0.01 -34.71
N HIS D 64 1.05 1.23 -35.02
CA HIS D 64 0.52 2.46 -34.44
C HIS D 64 -0.24 3.29 -35.45
N ILE D 65 -0.18 2.95 -36.73
CA ILE D 65 -0.98 3.60 -37.76
C ILE D 65 -2.15 2.66 -38.03
N GLU D 66 -3.25 2.93 -37.35
CA GLU D 66 -4.46 2.13 -37.44
C GLU D 66 -5.44 2.80 -38.39
N SER D 67 -5.96 2.04 -39.34
CA SER D 67 -6.98 2.52 -40.25
C SER D 67 -8.16 1.57 -40.21
N ARG D 68 -9.35 2.15 -40.15
CA ARG D 68 -10.58 1.37 -40.26
C ARG D 68 -11.50 2.10 -41.23
N PRO D 69 -12.60 1.49 -41.66
CA PRO D 69 -13.44 2.17 -42.65
C PRO D 69 -14.16 3.34 -42.04
N SER D 70 -14.58 4.26 -42.90
CA SER D 70 -15.51 5.29 -42.45
C SER D 70 -16.81 4.56 -42.15
N ARG D 71 -17.19 4.51 -40.88
CA ARG D 71 -18.34 3.71 -40.47
C ARG D 71 -19.61 4.24 -41.12
N LEU D 72 -19.47 5.33 -41.89
CA LEU D 72 -20.59 5.97 -42.55
C LEU D 72 -20.47 5.97 -44.07
N LYS D 73 -19.43 6.61 -44.62
CA LYS D 73 -19.23 6.67 -46.06
C LYS D 73 -18.47 5.42 -46.49
N LYS D 74 -19.17 4.49 -47.15
CA LYS D 74 -18.62 3.18 -47.45
C LYS D 74 -17.29 3.24 -48.19
N ASP D 75 -17.09 4.26 -49.01
CA ASP D 75 -15.93 4.31 -49.89
C ASP D 75 -14.73 4.98 -49.25
N GLU D 76 -14.82 5.36 -47.98
CA GLU D 76 -13.75 6.07 -47.32
C GLU D 76 -13.34 5.34 -46.04
N TYR D 77 -12.13 5.66 -45.57
CA TYR D 77 -11.59 5.15 -44.33
C TYR D 77 -11.46 6.27 -43.31
N GLU D 78 -11.42 5.88 -42.03
CA GLU D 78 -11.03 6.80 -40.97
C GLU D 78 -9.72 6.30 -40.37
N PHE D 79 -8.86 7.22 -39.95
CA PHE D 79 -7.50 6.90 -39.56
C PHE D 79 -7.20 7.37 -38.15
N PHE D 80 -6.75 6.45 -37.30
CA PHE D 80 -6.27 6.76 -35.96
C PHE D 80 -4.75 6.62 -35.99
N THR D 81 -4.04 7.72 -35.74
CA THR D 81 -2.58 7.74 -35.81
C THR D 81 -2.03 7.81 -34.39
N HIS D 82 -1.40 6.73 -33.95
CA HIS D 82 -0.89 6.60 -32.58
C HIS D 82 0.58 7.03 -32.55
N LEU D 83 0.81 8.31 -32.30
CA LEU D 83 2.14 8.90 -32.37
C LEU D 83 2.47 9.58 -31.04
N ASP D 84 3.57 10.33 -31.05
CA ASP D 84 4.01 11.13 -29.92
C ASP D 84 4.87 12.26 -30.49
N LYS D 85 5.48 13.04 -29.61
CA LYS D 85 6.36 14.08 -30.11
C LYS D 85 7.69 13.53 -30.57
N ARG D 86 7.93 12.23 -30.38
CA ARG D 86 9.07 11.58 -31.01
C ARG D 86 8.90 11.54 -32.52
N SER D 87 7.66 11.61 -33.01
CA SER D 87 7.37 11.67 -34.43
C SER D 87 7.48 13.07 -35.02
N LEU D 88 7.70 14.09 -34.19
CA LEU D 88 7.87 15.45 -34.68
C LEU D 88 8.98 15.61 -35.72
N PRO D 89 10.16 14.99 -35.59
CA PRO D 89 11.21 15.17 -36.61
C PRO D 89 10.81 14.84 -38.05
N ALA D 90 9.66 14.21 -38.29
CA ALA D 90 9.19 13.93 -39.64
C ALA D 90 7.73 14.28 -39.80
N LEU D 91 7.09 14.79 -38.75
CA LEU D 91 5.68 15.13 -38.82
C LEU D 91 5.48 16.32 -39.74
N THR D 92 6.49 17.19 -39.85
CA THR D 92 6.44 18.24 -40.88
C THR D 92 6.12 17.62 -42.23
N ASN D 93 6.97 16.69 -42.67
CA ASN D 93 6.81 16.05 -43.97
C ASN D 93 5.45 15.40 -44.09
N ILE D 94 5.09 14.59 -43.09
CA ILE D 94 3.83 13.86 -43.12
C ILE D 94 2.63 14.80 -43.24
N ILE D 95 2.55 15.77 -42.32
CA ILE D 95 1.48 16.77 -42.31
C ILE D 95 1.36 17.48 -43.65
N LYS D 96 2.48 17.99 -44.18
CA LYS D 96 2.44 18.67 -45.46
C LYS D 96 1.81 17.79 -46.53
N ILE D 97 2.34 16.57 -46.70
CA ILE D 97 1.85 15.71 -47.78
C ILE D 97 0.37 15.38 -47.58
N LEU D 98 -0.06 15.23 -46.33
CA LEU D 98 -1.44 14.80 -46.10
C LEU D 98 -2.44 15.93 -46.36
N ARG D 99 -2.14 17.14 -45.89
CA ARG D 99 -3.12 18.21 -46.07
C ARG D 99 -3.09 18.82 -47.47
N HIS D 100 -1.93 18.77 -48.16
CA HIS D 100 -1.83 19.49 -49.42
C HIS D 100 -1.48 18.62 -50.62
N ASP D 101 -0.78 17.49 -50.43
CA ASP D 101 -0.46 16.66 -51.58
C ASP D 101 -1.57 15.69 -51.94
N ILE D 102 -2.36 15.24 -50.98
CA ILE D 102 -3.51 14.39 -51.25
C ILE D 102 -4.82 15.16 -51.13
N GLY D 103 -4.95 16.02 -50.13
CA GLY D 103 -6.19 16.74 -49.92
C GLY D 103 -7.04 16.03 -48.90
N ALA D 104 -6.41 15.58 -47.81
CA ALA D 104 -7.08 14.88 -46.73
C ALA D 104 -7.30 15.83 -45.57
N THR D 105 -8.52 15.83 -45.04
CA THR D 105 -8.88 16.69 -43.91
C THR D 105 -8.22 16.14 -42.65
N VAL D 106 -7.13 16.76 -42.21
CA VAL D 106 -6.42 16.35 -41.01
C VAL D 106 -6.61 17.40 -39.92
N HIS D 107 -7.02 16.94 -38.73
CA HIS D 107 -6.99 17.75 -37.52
C HIS D 107 -6.04 17.07 -36.55
N GLU D 108 -5.01 17.79 -36.13
CA GLU D 108 -3.98 17.24 -35.25
C GLU D 108 -4.32 17.48 -33.78
N LEU D 109 -4.24 16.41 -32.99
CA LEU D 109 -4.39 16.48 -31.55
C LEU D 109 -3.01 16.58 -30.90
N SER D 110 -2.82 17.60 -30.06
CA SER D 110 -1.56 17.84 -29.37
C SER D 110 -1.80 18.06 -27.89
N ARG D 111 -0.94 17.45 -27.06
CA ARG D 111 -1.01 17.70 -25.62
C ARG D 111 -0.17 18.89 -25.19
N ASP D 112 0.89 19.25 -25.94
CA ASP D 112 1.55 20.52 -25.72
C ASP D 112 0.73 21.68 -26.25
N LYS D 113 -0.25 21.42 -27.10
CA LYS D 113 -1.12 22.45 -27.66
C LYS D 113 -0.30 23.60 -28.23
N LYS D 114 0.46 23.28 -29.28
CA LYS D 114 1.34 24.23 -29.93
C LYS D 114 0.53 24.92 -31.02
N LYS D 115 1.19 25.53 -32.00
CA LYS D 115 0.50 26.39 -32.95
C LYS D 115 -0.64 25.64 -33.64
N ASP D 116 -1.86 26.16 -33.46
CA ASP D 116 -3.04 25.75 -34.21
C ASP D 116 -3.36 24.25 -34.07
N THR D 117 -3.11 23.67 -32.91
CA THR D 117 -3.39 22.25 -32.73
C THR D 117 -4.63 22.14 -31.85
N VAL D 118 -5.67 21.50 -32.38
CA VAL D 118 -6.87 21.25 -31.58
C VAL D 118 -6.47 20.47 -30.34
N PRO D 119 -7.01 20.76 -29.15
CA PRO D 119 -6.51 20.10 -27.94
C PRO D 119 -6.83 18.62 -27.93
N TRP D 120 -5.87 17.84 -27.44
CA TRP D 120 -5.90 16.40 -27.55
C TRP D 120 -7.06 15.82 -26.73
N PHE D 121 -7.55 14.68 -27.18
CA PHE D 121 -8.57 13.93 -26.46
C PHE D 121 -8.49 12.47 -26.90
N PRO D 122 -8.95 11.55 -26.06
CA PRO D 122 -8.96 10.14 -26.45
C PRO D 122 -10.08 9.85 -27.45
N ARG D 123 -9.79 8.94 -28.38
CA ARG D 123 -10.74 8.52 -29.40
C ARG D 123 -11.29 7.13 -29.17
N THR D 124 -10.52 6.27 -28.49
CA THR D 124 -10.94 4.94 -28.12
C THR D 124 -10.98 4.85 -26.61
N ILE D 125 -11.82 3.93 -26.10
CA ILE D 125 -11.95 3.74 -24.67
C ILE D 125 -10.66 3.23 -24.02
N GLN D 126 -9.73 2.72 -24.83
CA GLN D 126 -8.43 2.30 -24.30
C GLN D 126 -7.40 3.43 -24.29
N GLU D 127 -7.63 4.51 -25.05
CA GLU D 127 -6.71 5.62 -24.98
C GLU D 127 -6.81 6.37 -23.66
N LEU D 128 -7.76 5.98 -22.80
CA LEU D 128 -7.89 6.59 -21.48
C LEU D 128 -6.74 6.16 -20.57
N ASP D 129 -6.03 5.10 -20.94
CA ASP D 129 -4.85 4.65 -20.23
C ASP D 129 -3.65 5.54 -20.53
N ARG D 130 -3.73 6.35 -21.58
CA ARG D 130 -2.62 7.21 -21.95
C ARG D 130 -2.31 8.23 -20.87
N PHE D 131 -3.34 8.84 -20.30
CA PHE D 131 -3.20 9.88 -19.29
C PHE D 131 -4.09 9.58 -18.10
N ALA D 132 -3.97 8.35 -17.59
CA ALA D 132 -4.67 7.94 -16.39
C ALA D 132 -3.82 8.05 -15.12
N ASN D 133 -2.50 8.21 -15.26
CA ASN D 133 -1.62 8.38 -14.10
C ASN D 133 -1.26 9.84 -13.87
N GLN D 134 -2.02 10.78 -14.43
CA GLN D 134 -1.64 12.19 -14.39
C GLN D 134 -2.40 12.89 -13.27
N ILE D 135 -2.01 12.54 -12.05
CA ILE D 135 -2.72 12.95 -10.84
C ILE D 135 -1.71 13.51 -9.86
N LEU D 136 -2.18 13.84 -8.65
CA LEU D 136 -1.35 14.24 -7.49
C LEU D 136 0.07 14.71 -7.78
N ASP D 143 -0.81 18.13 0.35
CA ASP D 143 -0.74 19.11 1.44
C ASP D 143 -0.65 18.42 2.80
N ALA D 144 0.17 18.99 3.69
CA ALA D 144 0.41 18.37 4.98
C ALA D 144 -0.82 18.41 5.88
N ASP D 145 -1.66 19.43 5.73
CA ASP D 145 -2.78 19.64 6.64
C ASP D 145 -3.83 18.54 6.54
N HIS D 146 -3.67 17.58 5.64
CA HIS D 146 -4.64 16.50 5.54
C HIS D 146 -4.72 15.77 6.88
N PRO D 147 -5.91 15.51 7.40
CA PRO D 147 -6.01 14.85 8.70
C PRO D 147 -5.48 13.43 8.62
N GLY D 148 -4.25 13.24 9.08
CA GLY D 148 -3.64 11.92 9.09
C GLY D 148 -2.40 11.80 8.24
N PHE D 149 -1.78 12.92 7.86
CA PHE D 149 -0.45 12.84 7.26
C PHE D 149 0.52 12.31 8.29
N LYS D 150 0.48 12.86 9.49
CA LYS D 150 1.38 12.44 10.55
C LYS D 150 1.01 11.08 11.10
N ASP D 151 -0.06 10.47 10.59
CA ASP D 151 -0.33 9.06 10.80
C ASP D 151 0.33 8.32 9.64
N PRO D 152 1.46 7.64 9.85
CA PRO D 152 2.16 6.99 8.73
C PRO D 152 1.39 5.87 8.04
N VAL D 153 0.48 5.21 8.75
CA VAL D 153 -0.22 4.06 8.20
C VAL D 153 -1.16 4.49 7.08
N TYR D 154 -1.84 5.62 7.27
CA TYR D 154 -2.71 6.16 6.23
C TYR D 154 -1.89 6.44 4.97
N ARG D 155 -0.64 6.85 5.15
CA ARG D 155 0.23 7.15 4.02
C ARG D 155 0.61 5.88 3.26
N ALA D 156 1.10 4.85 3.97
CA ALA D 156 1.45 3.61 3.30
C ALA D 156 0.25 3.00 2.58
N ARG D 157 -0.94 3.13 3.17
CA ARG D 157 -2.12 2.58 2.53
C ARG D 157 -2.50 3.37 1.28
N ARG D 158 -2.28 4.68 1.30
CA ARG D 158 -2.59 5.44 0.10
C ARG D 158 -1.60 5.16 -1.01
N LYS D 159 -0.34 4.85 -0.68
CA LYS D 159 0.57 4.43 -1.75
C LYS D 159 0.16 3.09 -2.32
N GLN D 160 -0.38 2.19 -1.49
CA GLN D 160 -0.90 0.93 -2.02
C GLN D 160 -2.03 1.17 -3.03
N PHE D 161 -3.01 1.99 -2.64
CA PHE D 161 -4.17 2.18 -3.52
C PHE D 161 -3.79 2.96 -4.78
N ALA D 162 -2.84 3.89 -4.65
CA ALA D 162 -2.33 4.56 -5.82
C ALA D 162 -1.64 3.58 -6.75
N ASP D 163 -0.87 2.63 -6.18
CA ASP D 163 -0.26 1.59 -7.00
C ASP D 163 -1.30 0.85 -7.83
N ILE D 164 -2.36 0.40 -7.17
CA ILE D 164 -3.40 -0.33 -7.89
C ILE D 164 -3.96 0.51 -9.03
N ALA D 165 -4.22 1.79 -8.77
CA ALA D 165 -4.72 2.65 -9.83
C ALA D 165 -3.65 2.88 -10.91
N TYR D 166 -2.37 2.83 -10.55
CA TYR D 166 -1.29 3.06 -11.51
C TYR D 166 -1.16 1.89 -12.49
N ASN D 167 -1.43 0.67 -12.04
CA ASN D 167 -1.23 -0.49 -12.90
C ASN D 167 -2.49 -0.97 -13.60
N TYR D 168 -3.62 -0.28 -13.39
CA TYR D 168 -4.87 -0.72 -13.99
C TYR D 168 -4.97 -0.23 -15.44
N ARG D 169 -5.34 -1.14 -16.34
CA ARG D 169 -5.59 -0.83 -17.74
C ARG D 169 -7.00 -1.28 -18.11
N HIS D 170 -7.64 -0.52 -19.00
CA HIS D 170 -9.02 -0.78 -19.41
C HIS D 170 -9.19 -2.25 -19.83
N GLY D 171 -10.39 -2.77 -19.57
CA GLY D 171 -10.73 -4.15 -19.87
C GLY D 171 -10.48 -5.02 -18.67
N GLN D 172 -9.41 -4.74 -17.95
CA GLN D 172 -9.11 -5.49 -16.74
C GLN D 172 -10.22 -5.27 -15.71
N PRO D 173 -10.44 -6.22 -14.82
CA PRO D 173 -11.29 -5.97 -13.66
C PRO D 173 -10.58 -5.12 -12.62
N ILE D 174 -11.35 -4.30 -11.92
CA ILE D 174 -10.82 -3.46 -10.84
C ILE D 174 -10.34 -4.37 -9.73
N PRO D 175 -9.05 -4.40 -9.42
CA PRO D 175 -8.56 -5.28 -8.35
C PRO D 175 -9.29 -5.02 -7.04
N ARG D 176 -9.73 -6.10 -6.41
CA ARG D 176 -10.57 -6.02 -5.22
C ARG D 176 -9.67 -6.11 -3.99
N VAL D 177 -9.90 -5.22 -3.03
CA VAL D 177 -8.98 -5.00 -1.92
C VAL D 177 -9.70 -5.20 -0.59
N GLU D 178 -8.98 -5.78 0.37
CA GLU D 178 -9.45 -5.95 1.73
C GLU D 178 -9.32 -4.64 2.52
N TYR D 179 -10.44 -4.12 3.02
CA TYR D 179 -10.44 -2.94 3.85
C TYR D 179 -10.24 -3.33 5.31
N MET D 180 -9.43 -2.54 6.02
CA MET D 180 -9.21 -2.76 7.44
C MET D 180 -10.46 -2.32 8.21
N GLU D 181 -10.41 -2.34 9.54
CA GLU D 181 -11.60 -2.04 10.34
C GLU D 181 -11.82 -0.53 10.46
N GLU D 182 -10.73 0.23 10.56
CA GLU D 182 -10.82 1.70 10.63
C GLU D 182 -11.63 2.25 9.46
N GLU D 183 -11.35 1.76 8.26
CA GLU D 183 -12.08 2.16 7.06
C GLU D 183 -13.54 1.75 7.17
N LYS D 184 -13.79 0.57 7.73
CA LYS D 184 -15.15 0.06 7.84
C LYS D 184 -15.99 0.96 8.73
N LYS D 185 -15.42 1.44 9.83
CA LYS D 185 -16.21 2.28 10.73
C LYS D 185 -16.27 3.73 10.26
N THR D 186 -15.30 4.16 9.44
CA THR D 186 -15.45 5.42 8.73
C THR D 186 -16.67 5.41 7.82
N TRP D 187 -16.76 4.39 6.96
CA TRP D 187 -17.94 4.23 6.12
C TRP D 187 -19.20 4.10 6.97
N GLY D 188 -19.13 3.31 8.05
CA GLY D 188 -20.27 3.20 8.95
C GLY D 188 -20.81 4.56 9.37
N THR D 189 -19.91 5.43 9.87
CA THR D 189 -20.35 6.74 10.32
C THR D 189 -21.00 7.54 9.20
N VAL D 190 -20.27 7.72 8.09
CA VAL D 190 -20.77 8.54 6.99
C VAL D 190 -22.10 8.01 6.46
N PHE D 191 -22.18 6.69 6.25
CA PHE D 191 -23.37 6.08 5.68
C PHE D 191 -24.55 6.15 6.65
N LYS D 192 -24.32 5.79 7.91
CA LYS D 192 -25.37 5.92 8.92
C LYS D 192 -25.97 7.31 8.88
N THR D 193 -25.12 8.32 8.81
CA THR D 193 -25.59 9.70 8.78
C THR D 193 -26.40 9.98 7.53
N LEU D 194 -25.82 9.72 6.36
CA LEU D 194 -26.42 10.15 5.09
C LEU D 194 -27.70 9.38 4.75
N LYS D 195 -27.74 8.09 5.07
CA LYS D 195 -28.86 7.23 4.71
C LYS D 195 -30.18 7.74 5.29
N SER D 196 -30.24 7.90 6.61
CA SER D 196 -31.46 8.38 7.26
C SER D 196 -31.95 9.68 6.64
N LEU D 197 -31.03 10.45 6.06
CA LEU D 197 -31.36 11.78 5.47
C LEU D 197 -31.79 11.66 3.99
N TYR D 198 -31.34 10.62 3.28
CA TYR D 198 -31.69 10.50 1.87
C TYR D 198 -33.20 10.35 1.69
N LYS D 199 -33.87 9.72 2.66
CA LYS D 199 -35.28 9.36 2.52
C LYS D 199 -36.15 10.56 2.14
N THR D 200 -35.74 11.78 2.48
CA THR D 200 -36.47 12.97 2.05
C THR D 200 -35.59 14.00 1.37
N HIS D 201 -34.27 13.80 1.30
CA HIS D 201 -33.44 14.86 0.76
C HIS D 201 -32.92 14.56 -0.65
N ALA D 202 -32.65 13.30 -0.96
CA ALA D 202 -32.13 12.99 -2.27
C ALA D 202 -33.26 13.04 -3.29
N CYS D 203 -32.91 13.37 -4.53
CA CYS D 203 -33.88 13.39 -5.60
C CYS D 203 -34.44 11.99 -5.82
N TYR D 204 -35.65 11.94 -6.40
CA TYR D 204 -36.29 10.65 -6.66
C TYR D 204 -35.33 9.68 -7.33
N GLU D 205 -34.65 10.12 -8.37
CA GLU D 205 -33.77 9.25 -9.15
C GLU D 205 -32.70 8.59 -8.29
N TYR D 206 -32.49 9.05 -7.06
CA TYR D 206 -31.59 8.42 -6.10
C TYR D 206 -32.34 7.43 -5.20
N ASN D 207 -33.50 7.83 -4.69
CA ASN D 207 -34.33 6.97 -3.86
C ASN D 207 -34.81 5.77 -4.66
N HIS D 208 -34.73 5.87 -5.98
CA HIS D 208 -35.08 4.78 -6.87
C HIS D 208 -34.01 3.69 -6.87
N ILE D 209 -32.77 4.10 -7.13
CA ILE D 209 -31.68 3.16 -7.33
C ILE D 209 -31.18 2.60 -6.01
N PHE D 210 -31.11 3.41 -4.95
CA PHE D 210 -30.36 2.98 -3.78
C PHE D 210 -30.87 1.69 -3.12
N PRO D 211 -32.17 1.47 -2.94
CA PRO D 211 -32.63 0.15 -2.47
C PRO D 211 -32.01 -1.01 -3.25
N LEU D 212 -31.81 -0.81 -4.55
CA LEU D 212 -31.20 -1.84 -5.39
C LEU D 212 -29.75 -2.06 -5.02
N LEU D 213 -28.98 -0.96 -4.97
CA LEU D 213 -27.56 -1.03 -4.64
C LEU D 213 -27.33 -1.75 -3.32
N GLU D 214 -28.20 -1.49 -2.34
CA GLU D 214 -28.09 -2.13 -1.03
C GLU D 214 -27.97 -3.64 -1.17
N LYS D 215 -29.01 -4.26 -1.73
CA LYS D 215 -29.11 -5.71 -1.77
C LYS D 215 -28.25 -6.32 -2.86
N TYR D 216 -27.81 -5.52 -3.84
CA TYR D 216 -27.12 -6.06 -5.00
C TYR D 216 -25.61 -5.95 -4.88
N CYS D 217 -25.10 -4.75 -4.63
CA CYS D 217 -23.67 -4.53 -4.64
C CYS D 217 -23.05 -4.70 -3.26
N GLY D 218 -23.83 -4.53 -2.19
CA GLY D 218 -23.27 -4.60 -0.87
C GLY D 218 -23.22 -3.24 -0.21
N PHE D 219 -24.25 -2.43 -0.41
CA PHE D 219 -24.26 -1.03 0.04
C PHE D 219 -24.80 -0.85 1.44
N HIS D 220 -24.50 -1.75 2.37
CA HIS D 220 -24.86 -1.47 3.76
C HIS D 220 -23.75 -0.69 4.43
N GLU D 221 -24.06 -0.11 5.59
CA GLU D 221 -23.02 0.57 6.34
C GLU D 221 -22.11 -0.39 7.09
N ASP D 222 -22.41 -1.69 7.12
CA ASP D 222 -21.55 -2.67 7.78
C ASP D 222 -20.78 -3.53 6.78
N ASN D 223 -20.64 -3.06 5.55
CA ASN D 223 -19.87 -3.75 4.52
C ASN D 223 -19.56 -2.72 3.44
N ILE D 224 -18.34 -2.75 2.92
CA ILE D 224 -17.89 -1.79 1.92
C ILE D 224 -17.91 -2.47 0.55
N PRO D 225 -18.56 -1.89 -0.45
CA PRO D 225 -18.54 -2.49 -1.78
C PRO D 225 -17.18 -2.31 -2.43
N GLN D 226 -16.79 -3.31 -3.21
CA GLN D 226 -15.61 -3.21 -4.05
C GLN D 226 -16.03 -2.60 -5.37
N LEU D 227 -15.22 -1.66 -5.88
CA LEU D 227 -15.55 -0.94 -7.09
C LEU D 227 -16.03 -1.85 -8.21
N GLU D 228 -15.47 -3.07 -8.28
CA GLU D 228 -15.76 -3.97 -9.40
C GLU D 228 -17.25 -4.27 -9.53
N ASP D 229 -17.87 -4.72 -8.43
CA ASP D 229 -19.30 -5.05 -8.47
C ASP D 229 -20.14 -3.85 -8.86
N VAL D 230 -19.80 -2.68 -8.31
CA VAL D 230 -20.51 -1.45 -8.64
C VAL D 230 -20.40 -1.17 -10.13
N SER D 231 -19.19 -1.26 -10.67
CA SER D 231 -18.95 -1.14 -12.11
C SER D 231 -19.86 -2.06 -12.90
N GLN D 232 -19.89 -3.35 -12.54
CA GLN D 232 -20.66 -4.33 -13.29
C GLN D 232 -22.14 -3.95 -13.29
N PHE D 233 -22.67 -3.64 -12.11
CA PHE D 233 -24.05 -3.19 -11.96
C PHE D 233 -24.35 -1.97 -12.83
N LEU D 234 -23.48 -0.97 -12.78
CA LEU D 234 -23.73 0.27 -13.50
C LEU D 234 -23.64 0.08 -15.00
N GLN D 235 -22.81 -0.85 -15.47
CA GLN D 235 -22.83 -1.16 -16.90
C GLN D 235 -24.10 -1.91 -17.29
N THR D 236 -24.64 -2.72 -16.37
CA THR D 236 -25.92 -3.37 -16.66
C THR D 236 -27.07 -2.37 -16.67
N CYS D 237 -26.90 -1.23 -16.02
CA CYS D 237 -27.95 -0.20 -16.07
C CYS D 237 -27.76 0.76 -17.22
N THR D 238 -26.53 1.23 -17.43
CA THR D 238 -26.29 2.33 -18.35
C THR D 238 -25.00 2.16 -19.15
N GLY D 239 -24.31 1.03 -19.03
CA GLY D 239 -23.00 0.95 -19.64
C GLY D 239 -21.95 1.81 -18.97
N PHE D 240 -22.22 2.34 -17.77
CA PHE D 240 -21.24 3.14 -17.06
C PHE D 240 -20.31 2.27 -16.25
N ARG D 241 -19.03 2.61 -16.30
CA ARG D 241 -17.97 1.79 -15.72
C ARG D 241 -17.12 2.67 -14.82
N LEU D 242 -16.58 2.06 -13.78
CA LEU D 242 -15.75 2.75 -12.80
C LEU D 242 -14.28 2.50 -13.10
N ARG D 243 -13.52 3.59 -13.24
CA ARG D 243 -12.10 3.50 -13.51
C ARG D 243 -11.32 3.94 -12.28
N PRO D 244 -10.63 3.03 -11.59
CA PRO D 244 -9.83 3.45 -10.42
C PRO D 244 -8.66 4.32 -10.87
N VAL D 245 -8.67 5.59 -10.44
CA VAL D 245 -7.62 6.54 -10.74
C VAL D 245 -7.02 6.97 -9.40
N ALA D 246 -5.70 7.14 -9.37
CA ALA D 246 -5.02 7.35 -8.10
C ALA D 246 -5.47 8.65 -7.43
N GLY D 247 -5.11 9.78 -8.00
CA GLY D 247 -5.46 11.05 -7.39
C GLY D 247 -6.57 11.74 -8.14
N LEU D 248 -6.38 13.01 -8.47
CA LEU D 248 -7.36 13.79 -9.21
C LEU D 248 -6.86 14.02 -10.62
N LEU D 249 -7.65 13.57 -11.60
CA LEU D 249 -7.35 13.85 -13.00
C LEU D 249 -7.66 15.30 -13.31
N SER D 250 -6.87 15.89 -14.20
CA SER D 250 -7.25 17.17 -14.78
C SER D 250 -8.64 17.06 -15.39
N SER D 251 -9.36 18.18 -15.38
CA SER D 251 -10.77 18.20 -15.80
C SER D 251 -10.97 17.58 -17.18
N ARG D 252 -10.10 17.92 -18.14
CA ARG D 252 -10.26 17.41 -19.51
C ARG D 252 -10.35 15.90 -19.53
N ASP D 253 -9.47 15.24 -18.77
CA ASP D 253 -9.45 13.78 -18.77
C ASP D 253 -10.68 13.23 -18.07
N PHE D 254 -11.13 13.90 -17.00
CA PHE D 254 -12.33 13.49 -16.29
C PHE D 254 -13.54 13.50 -17.22
N LEU D 255 -13.80 14.64 -17.86
CA LEU D 255 -14.94 14.75 -18.75
C LEU D 255 -14.78 13.93 -20.01
N GLY D 256 -13.55 13.65 -20.44
CA GLY D 256 -13.38 12.75 -21.57
C GLY D 256 -13.76 11.33 -21.22
N GLY D 257 -13.31 10.86 -20.05
CA GLY D 257 -13.74 9.55 -19.59
C GLY D 257 -15.25 9.46 -19.44
N LEU D 258 -15.86 10.53 -18.93
CA LEU D 258 -17.33 10.56 -18.86
C LEU D 258 -17.98 10.58 -20.24
N ALA D 259 -17.29 11.12 -21.25
CA ALA D 259 -17.82 11.02 -22.60
C ALA D 259 -17.95 9.56 -23.02
N PHE D 260 -16.96 8.74 -22.66
CA PHE D 260 -16.98 7.31 -22.93
C PHE D 260 -17.88 6.54 -21.98
N ARG D 261 -18.68 7.25 -21.18
CA ARG D 261 -19.47 6.63 -20.11
C ARG D 261 -18.58 5.82 -19.18
N VAL D 262 -17.38 6.33 -18.91
CA VAL D 262 -16.44 5.71 -17.99
C VAL D 262 -16.14 6.72 -16.89
N PHE D 263 -16.40 6.34 -15.65
CA PHE D 263 -16.22 7.20 -14.50
C PHE D 263 -14.92 6.84 -13.79
N HIS D 264 -13.98 7.79 -13.75
CA HIS D 264 -12.80 7.60 -12.91
C HIS D 264 -13.18 7.84 -11.46
N CYS D 265 -12.82 6.90 -10.60
CA CYS D 265 -13.32 6.88 -9.24
C CYS D 265 -12.19 6.52 -8.28
N THR D 266 -12.43 6.82 -7.01
CA THR D 266 -11.45 6.64 -5.96
C THR D 266 -11.67 5.31 -5.26
N GLN D 267 -10.57 4.72 -4.79
CA GLN D 267 -10.63 3.47 -4.06
C GLN D 267 -10.27 3.62 -2.59
N TYR D 268 -9.79 4.78 -2.17
CA TYR D 268 -9.33 5.03 -0.82
C TYR D 268 -10.41 5.67 0.04
N ILE D 269 -10.24 5.51 1.35
CA ILE D 269 -11.18 6.03 2.33
C ILE D 269 -10.51 7.20 3.06
N ARG D 270 -11.32 7.97 3.77
CA ARG D 270 -10.86 9.07 4.60
C ARG D 270 -10.33 8.53 5.92
N HIS D 271 -9.68 9.41 6.67
CA HIS D 271 -9.14 9.06 7.98
C HIS D 271 -10.25 9.10 9.04
N GLY D 272 -10.07 8.29 10.08
CA GLY D 272 -11.08 8.19 11.12
C GLY D 272 -11.23 9.42 12.00
N SER D 273 -10.27 10.35 11.96
CA SER D 273 -10.31 11.50 12.86
C SER D 273 -11.46 12.44 12.50
N LYS D 274 -11.60 12.77 11.21
CA LYS D 274 -12.60 13.71 10.74
C LYS D 274 -13.43 12.96 9.69
N PRO D 275 -14.41 12.16 10.12
CA PRO D 275 -15.14 11.30 9.19
C PRO D 275 -16.13 12.02 8.30
N MET D 276 -16.31 13.33 8.47
CA MET D 276 -17.28 14.08 7.68
C MET D 276 -16.61 15.18 6.86
N TYR D 277 -15.31 15.06 6.63
CA TYR D 277 -14.61 16.01 5.77
C TYR D 277 -13.61 15.29 4.89
N THR D 278 -13.61 15.60 3.60
CA THR D 278 -12.59 15.07 2.71
C THR D 278 -12.07 16.23 1.87
N PRO D 279 -10.75 16.45 1.84
CA PRO D 279 -10.23 17.51 0.96
C PRO D 279 -10.30 17.10 -0.49
N GLU D 280 -10.11 15.82 -0.79
CA GLU D 280 -10.15 15.22 -2.11
C GLU D 280 -11.09 14.02 -2.12
N PRO D 281 -11.94 13.86 -3.15
CA PRO D 281 -13.02 12.88 -3.07
C PRO D 281 -12.52 11.48 -2.72
N ASP D 282 -13.30 10.77 -1.91
CA ASP D 282 -12.90 9.47 -1.37
C ASP D 282 -13.93 8.41 -1.78
N ILE D 283 -13.65 7.17 -1.35
CA ILE D 283 -14.51 6.03 -1.69
C ILE D 283 -15.98 6.35 -1.38
N CYS D 284 -16.25 6.85 -0.17
CA CYS D 284 -17.62 7.12 0.24
C CYS D 284 -18.23 8.22 -0.61
N HIS D 285 -17.45 9.25 -0.93
CA HIS D 285 -17.95 10.34 -1.77
C HIS D 285 -18.41 9.85 -3.13
N GLU D 286 -17.63 8.93 -3.74
CA GLU D 286 -17.98 8.45 -5.06
C GLU D 286 -19.17 7.49 -5.00
N LEU D 287 -19.14 6.51 -4.09
CA LEU D 287 -20.22 5.53 -4.02
C LEU D 287 -21.53 6.08 -3.49
N LEU D 288 -21.51 7.18 -2.73
CA LEU D 288 -22.75 7.72 -2.17
C LEU D 288 -23.17 9.05 -2.77
N GLY D 289 -22.25 9.80 -3.35
CA GLY D 289 -22.62 11.03 -4.04
C GLY D 289 -22.78 10.80 -5.53
N HIS D 290 -21.74 10.24 -6.15
CA HIS D 290 -21.68 10.14 -7.61
C HIS D 290 -22.45 8.93 -8.11
N VAL D 291 -21.98 7.74 -7.73
CA VAL D 291 -22.34 6.46 -8.35
C VAL D 291 -23.84 6.25 -8.52
N PRO D 292 -24.67 6.33 -7.46
CA PRO D 292 -26.07 5.86 -7.61
C PRO D 292 -26.84 6.56 -8.72
N LEU D 293 -26.58 7.84 -8.96
CA LEU D 293 -27.32 8.56 -9.99
C LEU D 293 -26.91 8.11 -11.38
N PHE D 294 -25.66 7.66 -11.53
CA PHE D 294 -25.20 7.05 -12.78
C PHE D 294 -26.02 5.82 -13.16
N SER D 295 -26.92 5.36 -12.30
CA SER D 295 -27.82 4.26 -12.66
C SER D 295 -29.07 4.75 -13.38
N ASP D 296 -29.24 6.05 -13.54
CA ASP D 296 -30.38 6.59 -14.29
C ASP D 296 -29.93 6.97 -15.69
N ARG D 297 -30.68 6.49 -16.69
CA ARG D 297 -30.33 6.75 -18.07
C ARG D 297 -30.36 8.24 -18.40
N SER D 298 -31.40 8.94 -17.96
CA SER D 298 -31.52 10.36 -18.24
C SER D 298 -30.32 11.13 -17.69
N PHE D 299 -29.96 10.85 -16.43
CA PHE D 299 -28.80 11.50 -15.82
C PHE D 299 -27.52 11.11 -16.55
N ALA D 300 -27.42 9.85 -16.95
CA ALA D 300 -26.23 9.37 -17.63
C ALA D 300 -26.00 10.10 -18.94
N GLN D 301 -27.03 10.12 -19.80
CA GLN D 301 -26.95 10.85 -21.07
C GLN D 301 -26.61 12.32 -20.83
N PHE D 302 -27.19 12.94 -19.80
CA PHE D 302 -26.82 14.31 -19.44
C PHE D 302 -25.30 14.44 -19.24
N SER D 303 -24.76 13.66 -18.30
CA SER D 303 -23.34 13.69 -18.01
C SER D 303 -22.50 13.39 -19.25
N GLN D 304 -22.92 12.40 -20.02
CA GLN D 304 -22.18 11.98 -21.20
C GLN D 304 -22.11 13.11 -22.22
N GLU D 305 -23.24 13.77 -22.46
CA GLU D 305 -23.27 14.90 -23.38
C GLU D 305 -22.30 15.98 -22.93
N ILE D 306 -22.22 16.24 -21.62
CA ILE D 306 -21.20 17.17 -21.13
C ILE D 306 -19.81 16.71 -21.55
N GLY D 307 -19.50 15.44 -21.27
CA GLY D 307 -18.27 14.83 -21.71
C GLY D 307 -17.98 15.15 -23.17
N LEU D 308 -18.95 14.84 -24.01
CA LEU D 308 -18.85 15.11 -25.45
C LEU D 308 -18.51 16.56 -25.71
N ALA D 309 -19.13 17.47 -24.95
CA ALA D 309 -18.86 18.89 -25.13
C ALA D 309 -17.41 19.23 -24.81
N SER D 310 -16.78 18.44 -23.92
CA SER D 310 -15.38 18.72 -23.57
C SER D 310 -14.44 18.49 -24.75
N LEU D 311 -14.80 17.61 -25.68
CA LEU D 311 -13.85 17.15 -26.68
C LEU D 311 -13.48 18.26 -27.66
N GLY D 312 -12.17 18.39 -27.91
CA GLY D 312 -11.66 19.39 -28.83
C GLY D 312 -11.88 20.80 -28.35
N ALA D 313 -12.27 20.96 -27.06
CA ALA D 313 -12.59 22.31 -26.60
C ALA D 313 -11.39 22.98 -25.94
N PRO D 314 -11.30 24.31 -26.06
CA PRO D 314 -10.22 25.05 -25.42
C PRO D 314 -10.37 25.13 -23.90
N ASP D 315 -9.26 25.45 -23.24
CA ASP D 315 -9.20 25.51 -21.78
C ASP D 315 -10.27 26.41 -21.17
N GLU D 316 -10.52 27.58 -21.76
CA GLU D 316 -11.58 28.45 -21.23
C GLU D 316 -12.90 27.70 -21.13
N TYR D 317 -13.32 27.04 -22.21
CA TYR D 317 -14.63 26.41 -22.18
C TYR D 317 -14.65 25.15 -21.33
N ILE D 318 -13.50 24.57 -20.99
CA ILE D 318 -13.53 23.50 -20.00
C ILE D 318 -13.59 24.09 -18.59
N GLU D 319 -12.99 25.26 -18.36
CA GLU D 319 -13.25 25.97 -17.12
C GLU D 319 -14.75 26.18 -16.94
N LYS D 320 -15.44 26.57 -18.02
CA LYS D 320 -16.88 26.76 -17.94
C LYS D 320 -17.61 25.44 -17.72
N LEU D 321 -17.12 24.37 -18.36
CA LEU D 321 -17.69 23.04 -18.13
C LEU D 321 -17.56 22.62 -16.67
N ALA D 322 -16.36 22.77 -16.12
CA ALA D 322 -16.13 22.51 -14.70
C ALA D 322 -17.12 23.27 -13.83
N THR D 323 -17.30 24.57 -14.10
CA THR D 323 -18.27 25.36 -13.34
C THR D 323 -19.67 24.75 -13.43
N ILE D 324 -20.11 24.43 -14.65
CA ILE D 324 -21.45 23.83 -14.85
C ILE D 324 -21.56 22.53 -14.08
N TYR D 325 -20.65 21.60 -14.36
CA TYR D 325 -20.52 20.32 -13.64
C TYR D 325 -20.68 20.51 -12.14
N TRP D 326 -19.96 21.49 -11.59
CA TRP D 326 -20.05 21.78 -10.17
C TRP D 326 -21.47 22.15 -9.79
N PHE D 327 -22.02 23.16 -10.45
CA PHE D 327 -23.34 23.63 -10.07
C PHE D 327 -24.44 22.66 -10.45
N THR D 328 -24.11 21.60 -11.20
CA THR D 328 -25.15 20.67 -11.62
C THR D 328 -24.96 19.27 -11.06
N VAL D 329 -23.98 18.52 -11.59
CA VAL D 329 -23.76 17.15 -11.12
C VAL D 329 -23.27 17.17 -9.69
N GLU D 330 -22.26 18.00 -9.41
CA GLU D 330 -21.66 18.00 -8.09
C GLU D 330 -22.56 18.72 -7.09
N PHE D 331 -23.20 19.82 -7.50
CA PHE D 331 -24.02 20.65 -6.61
C PHE D 331 -25.27 21.20 -7.30
N GLY D 332 -26.07 20.32 -7.90
CA GLY D 332 -27.28 20.75 -8.58
C GLY D 332 -28.56 20.46 -7.80
N LEU D 333 -29.63 21.13 -8.23
CA LEU D 333 -30.96 20.91 -7.71
C LEU D 333 -31.91 20.67 -8.87
N CYS D 334 -33.07 20.09 -8.57
CA CYS D 334 -34.02 19.68 -9.58
C CYS D 334 -35.44 19.99 -9.12
N LYS D 335 -36.23 20.63 -9.99
CA LYS D 335 -37.63 20.83 -9.70
C LYS D 335 -38.36 19.50 -9.71
N GLN D 336 -39.26 19.33 -8.73
CA GLN D 336 -39.89 18.04 -8.48
C GLN D 336 -41.36 18.24 -8.13
N GLY D 337 -42.09 18.87 -9.04
CA GLY D 337 -43.52 19.04 -8.88
C GLY D 337 -43.84 20.14 -7.90
N ASP D 338 -43.71 19.85 -6.61
CA ASP D 338 -43.91 20.84 -5.56
C ASP D 338 -42.61 21.30 -4.93
N SER D 339 -41.64 20.42 -4.76
CA SER D 339 -40.44 20.74 -3.99
C SER D 339 -39.23 20.86 -4.90
N ILE D 340 -38.13 21.26 -4.28
CA ILE D 340 -36.80 21.22 -4.88
C ILE D 340 -35.98 20.22 -4.09
N LYS D 341 -35.24 19.36 -4.81
CA LYS D 341 -34.45 18.34 -4.15
C LYS D 341 -33.04 18.30 -4.74
N ALA D 342 -32.14 17.72 -3.96
CA ALA D 342 -30.71 17.76 -4.26
C ALA D 342 -30.28 16.53 -5.06
N TYR D 343 -29.62 16.76 -6.19
CA TYR D 343 -28.96 15.70 -6.92
C TYR D 343 -27.44 15.89 -6.98
N GLY D 344 -26.91 16.94 -6.37
CA GLY D 344 -25.47 17.12 -6.32
C GLY D 344 -24.76 15.96 -5.63
N ALA D 345 -23.60 15.58 -6.19
CA ALA D 345 -22.79 14.52 -5.61
C ALA D 345 -22.01 15.01 -4.39
N GLY D 346 -21.71 16.31 -4.33
CA GLY D 346 -21.09 16.86 -3.13
C GLY D 346 -22.10 17.18 -2.05
N LEU D 347 -23.33 17.51 -2.44
CA LEU D 347 -24.39 17.71 -1.46
C LEU D 347 -24.66 16.41 -0.71
N LEU D 348 -24.87 15.32 -1.44
CA LEU D 348 -25.23 14.04 -0.85
C LEU D 348 -24.05 13.31 -0.24
N SER D 349 -22.85 13.88 -0.28
CA SER D 349 -21.68 13.27 0.32
C SER D 349 -21.15 14.06 1.51
N SER D 350 -21.55 15.32 1.65
CA SER D 350 -21.20 16.14 2.81
C SER D 350 -22.52 16.45 3.52
N PHE D 351 -22.68 15.87 4.71
CA PHE D 351 -23.95 15.89 5.43
C PHE D 351 -24.45 17.30 5.70
N GLY D 352 -23.57 18.18 6.17
CA GLY D 352 -23.98 19.52 6.52
C GLY D 352 -24.58 20.24 5.34
N GLU D 353 -23.92 20.16 4.19
CA GLU D 353 -24.45 20.85 3.03
C GLU D 353 -25.67 20.14 2.42
N LEU D 354 -25.81 18.84 2.62
CA LEU D 354 -27.05 18.19 2.17
C LEU D 354 -28.24 18.71 2.94
N GLN D 355 -28.00 19.18 4.17
CA GLN D 355 -29.09 19.83 4.89
C GLN D 355 -29.22 21.31 4.53
N TYR D 356 -28.10 22.04 4.57
CA TYR D 356 -28.07 23.45 4.19
C TYR D 356 -28.78 23.69 2.86
N CYS D 357 -28.60 22.79 1.89
CA CYS D 357 -29.14 23.01 0.55
C CYS D 357 -30.67 23.11 0.57
N LEU D 358 -31.33 22.27 1.39
CA LEU D 358 -32.79 22.37 1.52
C LEU D 358 -33.21 23.27 2.67
N SER D 359 -32.42 24.28 3.01
CA SER D 359 -32.81 25.30 3.97
C SER D 359 -33.15 26.59 3.24
N GLU D 360 -33.67 27.56 4.00
CA GLU D 360 -33.95 28.87 3.41
C GLU D 360 -32.70 29.73 3.32
N LYS D 361 -31.61 29.30 3.96
CA LYS D 361 -30.35 30.05 3.91
C LYS D 361 -29.85 30.29 2.50
N PRO D 362 -29.67 29.29 1.63
CA PRO D 362 -28.93 29.52 0.39
C PRO D 362 -29.79 30.22 -0.65
N LYS D 363 -29.11 30.72 -1.67
CA LYS D 363 -29.77 31.42 -2.76
C LYS D 363 -30.10 30.42 -3.86
N LEU D 364 -31.22 30.64 -4.54
CA LEU D 364 -31.74 29.68 -5.49
C LEU D 364 -31.99 30.36 -6.82
N LEU D 365 -31.43 29.81 -7.88
CA LEU D 365 -31.62 30.39 -9.20
C LEU D 365 -31.97 29.31 -10.21
N PRO D 366 -32.90 29.61 -11.13
CA PRO D 366 -33.23 28.65 -12.18
C PRO D 366 -32.04 28.44 -13.09
N LEU D 367 -31.64 27.18 -13.24
CA LEU D 367 -30.43 26.86 -14.00
C LEU D 367 -30.57 27.33 -15.44
N GLU D 368 -29.61 28.16 -15.86
CA GLU D 368 -29.46 28.55 -17.26
C GLU D 368 -27.97 28.77 -17.45
N LEU D 369 -27.39 28.02 -18.38
CA LEU D 369 -25.94 27.86 -18.42
C LEU D 369 -25.23 29.13 -18.85
N GLU D 370 -25.94 30.04 -19.52
CA GLU D 370 -25.38 31.33 -19.92
C GLU D 370 -24.77 32.07 -18.72
N LYS D 371 -25.41 32.00 -17.57
CA LYS D 371 -24.89 32.60 -16.34
C LYS D 371 -24.12 31.61 -15.49
N THR D 372 -24.57 30.35 -15.47
CA THR D 372 -23.99 29.33 -14.59
C THR D 372 -22.51 29.11 -14.88
N ALA D 373 -22.07 29.30 -16.12
CA ALA D 373 -20.67 29.10 -16.46
C ALA D 373 -19.79 30.18 -15.86
N ILE D 374 -20.22 31.44 -15.94
CA ILE D 374 -19.40 32.53 -15.44
C ILE D 374 -19.46 32.63 -13.93
N GLN D 375 -20.51 32.07 -13.30
CA GLN D 375 -20.69 32.19 -11.87
C GLN D 375 -19.45 31.72 -11.12
N ASN D 376 -18.77 32.66 -10.46
CA ASN D 376 -17.56 32.33 -9.73
C ASN D 376 -17.92 31.79 -8.36
N TYR D 377 -17.01 31.00 -7.78
CA TYR D 377 -17.33 30.36 -6.52
C TYR D 377 -16.05 30.04 -5.78
N THR D 378 -16.21 29.50 -4.57
CA THR D 378 -15.11 29.03 -3.76
C THR D 378 -15.36 27.55 -3.46
N VAL D 379 -14.26 26.85 -3.18
CA VAL D 379 -14.30 25.40 -3.00
C VAL D 379 -14.62 25.02 -1.57
N THR D 380 -14.03 25.70 -0.60
CA THR D 380 -14.08 25.25 0.79
C THR D 380 -15.32 25.67 1.55
N GLU D 381 -16.16 26.54 0.98
CA GLU D 381 -17.33 27.05 1.66
C GLU D 381 -18.60 26.43 1.09
N PHE D 382 -19.58 26.21 1.96
CA PHE D 382 -20.91 25.82 1.52
C PHE D 382 -21.40 26.79 0.46
N GLN D 383 -21.68 26.27 -0.73
CA GLN D 383 -21.99 27.13 -1.86
C GLN D 383 -23.22 27.97 -1.55
N PRO D 384 -23.10 29.30 -1.56
CA PRO D 384 -24.26 30.14 -1.22
C PRO D 384 -25.47 29.86 -2.10
N LEU D 385 -25.27 29.76 -3.41
CA LEU D 385 -26.40 29.55 -4.31
C LEU D 385 -26.27 28.22 -5.03
N TYR D 386 -27.43 27.71 -5.45
CA TYR D 386 -27.56 26.45 -6.16
C TYR D 386 -28.34 26.72 -7.45
N TYR D 387 -28.30 25.74 -8.35
CA TYR D 387 -28.97 25.86 -9.63
C TYR D 387 -29.99 24.74 -9.77
N VAL D 388 -31.17 25.11 -10.26
CA VAL D 388 -32.31 24.20 -10.32
C VAL D 388 -32.61 23.90 -11.78
N ALA D 389 -32.66 22.62 -12.11
CA ALA D 389 -33.08 22.15 -13.42
C ALA D 389 -34.56 21.77 -13.35
N GLU D 390 -35.15 21.57 -14.52
CA GLU D 390 -36.55 21.13 -14.59
C GLU D 390 -36.59 19.60 -14.58
N SER D 391 -36.03 18.99 -15.63
CA SER D 391 -35.76 17.56 -15.66
C SER D 391 -34.41 17.32 -16.31
N PHE D 392 -33.85 16.13 -16.04
CA PHE D 392 -32.54 15.79 -16.57
C PHE D 392 -32.48 15.97 -18.09
N ASN D 393 -33.58 15.67 -18.79
CA ASN D 393 -33.61 15.87 -20.23
C ASN D 393 -33.36 17.33 -20.58
N ASP D 394 -33.94 18.25 -19.80
CA ASP D 394 -33.66 19.67 -19.99
C ASP D 394 -32.18 19.96 -19.83
N ALA D 395 -31.53 19.36 -18.82
CA ALA D 395 -30.10 19.55 -18.65
C ALA D 395 -29.31 19.00 -19.84
N LYS D 396 -29.69 17.82 -20.33
CA LYS D 396 -29.07 17.23 -21.51
C LYS D 396 -29.13 18.18 -22.70
N GLU D 397 -30.35 18.60 -23.07
CA GLU D 397 -30.54 19.54 -24.17
C GLU D 397 -29.75 20.81 -23.98
N LYS D 398 -29.78 21.39 -22.77
CA LYS D 398 -29.06 22.64 -22.52
C LYS D 398 -27.57 22.46 -22.76
N VAL D 399 -27.01 21.36 -22.25
CA VAL D 399 -25.60 21.04 -22.50
C VAL D 399 -25.33 20.95 -24.00
N ARG D 400 -26.16 20.18 -24.71
CA ARG D 400 -25.99 20.02 -26.16
C ARG D 400 -25.99 21.38 -26.86
N ASN D 401 -26.84 22.30 -26.40
CA ASN D 401 -26.80 23.68 -26.88
C ASN D 401 -25.43 24.30 -26.61
N PHE D 402 -24.95 24.20 -25.38
CA PHE D 402 -23.63 24.72 -25.05
C PHE D 402 -22.58 24.15 -25.99
N ALA D 403 -22.74 22.90 -26.41
CA ALA D 403 -21.87 22.33 -27.42
C ALA D 403 -22.03 23.08 -28.73
N ALA D 404 -23.27 23.40 -29.09
CA ALA D 404 -23.53 24.26 -30.24
C ALA D 404 -22.90 25.65 -30.08
N THR D 405 -22.34 25.96 -28.91
CA THR D 405 -21.70 27.26 -28.71
C THR D 405 -20.18 27.22 -28.81
N ILE D 406 -19.54 26.10 -28.50
CA ILE D 406 -18.08 25.99 -28.52
C ILE D 406 -17.57 25.99 -29.97
N PRO D 407 -16.54 26.79 -30.29
CA PRO D 407 -15.96 26.75 -31.64
C PRO D 407 -14.89 25.67 -31.79
N ARG D 408 -15.27 24.48 -32.24
CA ARG D 408 -14.31 23.42 -32.50
C ARG D 408 -14.56 22.84 -33.89
N PRO D 409 -13.51 22.48 -34.63
CA PRO D 409 -13.70 22.10 -36.03
C PRO D 409 -14.22 20.69 -36.24
N PHE D 410 -15.13 20.21 -35.39
CA PHE D 410 -15.78 18.92 -35.60
C PHE D 410 -16.80 18.67 -34.50
N SER D 411 -17.71 17.75 -34.78
CA SER D 411 -18.70 17.29 -33.81
C SER D 411 -18.28 15.94 -33.25
N VAL D 412 -19.04 15.46 -32.27
CA VAL D 412 -18.77 14.18 -31.64
C VAL D 412 -20.08 13.48 -31.33
N ARG D 413 -20.03 12.15 -31.28
CA ARG D 413 -21.14 11.34 -30.82
C ARG D 413 -20.60 9.93 -30.59
N TYR D 414 -21.00 9.31 -29.48
CA TYR D 414 -20.34 8.09 -29.04
C TYR D 414 -21.01 6.86 -29.66
N ASP D 415 -20.17 5.95 -30.15
CA ASP D 415 -20.64 4.69 -30.72
C ASP D 415 -20.60 3.64 -29.62
N PRO D 416 -21.74 3.16 -29.14
CA PRO D 416 -21.72 2.16 -28.07
C PRO D 416 -20.99 0.90 -28.46
N TYR D 417 -21.07 0.49 -29.74
CA TYR D 417 -20.43 -0.73 -30.18
C TYR D 417 -18.92 -0.58 -30.30
N THR D 418 -18.46 0.32 -31.18
CA THR D 418 -17.03 0.47 -31.41
C THR D 418 -16.30 1.02 -30.19
N GLN D 419 -17.03 1.59 -29.24
CA GLN D 419 -16.43 2.24 -28.08
C GLN D 419 -15.40 3.27 -28.53
N ARG D 420 -15.71 3.93 -29.64
CA ARG D 420 -14.96 5.08 -30.12
C ARG D 420 -15.96 6.16 -30.47
N ILE D 421 -15.58 7.41 -30.23
CA ILE D 421 -16.46 8.54 -30.46
C ILE D 421 -16.33 8.96 -31.92
N GLU D 422 -17.46 8.94 -32.63
CA GLU D 422 -17.51 9.44 -34.00
C GLU D 422 -17.15 10.91 -34.05
N VAL D 423 -16.01 11.23 -34.64
CA VAL D 423 -15.62 12.62 -34.90
C VAL D 423 -16.24 12.98 -36.25
N LEU D 424 -17.17 13.92 -36.24
CA LEU D 424 -17.99 14.19 -37.41
C LEU D 424 -17.65 15.54 -38.02
N ASP D 425 -17.57 15.57 -39.33
CA ASP D 425 -17.45 16.79 -40.12
C ASP D 425 -18.81 17.11 -40.75
N ASN D 426 -18.79 18.05 -41.71
CA ASN D 426 -19.98 18.46 -42.43
C ASN D 426 -20.77 17.28 -43.00
N THR D 427 -20.16 16.52 -43.91
CA THR D 427 -20.91 15.62 -44.80
C THR D 427 -21.44 14.38 -44.08
N GLN D 428 -20.78 13.92 -43.02
CA GLN D 428 -21.15 12.65 -42.40
C GLN D 428 -22.41 12.77 -41.55
N GLN D 429 -22.58 13.93 -40.91
CA GLN D 429 -23.71 14.17 -40.01
C GLN D 429 -25.04 13.90 -40.70
N LEU D 430 -25.13 14.27 -41.97
CA LEU D 430 -26.40 14.13 -42.75
C LEU D 430 -26.80 12.66 -42.90
N LYS D 431 -25.87 11.83 -43.41
CA LYS D 431 -26.15 10.42 -43.66
C LYS D 431 -26.36 9.68 -42.36
N ILE D 432 -25.73 10.13 -41.27
CA ILE D 432 -25.90 9.40 -40.02
C ILE D 432 -27.23 9.73 -39.38
N LEU D 433 -27.59 11.02 -39.31
CA LEU D 433 -28.81 11.38 -38.59
C LEU D 433 -30.03 10.97 -39.38
N ALA D 434 -30.04 11.26 -40.68
CA ALA D 434 -31.18 10.90 -41.51
C ALA D 434 -31.51 9.42 -41.39
N ASP D 435 -30.52 8.55 -41.64
CA ASP D 435 -30.81 7.12 -41.69
C ASP D 435 -31.08 6.53 -40.31
N SER D 436 -30.30 6.89 -39.29
CA SER D 436 -30.60 6.40 -37.94
C SER D 436 -32.03 6.74 -37.53
N ILE D 437 -32.42 8.00 -37.76
CA ILE D 437 -33.76 8.37 -37.39
C ILE D 437 -34.78 7.70 -38.31
N ASN D 438 -34.41 7.41 -39.57
CA ASN D 438 -35.30 6.66 -40.44
C ASN D 438 -35.64 5.32 -39.82
N SER D 439 -34.65 4.65 -39.27
CA SER D 439 -34.87 3.37 -38.60
C SER D 439 -35.80 3.54 -37.42
N GLU D 440 -35.53 4.54 -36.58
CA GLU D 440 -36.41 4.78 -35.44
C GLU D 440 -37.84 5.05 -35.87
N ILE D 441 -38.02 5.84 -36.92
CA ILE D 441 -39.35 6.21 -37.35
C ILE D 441 -40.05 5.01 -37.96
N GLY D 442 -39.29 4.16 -38.65
CA GLY D 442 -39.87 2.93 -39.18
C GLY D 442 -40.41 2.03 -38.08
N ILE D 443 -39.59 1.74 -37.07
CA ILE D 443 -40.04 0.87 -35.99
C ILE D 443 -41.23 1.49 -35.27
N LEU D 444 -41.26 2.82 -35.13
CA LEU D 444 -42.40 3.43 -34.44
C LEU D 444 -43.66 3.37 -35.30
N CYS D 445 -43.54 3.70 -36.58
CA CYS D 445 -44.66 3.67 -37.51
C CYS D 445 -45.24 2.27 -37.61
N SER D 446 -44.40 1.26 -37.41
CA SER D 446 -44.89 -0.10 -37.29
C SER D 446 -45.52 -0.36 -35.93
N ALA D 447 -45.02 0.32 -34.88
CA ALA D 447 -45.62 0.22 -33.56
C ALA D 447 -47.05 0.77 -33.53
N LEU D 448 -47.39 1.59 -34.52
CA LEU D 448 -48.76 2.19 -34.61
C LEU D 448 -49.79 1.08 -34.79
N GLN D 449 -49.48 0.09 -35.65
CA GLN D 449 -50.38 -1.02 -35.92
C GLN D 449 -50.25 -2.11 -34.85
N LYS D 450 -49.72 -1.74 -33.69
CA LYS D 450 -49.55 -2.61 -32.54
C LYS D 450 -48.53 -3.71 -32.81
#